data_3QD7
# 
_entry.id   3QD7 
# 
_audit_conform.dict_name       mmcif_pdbx.dic 
_audit_conform.dict_version    5.388 
_audit_conform.dict_location   http://mmcif.pdb.org/dictionaries/ascii/mmcif_pdbx.dic 
# 
loop_
_database_2.database_id 
_database_2.database_code 
_database_2.pdbx_database_accession 
_database_2.pdbx_DOI 
PDB   3QD7         pdb_00003qd7 10.2210/pdb3qd7/pdb 
RCSB  RCSB063496   ?            ?                   
WWPDB D_1000063496 ?            ?                   
# 
loop_
_pdbx_audit_revision_history.ordinal 
_pdbx_audit_revision_history.data_content_type 
_pdbx_audit_revision_history.major_revision 
_pdbx_audit_revision_history.minor_revision 
_pdbx_audit_revision_history.revision_date 
1 'Structure model' 1 0 2011-06-22 
2 'Structure model' 1 1 2011-07-13 
3 'Structure model' 1 2 2024-03-20 
# 
_pdbx_audit_revision_details.ordinal             1 
_pdbx_audit_revision_details.revision_ordinal    1 
_pdbx_audit_revision_details.data_content_type   'Structure model' 
_pdbx_audit_revision_details.provider            repository 
_pdbx_audit_revision_details.type                'Initial release' 
_pdbx_audit_revision_details.description         ? 
_pdbx_audit_revision_details.details             ? 
# 
loop_
_pdbx_audit_revision_group.ordinal 
_pdbx_audit_revision_group.revision_ordinal 
_pdbx_audit_revision_group.data_content_type 
_pdbx_audit_revision_group.group 
1 2 'Structure model' 'Version format compliance' 
2 3 'Structure model' 'Data collection'           
3 3 'Structure model' 'Database references'       
# 
loop_
_pdbx_audit_revision_category.ordinal 
_pdbx_audit_revision_category.revision_ordinal 
_pdbx_audit_revision_category.data_content_type 
_pdbx_audit_revision_category.category 
1 3 'Structure model' chem_comp_atom 
2 3 'Structure model' chem_comp_bond 
3 3 'Structure model' database_2     
# 
loop_
_pdbx_audit_revision_item.ordinal 
_pdbx_audit_revision_item.revision_ordinal 
_pdbx_audit_revision_item.data_content_type 
_pdbx_audit_revision_item.item 
1 3 'Structure model' '_database_2.pdbx_DOI'                
2 3 'Structure model' '_database_2.pdbx_database_accession' 
# 
_pdbx_database_status.status_code                     REL 
_pdbx_database_status.entry_id                        3QD7 
_pdbx_database_status.recvd_initial_deposition_date   2011-01-18 
_pdbx_database_status.deposit_site                    RCSB 
_pdbx_database_status.process_site                    PDBJ 
_pdbx_database_status.status_code_sf                  REL 
_pdbx_database_status.status_code_mr                  ? 
_pdbx_database_status.SG_entry                        ? 
_pdbx_database_status.status_code_cs                  ? 
_pdbx_database_status.pdb_format_compatible           Y 
_pdbx_database_status.status_code_nmr_data            ? 
_pdbx_database_status.methods_development_category    ? 
# 
loop_
_audit_author.name 
_audit_author.pdbx_ordinal 
'Gui, W.J.'   1 
'Qu, Q.H.'    2 
'Chen, Y.Y.'  3 
'Wang, M.'    4 
'Zhang, X.E.' 5 
'Bi, L.J.'    6 
'Jiang, T.'   7 
# 
_citation.id                        primary 
_citation.title                     'Crystal structure of YdaL, a stand-alone small MutS-related protein from Escherichia coli.' 
_citation.journal_abbrev            J.Struct.Biol. 
_citation.journal_volume            174 
_citation.page_first                282 
_citation.page_last                 289 
_citation.year                      2011 
_citation.journal_id_ASTM           JSBIEM 
_citation.country                   US 
_citation.journal_id_ISSN           1047-8477 
_citation.journal_id_CSD            0803 
_citation.book_publisher            ? 
_citation.pdbx_database_id_PubMed   21276852 
_citation.pdbx_database_id_DOI      10.1016/j.jsb.2011.01.008 
# 
loop_
_citation_author.citation_id 
_citation_author.name 
_citation_author.ordinal 
_citation_author.identifier_ORCID 
primary 'Gui, W.J.'   1 ? 
primary 'Qu, Q.H.'    2 ? 
primary 'Chen, Y.Y.'  3 ? 
primary 'Wang, M.'    4 ? 
primary 'Zhang, X.E.' 5 ? 
primary 'Bi, L.J.'    6 ? 
primary 'Jiang, T.'   7 ? 
# 
loop_
_entity.id 
_entity.type 
_entity.src_method 
_entity.pdbx_description 
_entity.formula_weight 
_entity.pdbx_number_of_molecules 
_entity.pdbx_ec 
_entity.pdbx_mutation 
_entity.pdbx_fragment 
_entity.details 
1 polymer man 'Uncharacterized protein ydaL' 15442.687 1  ? ? 'UNP RESIDUES 39-175' ? 
2 water   nat water                          18.015    21 ? ? ?                     ? 
# 
_entity_poly.entity_id                      1 
_entity_poly.type                           'polypeptide(L)' 
_entity_poly.nstd_linkage                   no 
_entity_poly.nstd_monomer                   no 
_entity_poly.pdbx_seq_one_letter_code       
;IDTLQLDNFLTTGFLDIIPLSQPLEFRREGLQHGVLDKLRSGKYPQQASLNLLRQPVEECRKMVFSFIQQALADGLRNVL
IIHGKGRDDKSHANIVRSYVARWLTEFDDVQAYCTALPHHGGSGACYVALRKTAQAK
;
_entity_poly.pdbx_seq_one_letter_code_can   
;IDTLQLDNFLTTGFLDIIPLSQPLEFRREGLQHGVLDKLRSGKYPQQASLNLLRQPVEECRKMVFSFIQQALADGLRNVL
IIHGKGRDDKSHANIVRSYVARWLTEFDDVQAYCTALPHHGGSGACYVALRKTAQAK
;
_entity_poly.pdbx_strand_id                 X 
_entity_poly.pdbx_target_identifier         ? 
# 
_pdbx_entity_nonpoly.entity_id   2 
_pdbx_entity_nonpoly.name        water 
_pdbx_entity_nonpoly.comp_id     HOH 
# 
loop_
_entity_poly_seq.entity_id 
_entity_poly_seq.num 
_entity_poly_seq.mon_id 
_entity_poly_seq.hetero 
1 1   ILE n 
1 2   ASP n 
1 3   THR n 
1 4   LEU n 
1 5   GLN n 
1 6   LEU n 
1 7   ASP n 
1 8   ASN n 
1 9   PHE n 
1 10  LEU n 
1 11  THR n 
1 12  THR n 
1 13  GLY n 
1 14  PHE n 
1 15  LEU n 
1 16  ASP n 
1 17  ILE n 
1 18  ILE n 
1 19  PRO n 
1 20  LEU n 
1 21  SER n 
1 22  GLN n 
1 23  PRO n 
1 24  LEU n 
1 25  GLU n 
1 26  PHE n 
1 27  ARG n 
1 28  ARG n 
1 29  GLU n 
1 30  GLY n 
1 31  LEU n 
1 32  GLN n 
1 33  HIS n 
1 34  GLY n 
1 35  VAL n 
1 36  LEU n 
1 37  ASP n 
1 38  LYS n 
1 39  LEU n 
1 40  ARG n 
1 41  SER n 
1 42  GLY n 
1 43  LYS n 
1 44  TYR n 
1 45  PRO n 
1 46  GLN n 
1 47  GLN n 
1 48  ALA n 
1 49  SER n 
1 50  LEU n 
1 51  ASN n 
1 52  LEU n 
1 53  LEU n 
1 54  ARG n 
1 55  GLN n 
1 56  PRO n 
1 57  VAL n 
1 58  GLU n 
1 59  GLU n 
1 60  CYS n 
1 61  ARG n 
1 62  LYS n 
1 63  MET n 
1 64  VAL n 
1 65  PHE n 
1 66  SER n 
1 67  PHE n 
1 68  ILE n 
1 69  GLN n 
1 70  GLN n 
1 71  ALA n 
1 72  LEU n 
1 73  ALA n 
1 74  ASP n 
1 75  GLY n 
1 76  LEU n 
1 77  ARG n 
1 78  ASN n 
1 79  VAL n 
1 80  LEU n 
1 81  ILE n 
1 82  ILE n 
1 83  HIS n 
1 84  GLY n 
1 85  LYS n 
1 86  GLY n 
1 87  ARG n 
1 88  ASP n 
1 89  ASP n 
1 90  LYS n 
1 91  SER n 
1 92  HIS n 
1 93  ALA n 
1 94  ASN n 
1 95  ILE n 
1 96  VAL n 
1 97  ARG n 
1 98  SER n 
1 99  TYR n 
1 100 VAL n 
1 101 ALA n 
1 102 ARG n 
1 103 TRP n 
1 104 LEU n 
1 105 THR n 
1 106 GLU n 
1 107 PHE n 
1 108 ASP n 
1 109 ASP n 
1 110 VAL n 
1 111 GLN n 
1 112 ALA n 
1 113 TYR n 
1 114 CYS n 
1 115 THR n 
1 116 ALA n 
1 117 LEU n 
1 118 PRO n 
1 119 HIS n 
1 120 HIS n 
1 121 GLY n 
1 122 GLY n 
1 123 SER n 
1 124 GLY n 
1 125 ALA n 
1 126 CYS n 
1 127 TYR n 
1 128 VAL n 
1 129 ALA n 
1 130 LEU n 
1 131 ARG n 
1 132 LYS n 
1 133 THR n 
1 134 ALA n 
1 135 GLN n 
1 136 ALA n 
1 137 LYS n 
# 
_entity_src_gen.entity_id                          1 
_entity_src_gen.pdbx_src_id                        1 
_entity_src_gen.pdbx_alt_source_flag               sample 
_entity_src_gen.pdbx_seq_type                      ? 
_entity_src_gen.pdbx_beg_seq_num                   ? 
_entity_src_gen.pdbx_end_seq_num                   ? 
_entity_src_gen.gene_src_common_name               ? 
_entity_src_gen.gene_src_genus                     ? 
_entity_src_gen.pdbx_gene_src_gene                 'ydaL, b1340, JW1334' 
_entity_src_gen.gene_src_species                   ? 
_entity_src_gen.gene_src_strain                    K12 
_entity_src_gen.gene_src_tissue                    ? 
_entity_src_gen.gene_src_tissue_fraction           ? 
_entity_src_gen.gene_src_details                   ? 
_entity_src_gen.pdbx_gene_src_fragment             ? 
_entity_src_gen.pdbx_gene_src_scientific_name      'Escherichia coli' 
_entity_src_gen.pdbx_gene_src_ncbi_taxonomy_id     83333 
_entity_src_gen.pdbx_gene_src_variant              ? 
_entity_src_gen.pdbx_gene_src_cell_line            ? 
_entity_src_gen.pdbx_gene_src_atcc                 ? 
_entity_src_gen.pdbx_gene_src_organ                ? 
_entity_src_gen.pdbx_gene_src_organelle            ? 
_entity_src_gen.pdbx_gene_src_cell                 ? 
_entity_src_gen.pdbx_gene_src_cellular_location    ? 
_entity_src_gen.host_org_common_name               ? 
_entity_src_gen.pdbx_host_org_scientific_name      'Escherichia coli' 
_entity_src_gen.pdbx_host_org_ncbi_taxonomy_id     562 
_entity_src_gen.host_org_genus                     ? 
_entity_src_gen.pdbx_host_org_gene                 ? 
_entity_src_gen.pdbx_host_org_organ                ? 
_entity_src_gen.host_org_species                   ? 
_entity_src_gen.pdbx_host_org_tissue               ? 
_entity_src_gen.pdbx_host_org_tissue_fraction      ? 
_entity_src_gen.pdbx_host_org_strain               'BL21(DE3)' 
_entity_src_gen.pdbx_host_org_variant              ? 
_entity_src_gen.pdbx_host_org_cell_line            ? 
_entity_src_gen.pdbx_host_org_atcc                 ? 
_entity_src_gen.pdbx_host_org_culture_collection   ? 
_entity_src_gen.pdbx_host_org_cell                 ? 
_entity_src_gen.pdbx_host_org_organelle            ? 
_entity_src_gen.pdbx_host_org_cellular_location    ? 
_entity_src_gen.pdbx_host_org_vector_type          plasmid 
_entity_src_gen.pdbx_host_org_vector               ? 
_entity_src_gen.host_org_details                   ? 
_entity_src_gen.expression_system_id               ? 
_entity_src_gen.plasmid_name                       pET20b 
_entity_src_gen.plasmid_details                    ? 
_entity_src_gen.pdbx_description                   ? 
# 
loop_
_chem_comp.id 
_chem_comp.type 
_chem_comp.mon_nstd_flag 
_chem_comp.name 
_chem_comp.pdbx_synonyms 
_chem_comp.formula 
_chem_comp.formula_weight 
ALA 'L-peptide linking' y ALANINE         ? 'C3 H7 N O2'     89.093  
ARG 'L-peptide linking' y ARGININE        ? 'C6 H15 N4 O2 1' 175.209 
ASN 'L-peptide linking' y ASPARAGINE      ? 'C4 H8 N2 O3'    132.118 
ASP 'L-peptide linking' y 'ASPARTIC ACID' ? 'C4 H7 N O4'     133.103 
CYS 'L-peptide linking' y CYSTEINE        ? 'C3 H7 N O2 S'   121.158 
GLN 'L-peptide linking' y GLUTAMINE       ? 'C5 H10 N2 O3'   146.144 
GLU 'L-peptide linking' y 'GLUTAMIC ACID' ? 'C5 H9 N O4'     147.129 
GLY 'peptide linking'   y GLYCINE         ? 'C2 H5 N O2'     75.067  
HIS 'L-peptide linking' y HISTIDINE       ? 'C6 H10 N3 O2 1' 156.162 
HOH non-polymer         . WATER           ? 'H2 O'           18.015  
ILE 'L-peptide linking' y ISOLEUCINE      ? 'C6 H13 N O2'    131.173 
LEU 'L-peptide linking' y LEUCINE         ? 'C6 H13 N O2'    131.173 
LYS 'L-peptide linking' y LYSINE          ? 'C6 H15 N2 O2 1' 147.195 
MET 'L-peptide linking' y METHIONINE      ? 'C5 H11 N O2 S'  149.211 
PHE 'L-peptide linking' y PHENYLALANINE   ? 'C9 H11 N O2'    165.189 
PRO 'L-peptide linking' y PROLINE         ? 'C5 H9 N O2'     115.130 
SER 'L-peptide linking' y SERINE          ? 'C3 H7 N O3'     105.093 
THR 'L-peptide linking' y THREONINE       ? 'C4 H9 N O3'     119.119 
TRP 'L-peptide linking' y TRYPTOPHAN      ? 'C11 H12 N2 O2'  204.225 
TYR 'L-peptide linking' y TYROSINE        ? 'C9 H11 N O3'    181.189 
VAL 'L-peptide linking' y VALINE          ? 'C5 H11 N O2'    117.146 
# 
loop_
_pdbx_poly_seq_scheme.asym_id 
_pdbx_poly_seq_scheme.entity_id 
_pdbx_poly_seq_scheme.seq_id 
_pdbx_poly_seq_scheme.mon_id 
_pdbx_poly_seq_scheme.ndb_seq_num 
_pdbx_poly_seq_scheme.pdb_seq_num 
_pdbx_poly_seq_scheme.auth_seq_num 
_pdbx_poly_seq_scheme.pdb_mon_id 
_pdbx_poly_seq_scheme.auth_mon_id 
_pdbx_poly_seq_scheme.pdb_strand_id 
_pdbx_poly_seq_scheme.pdb_ins_code 
_pdbx_poly_seq_scheme.hetero 
A 1 1   ILE 1   39  ?   ?   ?   X . n 
A 1 2   ASP 2   40  40  ASP ASP X . n 
A 1 3   THR 3   41  41  THR THR X . n 
A 1 4   LEU 4   42  42  LEU LEU X . n 
A 1 5   GLN 5   43  43  GLN GLN X . n 
A 1 6   LEU 6   44  44  LEU LEU X . n 
A 1 7   ASP 7   45  45  ASP ASP X . n 
A 1 8   ASN 8   46  46  ASN ASN X . n 
A 1 9   PHE 9   47  47  PHE PHE X . n 
A 1 10  LEU 10  48  48  LEU LEU X . n 
A 1 11  THR 11  49  49  THR THR X . n 
A 1 12  THR 12  50  50  THR THR X . n 
A 1 13  GLY 13  51  51  GLY GLY X . n 
A 1 14  PHE 14  52  52  PHE PHE X . n 
A 1 15  LEU 15  53  53  LEU LEU X . n 
A 1 16  ASP 16  54  54  ASP ASP X . n 
A 1 17  ILE 17  55  55  ILE ILE X . n 
A 1 18  ILE 18  56  56  ILE ILE X . n 
A 1 19  PRO 19  57  57  PRO PRO X . n 
A 1 20  LEU 20  58  58  LEU LEU X . n 
A 1 21  SER 21  59  59  SER SER X . n 
A 1 22  GLN 22  60  60  GLN GLN X . n 
A 1 23  PRO 23  61  61  PRO PRO X . n 
A 1 24  LEU 24  62  62  LEU LEU X . n 
A 1 25  GLU 25  63  63  GLU GLU X . n 
A 1 26  PHE 26  64  64  PHE PHE X . n 
A 1 27  ARG 27  65  65  ARG ARG X . n 
A 1 28  ARG 28  66  66  ARG ARG X . n 
A 1 29  GLU 29  67  67  GLU GLU X . n 
A 1 30  GLY 30  68  68  GLY GLY X . n 
A 1 31  LEU 31  69  69  LEU LEU X . n 
A 1 32  GLN 32  70  70  GLN GLN X . n 
A 1 33  HIS 33  71  71  HIS HIS X . n 
A 1 34  GLY 34  72  72  GLY GLY X . n 
A 1 35  VAL 35  73  73  VAL VAL X . n 
A 1 36  LEU 36  74  74  LEU LEU X . n 
A 1 37  ASP 37  75  75  ASP ASP X . n 
A 1 38  LYS 38  76  76  LYS LYS X . n 
A 1 39  LEU 39  77  77  LEU LEU X . n 
A 1 40  ARG 40  78  78  ARG ARG X . n 
A 1 41  SER 41  79  79  SER SER X . n 
A 1 42  GLY 42  80  80  GLY GLY X . n 
A 1 43  LYS 43  81  81  LYS LYS X . n 
A 1 44  TYR 44  82  82  TYR TYR X . n 
A 1 45  PRO 45  83  83  PRO PRO X . n 
A 1 46  GLN 46  84  84  GLN GLN X . n 
A 1 47  GLN 47  85  85  GLN GLN X . n 
A 1 48  ALA 48  86  86  ALA ALA X . n 
A 1 49  SER 49  87  87  SER SER X . n 
A 1 50  LEU 50  88  88  LEU LEU X . n 
A 1 51  ASN 51  89  89  ASN ASN X . n 
A 1 52  LEU 52  90  90  LEU LEU X . n 
A 1 53  LEU 53  91  91  LEU LEU X . n 
A 1 54  ARG 54  92  92  ARG ARG X . n 
A 1 55  GLN 55  93  93  GLN GLN X . n 
A 1 56  PRO 56  94  94  PRO PRO X . n 
A 1 57  VAL 57  95  95  VAL VAL X . n 
A 1 58  GLU 58  96  96  GLU GLU X . n 
A 1 59  GLU 59  97  97  GLU GLU X . n 
A 1 60  CYS 60  98  98  CYS CYS X . n 
A 1 61  ARG 61  99  99  ARG ARG X . n 
A 1 62  LYS 62  100 100 LYS LYS X . n 
A 1 63  MET 63  101 101 MET MET X . n 
A 1 64  VAL 64  102 102 VAL VAL X . n 
A 1 65  PHE 65  103 103 PHE PHE X . n 
A 1 66  SER 66  104 104 SER SER X . n 
A 1 67  PHE 67  105 105 PHE PHE X . n 
A 1 68  ILE 68  106 106 ILE ILE X . n 
A 1 69  GLN 69  107 107 GLN GLN X . n 
A 1 70  GLN 70  108 108 GLN GLN X . n 
A 1 71  ALA 71  109 109 ALA ALA X . n 
A 1 72  LEU 72  110 110 LEU LEU X . n 
A 1 73  ALA 73  111 111 ALA ALA X . n 
A 1 74  ASP 74  112 112 ASP ASP X . n 
A 1 75  GLY 75  113 113 GLY GLY X . n 
A 1 76  LEU 76  114 114 LEU LEU X . n 
A 1 77  ARG 77  115 115 ARG ARG X . n 
A 1 78  ASN 78  116 116 ASN ASN X . n 
A 1 79  VAL 79  117 117 VAL VAL X . n 
A 1 80  LEU 80  118 118 LEU LEU X . n 
A 1 81  ILE 81  119 119 ILE ILE X . n 
A 1 82  ILE 82  120 120 ILE ILE X . n 
A 1 83  HIS 83  121 121 HIS HIS X . n 
A 1 84  GLY 84  122 122 GLY GLY X . n 
A 1 85  LYS 85  123 123 LYS LYS X . n 
A 1 86  GLY 86  124 124 GLY GLY X . n 
A 1 87  ARG 87  125 125 ARG ARG X . n 
A 1 88  ASP 88  126 126 ASP ASP X . n 
A 1 89  ASP 89  127 127 ASP ASP X . n 
A 1 90  LYS 90  128 128 LYS LYS X . n 
A 1 91  SER 91  129 129 SER SER X . n 
A 1 92  HIS 92  130 130 HIS HIS X . n 
A 1 93  ALA 93  131 131 ALA ALA X . n 
A 1 94  ASN 94  132 132 ASN ASN X . n 
A 1 95  ILE 95  133 133 ILE ILE X . n 
A 1 96  VAL 96  134 134 VAL VAL X . n 
A 1 97  ARG 97  135 135 ARG ARG X . n 
A 1 98  SER 98  136 136 SER SER X . n 
A 1 99  TYR 99  137 137 TYR TYR X . n 
A 1 100 VAL 100 138 138 VAL VAL X . n 
A 1 101 ALA 101 139 139 ALA ALA X . n 
A 1 102 ARG 102 140 140 ARG ARG X . n 
A 1 103 TRP 103 141 141 TRP TRP X . n 
A 1 104 LEU 104 142 142 LEU LEU X . n 
A 1 105 THR 105 143 143 THR THR X . n 
A 1 106 GLU 106 144 144 GLU GLU X . n 
A 1 107 PHE 107 145 145 PHE PHE X . n 
A 1 108 ASP 108 146 146 ASP ASP X . n 
A 1 109 ASP 109 147 147 ASP ASP X . n 
A 1 110 VAL 110 148 148 VAL VAL X . n 
A 1 111 GLN 111 149 149 GLN GLN X . n 
A 1 112 ALA 112 150 150 ALA ALA X . n 
A 1 113 TYR 113 151 151 TYR TYR X . n 
A 1 114 CYS 114 152 152 CYS CYS X . n 
A 1 115 THR 115 153 153 THR THR X . n 
A 1 116 ALA 116 154 154 ALA ALA X . n 
A 1 117 LEU 117 155 155 LEU LEU X . n 
A 1 118 PRO 118 156 156 PRO PRO X . n 
A 1 119 HIS 119 157 157 HIS HIS X . n 
A 1 120 HIS 120 158 158 HIS HIS X . n 
A 1 121 GLY 121 159 159 GLY GLY X . n 
A 1 122 GLY 122 160 160 GLY GLY X . n 
A 1 123 SER 123 161 161 SER SER X . n 
A 1 124 GLY 124 162 162 GLY GLY X . n 
A 1 125 ALA 125 163 163 ALA ALA X . n 
A 1 126 CYS 126 164 164 CYS CYS X . n 
A 1 127 TYR 127 165 165 TYR TYR X . n 
A 1 128 VAL 128 166 166 VAL VAL X . n 
A 1 129 ALA 129 167 167 ALA ALA X . n 
A 1 130 LEU 130 168 168 LEU LEU X . n 
A 1 131 ARG 131 169 169 ARG ARG X . n 
A 1 132 LYS 132 170 170 LYS LYS X . n 
A 1 133 THR 133 171 ?   ?   ?   X . n 
A 1 134 ALA 134 172 ?   ?   ?   X . n 
A 1 135 GLN 135 173 ?   ?   ?   X . n 
A 1 136 ALA 136 174 ?   ?   ?   X . n 
A 1 137 LYS 137 175 ?   ?   ?   X . n 
# 
loop_
_pdbx_nonpoly_scheme.asym_id 
_pdbx_nonpoly_scheme.entity_id 
_pdbx_nonpoly_scheme.mon_id 
_pdbx_nonpoly_scheme.ndb_seq_num 
_pdbx_nonpoly_scheme.pdb_seq_num 
_pdbx_nonpoly_scheme.auth_seq_num 
_pdbx_nonpoly_scheme.pdb_mon_id 
_pdbx_nonpoly_scheme.auth_mon_id 
_pdbx_nonpoly_scheme.pdb_strand_id 
_pdbx_nonpoly_scheme.pdb_ins_code 
B 2 HOH 1  1   1  HOH HOH X . 
B 2 HOH 2  2   2  HOH HOH X . 
B 2 HOH 3  3   3  HOH HOH X . 
B 2 HOH 4  4   4  HOH HOH X . 
B 2 HOH 5  5   5  HOH HOH X . 
B 2 HOH 6  6   6  HOH HOH X . 
B 2 HOH 7  12  12 HOH HOH X . 
B 2 HOH 8  13  13 HOH HOH X . 
B 2 HOH 9  176 1  HOH HOH X . 
B 2 HOH 10 177 4  HOH HOH X . 
B 2 HOH 11 178 5  HOH HOH X . 
B 2 HOH 12 179 44 HOH HOH X . 
B 2 HOH 13 180 45 HOH HOH X . 
B 2 HOH 14 181 46 HOH HOH X . 
B 2 HOH 15 182 48 HOH HOH X . 
B 2 HOH 16 183 49 HOH HOH X . 
B 2 HOH 17 184 51 HOH HOH X . 
B 2 HOH 18 185 57 HOH HOH X . 
B 2 HOH 19 186 60 HOH HOH X . 
B 2 HOH 20 187 64 HOH HOH X . 
B 2 HOH 21 188 66 HOH HOH X . 
# 
loop_
_software.name 
_software.classification 
_software.version 
_software.citation_id 
_software.pdbx_ordinal 
CrystalClear 'data collection' .        ? 1 
PHENIX       'model building'  .        ? 2 
REFMAC       refinement        5.5.0109 ? 3 
HKL-2000     'data reduction'  .        ? 4 
SCALA        'data scaling'    .        ? 5 
PHENIX       phasing           .        ? 6 
# 
_cell.entry_id           3QD7 
_cell.length_a           95.517 
_cell.length_b           34.833 
_cell.length_c           40.698 
_cell.angle_alpha        90.00 
_cell.angle_beta         90.00 
_cell.angle_gamma        90.00 
_cell.Z_PDB              4 
_cell.pdbx_unique_axis   ? 
_cell.length_a_esd       ? 
_cell.length_b_esd       ? 
_cell.length_c_esd       ? 
_cell.angle_alpha_esd    ? 
_cell.angle_beta_esd     ? 
_cell.angle_gamma_esd    ? 
# 
_symmetry.entry_id                         3QD7 
_symmetry.space_group_name_H-M             'P 21 21 2' 
_symmetry.pdbx_full_space_group_name_H-M   ? 
_symmetry.cell_setting                     ? 
_symmetry.Int_Tables_number                18 
_symmetry.space_group_name_Hall            ? 
# 
_exptl.entry_id          3QD7 
_exptl.method            'X-RAY DIFFRACTION' 
_exptl.crystals_number   2 
# 
loop_
_exptl_crystal.id 
_exptl_crystal.density_meas 
_exptl_crystal.density_Matthews 
_exptl_crystal.density_percent_sol 
_exptl_crystal.description 
_exptl_crystal.F_000 
_exptl_crystal.preparation 
1 ? 2.19 43.89 ? ? ? 
2 ? ?    ?     ? ? ? 
# 
loop_
_exptl_crystal_grow.crystal_id 
_exptl_crystal_grow.method 
_exptl_crystal_grow.temp 
_exptl_crystal_grow.temp_details 
_exptl_crystal_grow.pH 
_exptl_crystal_grow.pdbx_details 
_exptl_crystal_grow.pdbx_pH_range 
1 'VAPOR DIFFUSION, HANGING DROP' 289 ? 6.0 
'1.5M ammonium sulfate, 0.1M Bis-Tris, pH 6.0, VAPOR DIFFUSION, HANGING DROP, temperature 289K' . 
2 'VAPOR DIFFUSION, HANGING DROP' 289 ? 6.0 
'1.5M ammonium sulfate, 0.1M Bis-Tris, pH 6.0, VAPOR DIFFUSION, HANGING DROP, temperature 289K' . 
# 
loop_
_diffrn.id 
_diffrn.ambient_temp 
_diffrn.ambient_temp_details 
_diffrn.crystal_id 
1 100 ? 1 
2 100 ? 2 
# 
loop_
_diffrn_detector.diffrn_id 
_diffrn_detector.detector 
_diffrn_detector.type 
_diffrn_detector.pdbx_collection_date 
_diffrn_detector.details 
1 CCD 'RAYONIX MX225HE'      2010-01-31 ? 
2 CCD 'MARMOSAIC 225 mm CCD' 2010-05-16 ? 
# 
loop_
_diffrn_radiation.diffrn_id 
_diffrn_radiation.wavelength_id 
_diffrn_radiation.pdbx_monochromatic_or_laue_m_l 
_diffrn_radiation.monochromator 
_diffrn_radiation.pdbx_diffrn_protocol 
_diffrn_radiation.pdbx_scattering_type 
1 1 M 'Ni MIRROR' 'SINGLE WAVELENGTH' x-ray 
2 1 M 'Ni MIRROR' 'SINGLE WAVELENGTH' x-ray 
# 
loop_
_diffrn_radiation_wavelength.id 
_diffrn_radiation_wavelength.wavelength 
_diffrn_radiation_wavelength.wt 
1 0.9790 1.0 
2 1.5028 1.0 
# 
loop_
_diffrn_source.diffrn_id 
_diffrn_source.source 
_diffrn_source.type 
_diffrn_source.pdbx_synchrotron_site 
_diffrn_source.pdbx_synchrotron_beamline 
_diffrn_source.pdbx_wavelength 
_diffrn_source.pdbx_wavelength_list 
1 SYNCHROTRON 'SPRING-8 BEAMLINE BL41XU' SPring-8 BL41XU ? 0.9790 
2 SYNCHROTRON 'SSRF BEAMLINE BL17U'      SSRF     BL17U  ? 1.5028 
# 
_reflns.entry_id                     3QD7 
_reflns.observed_criterion_sigma_I   1.0 
_reflns.observed_criterion_sigma_F   1.0 
_reflns.d_resolution_low             50.0 
_reflns.d_resolution_high            2.3 
_reflns.number_obs                   6306 
_reflns.number_all                   6306 
_reflns.percent_possible_obs         100 
_reflns.pdbx_Rmerge_I_obs            0.061 
_reflns.pdbx_Rsym_value              0.064 
_reflns.pdbx_netI_over_sigmaI        24.3 
_reflns.B_iso_Wilson_estimate        ? 
_reflns.pdbx_redundancy              5.9 
_reflns.R_free_details               ? 
_reflns.limit_h_max                  ? 
_reflns.limit_h_min                  ? 
_reflns.limit_k_max                  ? 
_reflns.limit_k_min                  ? 
_reflns.limit_l_max                  ? 
_reflns.limit_l_min                  ? 
_reflns.observed_criterion_F_max     ? 
_reflns.observed_criterion_F_min     ? 
_reflns.pdbx_chi_squared             ? 
_reflns.pdbx_scaling_rejects         ? 
_reflns.pdbx_ordinal                 1 
_reflns.pdbx_diffrn_id               1,2 
# 
_reflns_shell.d_res_high                  2.3 
_reflns_shell.d_res_low                   2.38 
_reflns_shell.percent_possible_all        98.2 
_reflns_shell.Rmerge_I_obs                0.169 
_reflns_shell.pdbx_Rsym_value             0.242 
_reflns_shell.meanI_over_sigI_obs         8.26 
_reflns_shell.pdbx_redundancy             5.5 
_reflns_shell.percent_possible_obs        ? 
_reflns_shell.number_unique_all           587 
_reflns_shell.number_measured_all         ? 
_reflns_shell.number_measured_obs         ? 
_reflns_shell.number_unique_obs           ? 
_reflns_shell.pdbx_chi_squared            ? 
_reflns_shell.pdbx_rejects                ? 
_reflns_shell.pdbx_netI_over_sigmaI_obs   ? 
_reflns_shell.number_possible             ? 
_reflns_shell.Rmerge_F_all                ? 
_reflns_shell.Rmerge_F_obs                ? 
_reflns_shell.Rmerge_I_all                ? 
_reflns_shell.meanI_over_sigI_all         ? 
_reflns_shell.pdbx_Rrim_I_all             ? 
_reflns_shell.pdbx_Rpim_I_all             ? 
_reflns_shell.pdbx_ordinal                1 
_reflns_shell.pdbx_diffrn_id              1,2 
# 
_refine.entry_id                                 3QD7 
_refine.ls_number_reflns_obs                     6306 
_refine.ls_number_reflns_all                     6306 
_refine.pdbx_ls_sigma_I                          ? 
_refine.pdbx_ls_sigma_F                          ? 
_refine.pdbx_data_cutoff_high_absF               ? 
_refine.pdbx_data_cutoff_low_absF                ? 
_refine.pdbx_data_cutoff_high_rms_absF           ? 
_refine.ls_d_res_low                             47.76 
_refine.ls_d_res_high                            2.30 
_refine.ls_percent_reflns_obs                    ? 
_refine.ls_R_factor_obs                          0.22516 
_refine.ls_R_factor_all                          0.22516 
_refine.ls_R_factor_R_work                       0.22415 
_refine.ls_R_factor_R_free                       0.24358 
_refine.ls_R_factor_R_free_error                 ? 
_refine.ls_R_factor_R_free_error_details         ? 
_refine.ls_percent_reflns_R_free                 5.2 
_refine.ls_number_reflns_R_free                  323 
_refine.ls_number_parameters                     ? 
_refine.ls_number_restraints                     ? 
_refine.occupancy_min                            ? 
_refine.occupancy_max                            ? 
_refine.correlation_coeff_Fo_to_Fc               0.914 
_refine.correlation_coeff_Fo_to_Fc_free          0.916 
_refine.B_iso_mean                               29.485 
_refine.aniso_B[1][1]                            -0.89 
_refine.aniso_B[2][2]                            0.07 
_refine.aniso_B[3][3]                            0.82 
_refine.aniso_B[1][2]                            0.00 
_refine.aniso_B[1][3]                            0.00 
_refine.aniso_B[2][3]                            0.00 
_refine.solvent_model_details                    MASK 
_refine.solvent_model_param_ksol                 ? 
_refine.solvent_model_param_bsol                 ? 
_refine.pdbx_solvent_vdw_probe_radii             1.40 
_refine.pdbx_solvent_ion_probe_radii             0.80 
_refine.pdbx_solvent_shrinkage_radii             0.80 
_refine.pdbx_ls_cross_valid_method               THROUGHOUT 
_refine.details                                  'HYDROGENS HAVE BEEN ADDED IN THE RIDING POSITIONS' 
_refine.pdbx_starting_model                      ? 
_refine.pdbx_method_to_determine_struct          'SAD, MOLECULAR REPLACEMENT' 
_refine.pdbx_isotropic_thermal_model             ? 
_refine.pdbx_stereochemistry_target_values       'MAXIMUM LIKELIHOOD' 
_refine.pdbx_stereochem_target_val_spec_case     ? 
_refine.pdbx_R_Free_selection_details            RANDOM 
_refine.pdbx_overall_ESU_R_Free                  0.244 
_refine.overall_SU_ML                            0.131 
_refine.overall_SU_B                             5.105 
_refine.overall_SU_R_Cruickshank_DPI             ? 
_refine.ls_redundancy_reflns_obs                 ? 
_refine.B_iso_min                                ? 
_refine.B_iso_max                                ? 
_refine.overall_SU_R_free                        ? 
_refine.ls_wR_factor_R_free                      ? 
_refine.ls_wR_factor_R_work                      ? 
_refine.overall_FOM_free_R_set                   ? 
_refine.overall_FOM_work_R_set                   ? 
_refine.pdbx_refine_id                           'X-RAY DIFFRACTION' 
_refine.pdbx_overall_ESU_R                       ? 
_refine.pdbx_overall_phase_error                 ? 
_refine.pdbx_diffrn_id                           1,2 
_refine.pdbx_TLS_residual_ADP_flag               ? 
_refine.pdbx_overall_SU_R_free_Cruickshank_DPI   ? 
_refine.pdbx_overall_SU_R_Blow_DPI               ? 
_refine.pdbx_overall_SU_R_free_Blow_DPI          ? 
# 
_refine_hist.pdbx_refine_id                   'X-RAY DIFFRACTION' 
_refine_hist.cycle_id                         LAST 
_refine_hist.pdbx_number_atoms_protein        1043 
_refine_hist.pdbx_number_atoms_nucleic_acid   0 
_refine_hist.pdbx_number_atoms_ligand         0 
_refine_hist.number_atoms_solvent             21 
_refine_hist.number_atoms_total               1064 
_refine_hist.d_res_high                       2.30 
_refine_hist.d_res_low                        47.76 
# 
loop_
_refine_ls_restr.type 
_refine_ls_restr.dev_ideal 
_refine_ls_restr.dev_ideal_target 
_refine_ls_restr.weight 
_refine_ls_restr.number 
_refine_ls_restr.pdbx_refine_id 
_refine_ls_restr.pdbx_restraint_function 
r_bond_refined_d             0.013  0.021  ? 1064 'X-RAY DIFFRACTION' ? 
r_bond_other_d               ?      ?      ? ?    'X-RAY DIFFRACTION' ? 
r_angle_refined_deg          1.367  1.959  ? 1437 'X-RAY DIFFRACTION' ? 
r_angle_other_deg            ?      ?      ? ?    'X-RAY DIFFRACTION' ? 
r_dihedral_angle_1_deg       5.877  5.000  ? 130  'X-RAY DIFFRACTION' ? 
r_dihedral_angle_2_deg       34.297 23.208 ? 53   'X-RAY DIFFRACTION' ? 
r_dihedral_angle_3_deg       17.487 15.000 ? 185  'X-RAY DIFFRACTION' ? 
r_dihedral_angle_4_deg       22.424 15.000 ? 10   'X-RAY DIFFRACTION' ? 
r_chiral_restr               0.103  0.200  ? 158  'X-RAY DIFFRACTION' ? 
r_gen_planes_refined         0.006  0.021  ? 812  'X-RAY DIFFRACTION' ? 
r_gen_planes_other           ?      ?      ? ?    'X-RAY DIFFRACTION' ? 
r_nbd_refined                ?      ?      ? ?    'X-RAY DIFFRACTION' ? 
r_nbd_other                  ?      ?      ? ?    'X-RAY DIFFRACTION' ? 
r_nbtor_refined              ?      ?      ? ?    'X-RAY DIFFRACTION' ? 
r_nbtor_other                ?      ?      ? ?    'X-RAY DIFFRACTION' ? 
r_xyhbond_nbd_refined        ?      ?      ? ?    'X-RAY DIFFRACTION' ? 
r_xyhbond_nbd_other          ?      ?      ? ?    'X-RAY DIFFRACTION' ? 
r_metal_ion_refined          ?      ?      ? ?    'X-RAY DIFFRACTION' ? 
r_metal_ion_other            ?      ?      ? ?    'X-RAY DIFFRACTION' ? 
r_symmetry_vdw_refined       ?      ?      ? ?    'X-RAY DIFFRACTION' ? 
r_symmetry_vdw_other         ?      ?      ? ?    'X-RAY DIFFRACTION' ? 
r_symmetry_hbond_refined     ?      ?      ? ?    'X-RAY DIFFRACTION' ? 
r_symmetry_hbond_other       ?      ?      ? ?    'X-RAY DIFFRACTION' ? 
r_symmetry_metal_ion_refined ?      ?      ? ?    'X-RAY DIFFRACTION' ? 
r_symmetry_metal_ion_other   ?      ?      ? ?    'X-RAY DIFFRACTION' ? 
r_mcbond_it                  ?      ?      ? ?    'X-RAY DIFFRACTION' ? 
r_mcbond_other               ?      ?      ? ?    'X-RAY DIFFRACTION' ? 
r_mcangle_it                 ?      ?      ? ?    'X-RAY DIFFRACTION' ? 
r_scbond_it                  ?      ?      ? ?    'X-RAY DIFFRACTION' ? 
r_scangle_it                 ?      ?      ? ?    'X-RAY DIFFRACTION' ? 
r_rigid_bond_restr           ?      ?      ? ?    'X-RAY DIFFRACTION' ? 
r_sphericity_free            ?      ?      ? ?    'X-RAY DIFFRACTION' ? 
r_sphericity_bonded          ?      ?      ? ?    'X-RAY DIFFRACTION' ? 
# 
_refine_ls_shell.pdbx_refine_id                   'X-RAY DIFFRACTION' 
_refine_ls_shell.pdbx_total_number_of_bins_used   20 
_refine_ls_shell.d_res_high                       2.303 
_refine_ls_shell.d_res_low                        2.363 
_refine_ls_shell.number_reflns_R_work             382 
_refine_ls_shell.R_factor_R_work                  0.210 
_refine_ls_shell.percent_reflns_obs               88.31 
_refine_ls_shell.R_factor_R_free                  0.273 
_refine_ls_shell.R_factor_R_free_error            ? 
_refine_ls_shell.percent_reflns_R_free            ? 
_refine_ls_shell.number_reflns_R_free             26 
_refine_ls_shell.number_reflns_all                ? 
_refine_ls_shell.R_factor_all                     ? 
_refine_ls_shell.number_reflns_obs                ? 
_refine_ls_shell.redundancy_reflns_obs            ? 
# 
_struct.entry_id                  3QD7 
_struct.title                     'Crystal structure of YdaL, a stand-alone small MutS-related protein from Escherichia coli' 
_struct.pdbx_model_details        ? 
_struct.pdbx_CASP_flag            ? 
_struct.pdbx_model_type_details   ? 
# 
_struct_keywords.entry_id        3QD7 
_struct_keywords.pdbx_keywords   HYDROLASE 
_struct_keywords.text            'alpha/beta/alpha fold, endonuclease, HYDROLASE' 
# 
loop_
_struct_asym.id 
_struct_asym.pdbx_blank_PDB_chainid_flag 
_struct_asym.pdbx_modified 
_struct_asym.entity_id 
_struct_asym.details 
A N N 1 ? 
B N N 2 ? 
# 
_struct_ref.id                         1 
_struct_ref.db_name                    UNP 
_struct_ref.db_code                    YDAL_ECOLI 
_struct_ref.pdbx_db_accession          P76053 
_struct_ref.entity_id                  1 
_struct_ref.pdbx_seq_one_letter_code   
;IDTLQLDNFLTTGFLDIIPLSQPLEFRREGLQHGVLDKLRSGKYPQQASLNLLRQPVEECRKMVFSFIQQALADGLRNVL
IIHGKGRDDKSHANIVRSYVARWLTEFDDVQAYCTALPHHGGSGACYVALRKTAQAK
;
_struct_ref.pdbx_align_begin           39 
_struct_ref.pdbx_db_isoform            ? 
# 
_struct_ref_seq.align_id                      1 
_struct_ref_seq.ref_id                        1 
_struct_ref_seq.pdbx_PDB_id_code              3QD7 
_struct_ref_seq.pdbx_strand_id                X 
_struct_ref_seq.seq_align_beg                 1 
_struct_ref_seq.pdbx_seq_align_beg_ins_code   ? 
_struct_ref_seq.seq_align_end                 137 
_struct_ref_seq.pdbx_seq_align_end_ins_code   ? 
_struct_ref_seq.pdbx_db_accession             P76053 
_struct_ref_seq.db_align_beg                  39 
_struct_ref_seq.pdbx_db_align_beg_ins_code    ? 
_struct_ref_seq.db_align_end                  175 
_struct_ref_seq.pdbx_db_align_end_ins_code    ? 
_struct_ref_seq.pdbx_auth_seq_align_beg       39 
_struct_ref_seq.pdbx_auth_seq_align_end       175 
# 
_pdbx_struct_assembly.id                   1 
_pdbx_struct_assembly.details              author_and_software_defined_assembly 
_pdbx_struct_assembly.method_details       PISA 
_pdbx_struct_assembly.oligomeric_details   monomeric 
_pdbx_struct_assembly.oligomeric_count     1 
# 
_pdbx_struct_assembly_gen.assembly_id       1 
_pdbx_struct_assembly_gen.oper_expression   1 
_pdbx_struct_assembly_gen.asym_id_list      A,B 
# 
_pdbx_struct_oper_list.id                   1 
_pdbx_struct_oper_list.type                 'identity operation' 
_pdbx_struct_oper_list.name                 1_555 
_pdbx_struct_oper_list.symmetry_operation   x,y,z 
_pdbx_struct_oper_list.matrix[1][1]         1.0000000000 
_pdbx_struct_oper_list.matrix[1][2]         0.0000000000 
_pdbx_struct_oper_list.matrix[1][3]         0.0000000000 
_pdbx_struct_oper_list.vector[1]            0.0000000000 
_pdbx_struct_oper_list.matrix[2][1]         0.0000000000 
_pdbx_struct_oper_list.matrix[2][2]         1.0000000000 
_pdbx_struct_oper_list.matrix[2][3]         0.0000000000 
_pdbx_struct_oper_list.vector[2]            0.0000000000 
_pdbx_struct_oper_list.matrix[3][1]         0.0000000000 
_pdbx_struct_oper_list.matrix[3][2]         0.0000000000 
_pdbx_struct_oper_list.matrix[3][3]         1.0000000000 
_pdbx_struct_oper_list.vector[3]            0.0000000000 
# 
_struct_biol.id        1 
_struct_biol.details   ? 
# 
loop_
_struct_conf.conf_type_id 
_struct_conf.id 
_struct_conf.pdbx_PDB_helix_id 
_struct_conf.beg_label_comp_id 
_struct_conf.beg_label_asym_id 
_struct_conf.beg_label_seq_id 
_struct_conf.pdbx_beg_PDB_ins_code 
_struct_conf.end_label_comp_id 
_struct_conf.end_label_asym_id 
_struct_conf.end_label_seq_id 
_struct_conf.pdbx_end_PDB_ins_code 
_struct_conf.beg_auth_comp_id 
_struct_conf.beg_auth_asym_id 
_struct_conf.beg_auth_seq_id 
_struct_conf.end_auth_comp_id 
_struct_conf.end_auth_asym_id 
_struct_conf.end_auth_seq_id 
_struct_conf.pdbx_PDB_helix_class 
_struct_conf.details 
_struct_conf.pdbx_PDB_helix_length 
HELX_P HELX_P1 1 LEU A 4   ? ASN A 8   ? LEU X 42  ASN X 46  5 ? 5  
HELX_P HELX_P2 2 LEU A 36  ? SER A 41  ? LEU X 74  SER X 79  1 ? 6  
HELX_P HELX_P3 3 PRO A 45  ? GLN A 47  ? PRO X 83  GLN X 85  5 ? 3  
HELX_P HELX_P4 4 PRO A 56  ? ASP A 74  ? PRO X 94  ASP X 112 1 ? 19 
HELX_P HELX_P5 5 SER A 91  ? GLU A 106 ? SER X 129 GLU X 144 1 ? 16 
HELX_P HELX_P6 6 LEU A 117 ? SER A 123 ? LEU X 155 SER X 161 5 ? 7  
# 
_struct_conf_type.id          HELX_P 
_struct_conf_type.criteria    ? 
_struct_conf_type.reference   ? 
# 
_struct_sheet.id               A 
_struct_sheet.type             ? 
_struct_sheet.number_strands   5 
_struct_sheet.details          ? 
# 
loop_
_struct_sheet_order.sheet_id 
_struct_sheet_order.range_id_1 
_struct_sheet_order.range_id_2 
_struct_sheet_order.offset 
_struct_sheet_order.sense 
A 1 2 ? anti-parallel 
A 2 3 ? anti-parallel 
A 3 4 ? anti-parallel 
A 4 5 ? parallel      
# 
loop_
_struct_sheet_range.sheet_id 
_struct_sheet_range.id 
_struct_sheet_range.beg_label_comp_id 
_struct_sheet_range.beg_label_asym_id 
_struct_sheet_range.beg_label_seq_id 
_struct_sheet_range.pdbx_beg_PDB_ins_code 
_struct_sheet_range.end_label_comp_id 
_struct_sheet_range.end_label_asym_id 
_struct_sheet_range.end_label_seq_id 
_struct_sheet_range.pdbx_end_PDB_ins_code 
_struct_sheet_range.beg_auth_comp_id 
_struct_sheet_range.beg_auth_asym_id 
_struct_sheet_range.beg_auth_seq_id 
_struct_sheet_range.end_auth_comp_id 
_struct_sheet_range.end_auth_asym_id 
_struct_sheet_range.end_auth_seq_id 
A 1 GLU A 25  ? ARG A 27  ? GLU X 63  ARG X 65  
A 2 VAL A 110 ? THR A 115 ? VAL X 148 THR X 153 
A 3 ALA A 125 ? LEU A 130 ? ALA X 163 LEU X 168 
A 4 ASN A 78  ? ILE A 82  ? ASN X 116 ILE X 120 
A 5 SER A 49  ? ASN A 51  ? SER X 87  ASN X 89  
# 
loop_
_pdbx_struct_sheet_hbond.sheet_id 
_pdbx_struct_sheet_hbond.range_id_1 
_pdbx_struct_sheet_hbond.range_id_2 
_pdbx_struct_sheet_hbond.range_1_label_atom_id 
_pdbx_struct_sheet_hbond.range_1_label_comp_id 
_pdbx_struct_sheet_hbond.range_1_label_asym_id 
_pdbx_struct_sheet_hbond.range_1_label_seq_id 
_pdbx_struct_sheet_hbond.range_1_PDB_ins_code 
_pdbx_struct_sheet_hbond.range_1_auth_atom_id 
_pdbx_struct_sheet_hbond.range_1_auth_comp_id 
_pdbx_struct_sheet_hbond.range_1_auth_asym_id 
_pdbx_struct_sheet_hbond.range_1_auth_seq_id 
_pdbx_struct_sheet_hbond.range_2_label_atom_id 
_pdbx_struct_sheet_hbond.range_2_label_comp_id 
_pdbx_struct_sheet_hbond.range_2_label_asym_id 
_pdbx_struct_sheet_hbond.range_2_label_seq_id 
_pdbx_struct_sheet_hbond.range_2_PDB_ins_code 
_pdbx_struct_sheet_hbond.range_2_auth_atom_id 
_pdbx_struct_sheet_hbond.range_2_auth_comp_id 
_pdbx_struct_sheet_hbond.range_2_auth_asym_id 
_pdbx_struct_sheet_hbond.range_2_auth_seq_id 
A 1 2 N PHE A 26  ? N PHE X 64  O TYR A 113 ? O TYR X 151 
A 2 3 N ALA A 112 ? N ALA X 150 O ALA A 129 ? O ALA X 167 
A 3 4 O CYS A 126 ? O CYS X 164 N ILE A 81  ? N ILE X 119 
A 4 5 O ILE A 82  ? O ILE X 120 N LEU A 50  ? N LEU X 88  
# 
loop_
_pdbx_validate_torsion.id 
_pdbx_validate_torsion.PDB_model_num 
_pdbx_validate_torsion.auth_comp_id 
_pdbx_validate_torsion.auth_asym_id 
_pdbx_validate_torsion.auth_seq_id 
_pdbx_validate_torsion.PDB_ins_code 
_pdbx_validate_torsion.label_alt_id 
_pdbx_validate_torsion.phi 
_pdbx_validate_torsion.psi 
1 1 THR X 41 ? ? -93.36 35.17 
2 1 ASN X 46 ? ? -69.25 97.15 
# 
loop_
_pdbx_unobs_or_zero_occ_residues.id 
_pdbx_unobs_or_zero_occ_residues.PDB_model_num 
_pdbx_unobs_or_zero_occ_residues.polymer_flag 
_pdbx_unobs_or_zero_occ_residues.occupancy_flag 
_pdbx_unobs_or_zero_occ_residues.auth_asym_id 
_pdbx_unobs_or_zero_occ_residues.auth_comp_id 
_pdbx_unobs_or_zero_occ_residues.auth_seq_id 
_pdbx_unobs_or_zero_occ_residues.PDB_ins_code 
_pdbx_unobs_or_zero_occ_residues.label_asym_id 
_pdbx_unobs_or_zero_occ_residues.label_comp_id 
_pdbx_unobs_or_zero_occ_residues.label_seq_id 
1 1 Y 1 X ILE 39  ? A ILE 1   
2 1 Y 1 X THR 171 ? A THR 133 
3 1 Y 1 X ALA 172 ? A ALA 134 
4 1 Y 1 X GLN 173 ? A GLN 135 
5 1 Y 1 X ALA 174 ? A ALA 136 
6 1 Y 1 X LYS 175 ? A LYS 137 
# 
loop_
_chem_comp_atom.comp_id 
_chem_comp_atom.atom_id 
_chem_comp_atom.type_symbol 
_chem_comp_atom.pdbx_aromatic_flag 
_chem_comp_atom.pdbx_stereo_config 
_chem_comp_atom.pdbx_ordinal 
ALA N    N N N 1   
ALA CA   C N S 2   
ALA C    C N N 3   
ALA O    O N N 4   
ALA CB   C N N 5   
ALA OXT  O N N 6   
ALA H    H N N 7   
ALA H2   H N N 8   
ALA HA   H N N 9   
ALA HB1  H N N 10  
ALA HB2  H N N 11  
ALA HB3  H N N 12  
ALA HXT  H N N 13  
ARG N    N N N 14  
ARG CA   C N S 15  
ARG C    C N N 16  
ARG O    O N N 17  
ARG CB   C N N 18  
ARG CG   C N N 19  
ARG CD   C N N 20  
ARG NE   N N N 21  
ARG CZ   C N N 22  
ARG NH1  N N N 23  
ARG NH2  N N N 24  
ARG OXT  O N N 25  
ARG H    H N N 26  
ARG H2   H N N 27  
ARG HA   H N N 28  
ARG HB2  H N N 29  
ARG HB3  H N N 30  
ARG HG2  H N N 31  
ARG HG3  H N N 32  
ARG HD2  H N N 33  
ARG HD3  H N N 34  
ARG HE   H N N 35  
ARG HH11 H N N 36  
ARG HH12 H N N 37  
ARG HH21 H N N 38  
ARG HH22 H N N 39  
ARG HXT  H N N 40  
ASN N    N N N 41  
ASN CA   C N S 42  
ASN C    C N N 43  
ASN O    O N N 44  
ASN CB   C N N 45  
ASN CG   C N N 46  
ASN OD1  O N N 47  
ASN ND2  N N N 48  
ASN OXT  O N N 49  
ASN H    H N N 50  
ASN H2   H N N 51  
ASN HA   H N N 52  
ASN HB2  H N N 53  
ASN HB3  H N N 54  
ASN HD21 H N N 55  
ASN HD22 H N N 56  
ASN HXT  H N N 57  
ASP N    N N N 58  
ASP CA   C N S 59  
ASP C    C N N 60  
ASP O    O N N 61  
ASP CB   C N N 62  
ASP CG   C N N 63  
ASP OD1  O N N 64  
ASP OD2  O N N 65  
ASP OXT  O N N 66  
ASP H    H N N 67  
ASP H2   H N N 68  
ASP HA   H N N 69  
ASP HB2  H N N 70  
ASP HB3  H N N 71  
ASP HD2  H N N 72  
ASP HXT  H N N 73  
CYS N    N N N 74  
CYS CA   C N R 75  
CYS C    C N N 76  
CYS O    O N N 77  
CYS CB   C N N 78  
CYS SG   S N N 79  
CYS OXT  O N N 80  
CYS H    H N N 81  
CYS H2   H N N 82  
CYS HA   H N N 83  
CYS HB2  H N N 84  
CYS HB3  H N N 85  
CYS HG   H N N 86  
CYS HXT  H N N 87  
GLN N    N N N 88  
GLN CA   C N S 89  
GLN C    C N N 90  
GLN O    O N N 91  
GLN CB   C N N 92  
GLN CG   C N N 93  
GLN CD   C N N 94  
GLN OE1  O N N 95  
GLN NE2  N N N 96  
GLN OXT  O N N 97  
GLN H    H N N 98  
GLN H2   H N N 99  
GLN HA   H N N 100 
GLN HB2  H N N 101 
GLN HB3  H N N 102 
GLN HG2  H N N 103 
GLN HG3  H N N 104 
GLN HE21 H N N 105 
GLN HE22 H N N 106 
GLN HXT  H N N 107 
GLU N    N N N 108 
GLU CA   C N S 109 
GLU C    C N N 110 
GLU O    O N N 111 
GLU CB   C N N 112 
GLU CG   C N N 113 
GLU CD   C N N 114 
GLU OE1  O N N 115 
GLU OE2  O N N 116 
GLU OXT  O N N 117 
GLU H    H N N 118 
GLU H2   H N N 119 
GLU HA   H N N 120 
GLU HB2  H N N 121 
GLU HB3  H N N 122 
GLU HG2  H N N 123 
GLU HG3  H N N 124 
GLU HE2  H N N 125 
GLU HXT  H N N 126 
GLY N    N N N 127 
GLY CA   C N N 128 
GLY C    C N N 129 
GLY O    O N N 130 
GLY OXT  O N N 131 
GLY H    H N N 132 
GLY H2   H N N 133 
GLY HA2  H N N 134 
GLY HA3  H N N 135 
GLY HXT  H N N 136 
HIS N    N N N 137 
HIS CA   C N S 138 
HIS C    C N N 139 
HIS O    O N N 140 
HIS CB   C N N 141 
HIS CG   C Y N 142 
HIS ND1  N Y N 143 
HIS CD2  C Y N 144 
HIS CE1  C Y N 145 
HIS NE2  N Y N 146 
HIS OXT  O N N 147 
HIS H    H N N 148 
HIS H2   H N N 149 
HIS HA   H N N 150 
HIS HB2  H N N 151 
HIS HB3  H N N 152 
HIS HD1  H N N 153 
HIS HD2  H N N 154 
HIS HE1  H N N 155 
HIS HE2  H N N 156 
HIS HXT  H N N 157 
HOH O    O N N 158 
HOH H1   H N N 159 
HOH H2   H N N 160 
ILE N    N N N 161 
ILE CA   C N S 162 
ILE C    C N N 163 
ILE O    O N N 164 
ILE CB   C N S 165 
ILE CG1  C N N 166 
ILE CG2  C N N 167 
ILE CD1  C N N 168 
ILE OXT  O N N 169 
ILE H    H N N 170 
ILE H2   H N N 171 
ILE HA   H N N 172 
ILE HB   H N N 173 
ILE HG12 H N N 174 
ILE HG13 H N N 175 
ILE HG21 H N N 176 
ILE HG22 H N N 177 
ILE HG23 H N N 178 
ILE HD11 H N N 179 
ILE HD12 H N N 180 
ILE HD13 H N N 181 
ILE HXT  H N N 182 
LEU N    N N N 183 
LEU CA   C N S 184 
LEU C    C N N 185 
LEU O    O N N 186 
LEU CB   C N N 187 
LEU CG   C N N 188 
LEU CD1  C N N 189 
LEU CD2  C N N 190 
LEU OXT  O N N 191 
LEU H    H N N 192 
LEU H2   H N N 193 
LEU HA   H N N 194 
LEU HB2  H N N 195 
LEU HB3  H N N 196 
LEU HG   H N N 197 
LEU HD11 H N N 198 
LEU HD12 H N N 199 
LEU HD13 H N N 200 
LEU HD21 H N N 201 
LEU HD22 H N N 202 
LEU HD23 H N N 203 
LEU HXT  H N N 204 
LYS N    N N N 205 
LYS CA   C N S 206 
LYS C    C N N 207 
LYS O    O N N 208 
LYS CB   C N N 209 
LYS CG   C N N 210 
LYS CD   C N N 211 
LYS CE   C N N 212 
LYS NZ   N N N 213 
LYS OXT  O N N 214 
LYS H    H N N 215 
LYS H2   H N N 216 
LYS HA   H N N 217 
LYS HB2  H N N 218 
LYS HB3  H N N 219 
LYS HG2  H N N 220 
LYS HG3  H N N 221 
LYS HD2  H N N 222 
LYS HD3  H N N 223 
LYS HE2  H N N 224 
LYS HE3  H N N 225 
LYS HZ1  H N N 226 
LYS HZ2  H N N 227 
LYS HZ3  H N N 228 
LYS HXT  H N N 229 
MET N    N N N 230 
MET CA   C N S 231 
MET C    C N N 232 
MET O    O N N 233 
MET CB   C N N 234 
MET CG   C N N 235 
MET SD   S N N 236 
MET CE   C N N 237 
MET OXT  O N N 238 
MET H    H N N 239 
MET H2   H N N 240 
MET HA   H N N 241 
MET HB2  H N N 242 
MET HB3  H N N 243 
MET HG2  H N N 244 
MET HG3  H N N 245 
MET HE1  H N N 246 
MET HE2  H N N 247 
MET HE3  H N N 248 
MET HXT  H N N 249 
PHE N    N N N 250 
PHE CA   C N S 251 
PHE C    C N N 252 
PHE O    O N N 253 
PHE CB   C N N 254 
PHE CG   C Y N 255 
PHE CD1  C Y N 256 
PHE CD2  C Y N 257 
PHE CE1  C Y N 258 
PHE CE2  C Y N 259 
PHE CZ   C Y N 260 
PHE OXT  O N N 261 
PHE H    H N N 262 
PHE H2   H N N 263 
PHE HA   H N N 264 
PHE HB2  H N N 265 
PHE HB3  H N N 266 
PHE HD1  H N N 267 
PHE HD2  H N N 268 
PHE HE1  H N N 269 
PHE HE2  H N N 270 
PHE HZ   H N N 271 
PHE HXT  H N N 272 
PRO N    N N N 273 
PRO CA   C N S 274 
PRO C    C N N 275 
PRO O    O N N 276 
PRO CB   C N N 277 
PRO CG   C N N 278 
PRO CD   C N N 279 
PRO OXT  O N N 280 
PRO H    H N N 281 
PRO HA   H N N 282 
PRO HB2  H N N 283 
PRO HB3  H N N 284 
PRO HG2  H N N 285 
PRO HG3  H N N 286 
PRO HD2  H N N 287 
PRO HD3  H N N 288 
PRO HXT  H N N 289 
SER N    N N N 290 
SER CA   C N S 291 
SER C    C N N 292 
SER O    O N N 293 
SER CB   C N N 294 
SER OG   O N N 295 
SER OXT  O N N 296 
SER H    H N N 297 
SER H2   H N N 298 
SER HA   H N N 299 
SER HB2  H N N 300 
SER HB3  H N N 301 
SER HG   H N N 302 
SER HXT  H N N 303 
THR N    N N N 304 
THR CA   C N S 305 
THR C    C N N 306 
THR O    O N N 307 
THR CB   C N R 308 
THR OG1  O N N 309 
THR CG2  C N N 310 
THR OXT  O N N 311 
THR H    H N N 312 
THR H2   H N N 313 
THR HA   H N N 314 
THR HB   H N N 315 
THR HG1  H N N 316 
THR HG21 H N N 317 
THR HG22 H N N 318 
THR HG23 H N N 319 
THR HXT  H N N 320 
TRP N    N N N 321 
TRP CA   C N S 322 
TRP C    C N N 323 
TRP O    O N N 324 
TRP CB   C N N 325 
TRP CG   C Y N 326 
TRP CD1  C Y N 327 
TRP CD2  C Y N 328 
TRP NE1  N Y N 329 
TRP CE2  C Y N 330 
TRP CE3  C Y N 331 
TRP CZ2  C Y N 332 
TRP CZ3  C Y N 333 
TRP CH2  C Y N 334 
TRP OXT  O N N 335 
TRP H    H N N 336 
TRP H2   H N N 337 
TRP HA   H N N 338 
TRP HB2  H N N 339 
TRP HB3  H N N 340 
TRP HD1  H N N 341 
TRP HE1  H N N 342 
TRP HE3  H N N 343 
TRP HZ2  H N N 344 
TRP HZ3  H N N 345 
TRP HH2  H N N 346 
TRP HXT  H N N 347 
TYR N    N N N 348 
TYR CA   C N S 349 
TYR C    C N N 350 
TYR O    O N N 351 
TYR CB   C N N 352 
TYR CG   C Y N 353 
TYR CD1  C Y N 354 
TYR CD2  C Y N 355 
TYR CE1  C Y N 356 
TYR CE2  C Y N 357 
TYR CZ   C Y N 358 
TYR OH   O N N 359 
TYR OXT  O N N 360 
TYR H    H N N 361 
TYR H2   H N N 362 
TYR HA   H N N 363 
TYR HB2  H N N 364 
TYR HB3  H N N 365 
TYR HD1  H N N 366 
TYR HD2  H N N 367 
TYR HE1  H N N 368 
TYR HE2  H N N 369 
TYR HH   H N N 370 
TYR HXT  H N N 371 
VAL N    N N N 372 
VAL CA   C N S 373 
VAL C    C N N 374 
VAL O    O N N 375 
VAL CB   C N N 376 
VAL CG1  C N N 377 
VAL CG2  C N N 378 
VAL OXT  O N N 379 
VAL H    H N N 380 
VAL H2   H N N 381 
VAL HA   H N N 382 
VAL HB   H N N 383 
VAL HG11 H N N 384 
VAL HG12 H N N 385 
VAL HG13 H N N 386 
VAL HG21 H N N 387 
VAL HG22 H N N 388 
VAL HG23 H N N 389 
VAL HXT  H N N 390 
# 
loop_
_chem_comp_bond.comp_id 
_chem_comp_bond.atom_id_1 
_chem_comp_bond.atom_id_2 
_chem_comp_bond.value_order 
_chem_comp_bond.pdbx_aromatic_flag 
_chem_comp_bond.pdbx_stereo_config 
_chem_comp_bond.pdbx_ordinal 
ALA N   CA   sing N N 1   
ALA N   H    sing N N 2   
ALA N   H2   sing N N 3   
ALA CA  C    sing N N 4   
ALA CA  CB   sing N N 5   
ALA CA  HA   sing N N 6   
ALA C   O    doub N N 7   
ALA C   OXT  sing N N 8   
ALA CB  HB1  sing N N 9   
ALA CB  HB2  sing N N 10  
ALA CB  HB3  sing N N 11  
ALA OXT HXT  sing N N 12  
ARG N   CA   sing N N 13  
ARG N   H    sing N N 14  
ARG N   H2   sing N N 15  
ARG CA  C    sing N N 16  
ARG CA  CB   sing N N 17  
ARG CA  HA   sing N N 18  
ARG C   O    doub N N 19  
ARG C   OXT  sing N N 20  
ARG CB  CG   sing N N 21  
ARG CB  HB2  sing N N 22  
ARG CB  HB3  sing N N 23  
ARG CG  CD   sing N N 24  
ARG CG  HG2  sing N N 25  
ARG CG  HG3  sing N N 26  
ARG CD  NE   sing N N 27  
ARG CD  HD2  sing N N 28  
ARG CD  HD3  sing N N 29  
ARG NE  CZ   sing N N 30  
ARG NE  HE   sing N N 31  
ARG CZ  NH1  sing N N 32  
ARG CZ  NH2  doub N N 33  
ARG NH1 HH11 sing N N 34  
ARG NH1 HH12 sing N N 35  
ARG NH2 HH21 sing N N 36  
ARG NH2 HH22 sing N N 37  
ARG OXT HXT  sing N N 38  
ASN N   CA   sing N N 39  
ASN N   H    sing N N 40  
ASN N   H2   sing N N 41  
ASN CA  C    sing N N 42  
ASN CA  CB   sing N N 43  
ASN CA  HA   sing N N 44  
ASN C   O    doub N N 45  
ASN C   OXT  sing N N 46  
ASN CB  CG   sing N N 47  
ASN CB  HB2  sing N N 48  
ASN CB  HB3  sing N N 49  
ASN CG  OD1  doub N N 50  
ASN CG  ND2  sing N N 51  
ASN ND2 HD21 sing N N 52  
ASN ND2 HD22 sing N N 53  
ASN OXT HXT  sing N N 54  
ASP N   CA   sing N N 55  
ASP N   H    sing N N 56  
ASP N   H2   sing N N 57  
ASP CA  C    sing N N 58  
ASP CA  CB   sing N N 59  
ASP CA  HA   sing N N 60  
ASP C   O    doub N N 61  
ASP C   OXT  sing N N 62  
ASP CB  CG   sing N N 63  
ASP CB  HB2  sing N N 64  
ASP CB  HB3  sing N N 65  
ASP CG  OD1  doub N N 66  
ASP CG  OD2  sing N N 67  
ASP OD2 HD2  sing N N 68  
ASP OXT HXT  sing N N 69  
CYS N   CA   sing N N 70  
CYS N   H    sing N N 71  
CYS N   H2   sing N N 72  
CYS CA  C    sing N N 73  
CYS CA  CB   sing N N 74  
CYS CA  HA   sing N N 75  
CYS C   O    doub N N 76  
CYS C   OXT  sing N N 77  
CYS CB  SG   sing N N 78  
CYS CB  HB2  sing N N 79  
CYS CB  HB3  sing N N 80  
CYS SG  HG   sing N N 81  
CYS OXT HXT  sing N N 82  
GLN N   CA   sing N N 83  
GLN N   H    sing N N 84  
GLN N   H2   sing N N 85  
GLN CA  C    sing N N 86  
GLN CA  CB   sing N N 87  
GLN CA  HA   sing N N 88  
GLN C   O    doub N N 89  
GLN C   OXT  sing N N 90  
GLN CB  CG   sing N N 91  
GLN CB  HB2  sing N N 92  
GLN CB  HB3  sing N N 93  
GLN CG  CD   sing N N 94  
GLN CG  HG2  sing N N 95  
GLN CG  HG3  sing N N 96  
GLN CD  OE1  doub N N 97  
GLN CD  NE2  sing N N 98  
GLN NE2 HE21 sing N N 99  
GLN NE2 HE22 sing N N 100 
GLN OXT HXT  sing N N 101 
GLU N   CA   sing N N 102 
GLU N   H    sing N N 103 
GLU N   H2   sing N N 104 
GLU CA  C    sing N N 105 
GLU CA  CB   sing N N 106 
GLU CA  HA   sing N N 107 
GLU C   O    doub N N 108 
GLU C   OXT  sing N N 109 
GLU CB  CG   sing N N 110 
GLU CB  HB2  sing N N 111 
GLU CB  HB3  sing N N 112 
GLU CG  CD   sing N N 113 
GLU CG  HG2  sing N N 114 
GLU CG  HG3  sing N N 115 
GLU CD  OE1  doub N N 116 
GLU CD  OE2  sing N N 117 
GLU OE2 HE2  sing N N 118 
GLU OXT HXT  sing N N 119 
GLY N   CA   sing N N 120 
GLY N   H    sing N N 121 
GLY N   H2   sing N N 122 
GLY CA  C    sing N N 123 
GLY CA  HA2  sing N N 124 
GLY CA  HA3  sing N N 125 
GLY C   O    doub N N 126 
GLY C   OXT  sing N N 127 
GLY OXT HXT  sing N N 128 
HIS N   CA   sing N N 129 
HIS N   H    sing N N 130 
HIS N   H2   sing N N 131 
HIS CA  C    sing N N 132 
HIS CA  CB   sing N N 133 
HIS CA  HA   sing N N 134 
HIS C   O    doub N N 135 
HIS C   OXT  sing N N 136 
HIS CB  CG   sing N N 137 
HIS CB  HB2  sing N N 138 
HIS CB  HB3  sing N N 139 
HIS CG  ND1  sing Y N 140 
HIS CG  CD2  doub Y N 141 
HIS ND1 CE1  doub Y N 142 
HIS ND1 HD1  sing N N 143 
HIS CD2 NE2  sing Y N 144 
HIS CD2 HD2  sing N N 145 
HIS CE1 NE2  sing Y N 146 
HIS CE1 HE1  sing N N 147 
HIS NE2 HE2  sing N N 148 
HIS OXT HXT  sing N N 149 
HOH O   H1   sing N N 150 
HOH O   H2   sing N N 151 
ILE N   CA   sing N N 152 
ILE N   H    sing N N 153 
ILE N   H2   sing N N 154 
ILE CA  C    sing N N 155 
ILE CA  CB   sing N N 156 
ILE CA  HA   sing N N 157 
ILE C   O    doub N N 158 
ILE C   OXT  sing N N 159 
ILE CB  CG1  sing N N 160 
ILE CB  CG2  sing N N 161 
ILE CB  HB   sing N N 162 
ILE CG1 CD1  sing N N 163 
ILE CG1 HG12 sing N N 164 
ILE CG1 HG13 sing N N 165 
ILE CG2 HG21 sing N N 166 
ILE CG2 HG22 sing N N 167 
ILE CG2 HG23 sing N N 168 
ILE CD1 HD11 sing N N 169 
ILE CD1 HD12 sing N N 170 
ILE CD1 HD13 sing N N 171 
ILE OXT HXT  sing N N 172 
LEU N   CA   sing N N 173 
LEU N   H    sing N N 174 
LEU N   H2   sing N N 175 
LEU CA  C    sing N N 176 
LEU CA  CB   sing N N 177 
LEU CA  HA   sing N N 178 
LEU C   O    doub N N 179 
LEU C   OXT  sing N N 180 
LEU CB  CG   sing N N 181 
LEU CB  HB2  sing N N 182 
LEU CB  HB3  sing N N 183 
LEU CG  CD1  sing N N 184 
LEU CG  CD2  sing N N 185 
LEU CG  HG   sing N N 186 
LEU CD1 HD11 sing N N 187 
LEU CD1 HD12 sing N N 188 
LEU CD1 HD13 sing N N 189 
LEU CD2 HD21 sing N N 190 
LEU CD2 HD22 sing N N 191 
LEU CD2 HD23 sing N N 192 
LEU OXT HXT  sing N N 193 
LYS N   CA   sing N N 194 
LYS N   H    sing N N 195 
LYS N   H2   sing N N 196 
LYS CA  C    sing N N 197 
LYS CA  CB   sing N N 198 
LYS CA  HA   sing N N 199 
LYS C   O    doub N N 200 
LYS C   OXT  sing N N 201 
LYS CB  CG   sing N N 202 
LYS CB  HB2  sing N N 203 
LYS CB  HB3  sing N N 204 
LYS CG  CD   sing N N 205 
LYS CG  HG2  sing N N 206 
LYS CG  HG3  sing N N 207 
LYS CD  CE   sing N N 208 
LYS CD  HD2  sing N N 209 
LYS CD  HD3  sing N N 210 
LYS CE  NZ   sing N N 211 
LYS CE  HE2  sing N N 212 
LYS CE  HE3  sing N N 213 
LYS NZ  HZ1  sing N N 214 
LYS NZ  HZ2  sing N N 215 
LYS NZ  HZ3  sing N N 216 
LYS OXT HXT  sing N N 217 
MET N   CA   sing N N 218 
MET N   H    sing N N 219 
MET N   H2   sing N N 220 
MET CA  C    sing N N 221 
MET CA  CB   sing N N 222 
MET CA  HA   sing N N 223 
MET C   O    doub N N 224 
MET C   OXT  sing N N 225 
MET CB  CG   sing N N 226 
MET CB  HB2  sing N N 227 
MET CB  HB3  sing N N 228 
MET CG  SD   sing N N 229 
MET CG  HG2  sing N N 230 
MET CG  HG3  sing N N 231 
MET SD  CE   sing N N 232 
MET CE  HE1  sing N N 233 
MET CE  HE2  sing N N 234 
MET CE  HE3  sing N N 235 
MET OXT HXT  sing N N 236 
PHE N   CA   sing N N 237 
PHE N   H    sing N N 238 
PHE N   H2   sing N N 239 
PHE CA  C    sing N N 240 
PHE CA  CB   sing N N 241 
PHE CA  HA   sing N N 242 
PHE C   O    doub N N 243 
PHE C   OXT  sing N N 244 
PHE CB  CG   sing N N 245 
PHE CB  HB2  sing N N 246 
PHE CB  HB3  sing N N 247 
PHE CG  CD1  doub Y N 248 
PHE CG  CD2  sing Y N 249 
PHE CD1 CE1  sing Y N 250 
PHE CD1 HD1  sing N N 251 
PHE CD2 CE2  doub Y N 252 
PHE CD2 HD2  sing N N 253 
PHE CE1 CZ   doub Y N 254 
PHE CE1 HE1  sing N N 255 
PHE CE2 CZ   sing Y N 256 
PHE CE2 HE2  sing N N 257 
PHE CZ  HZ   sing N N 258 
PHE OXT HXT  sing N N 259 
PRO N   CA   sing N N 260 
PRO N   CD   sing N N 261 
PRO N   H    sing N N 262 
PRO CA  C    sing N N 263 
PRO CA  CB   sing N N 264 
PRO CA  HA   sing N N 265 
PRO C   O    doub N N 266 
PRO C   OXT  sing N N 267 
PRO CB  CG   sing N N 268 
PRO CB  HB2  sing N N 269 
PRO CB  HB3  sing N N 270 
PRO CG  CD   sing N N 271 
PRO CG  HG2  sing N N 272 
PRO CG  HG3  sing N N 273 
PRO CD  HD2  sing N N 274 
PRO CD  HD3  sing N N 275 
PRO OXT HXT  sing N N 276 
SER N   CA   sing N N 277 
SER N   H    sing N N 278 
SER N   H2   sing N N 279 
SER CA  C    sing N N 280 
SER CA  CB   sing N N 281 
SER CA  HA   sing N N 282 
SER C   O    doub N N 283 
SER C   OXT  sing N N 284 
SER CB  OG   sing N N 285 
SER CB  HB2  sing N N 286 
SER CB  HB3  sing N N 287 
SER OG  HG   sing N N 288 
SER OXT HXT  sing N N 289 
THR N   CA   sing N N 290 
THR N   H    sing N N 291 
THR N   H2   sing N N 292 
THR CA  C    sing N N 293 
THR CA  CB   sing N N 294 
THR CA  HA   sing N N 295 
THR C   O    doub N N 296 
THR C   OXT  sing N N 297 
THR CB  OG1  sing N N 298 
THR CB  CG2  sing N N 299 
THR CB  HB   sing N N 300 
THR OG1 HG1  sing N N 301 
THR CG2 HG21 sing N N 302 
THR CG2 HG22 sing N N 303 
THR CG2 HG23 sing N N 304 
THR OXT HXT  sing N N 305 
TRP N   CA   sing N N 306 
TRP N   H    sing N N 307 
TRP N   H2   sing N N 308 
TRP CA  C    sing N N 309 
TRP CA  CB   sing N N 310 
TRP CA  HA   sing N N 311 
TRP C   O    doub N N 312 
TRP C   OXT  sing N N 313 
TRP CB  CG   sing N N 314 
TRP CB  HB2  sing N N 315 
TRP CB  HB3  sing N N 316 
TRP CG  CD1  doub Y N 317 
TRP CG  CD2  sing Y N 318 
TRP CD1 NE1  sing Y N 319 
TRP CD1 HD1  sing N N 320 
TRP CD2 CE2  doub Y N 321 
TRP CD2 CE3  sing Y N 322 
TRP NE1 CE2  sing Y N 323 
TRP NE1 HE1  sing N N 324 
TRP CE2 CZ2  sing Y N 325 
TRP CE3 CZ3  doub Y N 326 
TRP CE3 HE3  sing N N 327 
TRP CZ2 CH2  doub Y N 328 
TRP CZ2 HZ2  sing N N 329 
TRP CZ3 CH2  sing Y N 330 
TRP CZ3 HZ3  sing N N 331 
TRP CH2 HH2  sing N N 332 
TRP OXT HXT  sing N N 333 
TYR N   CA   sing N N 334 
TYR N   H    sing N N 335 
TYR N   H2   sing N N 336 
TYR CA  C    sing N N 337 
TYR CA  CB   sing N N 338 
TYR CA  HA   sing N N 339 
TYR C   O    doub N N 340 
TYR C   OXT  sing N N 341 
TYR CB  CG   sing N N 342 
TYR CB  HB2  sing N N 343 
TYR CB  HB3  sing N N 344 
TYR CG  CD1  doub Y N 345 
TYR CG  CD2  sing Y N 346 
TYR CD1 CE1  sing Y N 347 
TYR CD1 HD1  sing N N 348 
TYR CD2 CE2  doub Y N 349 
TYR CD2 HD2  sing N N 350 
TYR CE1 CZ   doub Y N 351 
TYR CE1 HE1  sing N N 352 
TYR CE2 CZ   sing Y N 353 
TYR CE2 HE2  sing N N 354 
TYR CZ  OH   sing N N 355 
TYR OH  HH   sing N N 356 
TYR OXT HXT  sing N N 357 
VAL N   CA   sing N N 358 
VAL N   H    sing N N 359 
VAL N   H2   sing N N 360 
VAL CA  C    sing N N 361 
VAL CA  CB   sing N N 362 
VAL CA  HA   sing N N 363 
VAL C   O    doub N N 364 
VAL C   OXT  sing N N 365 
VAL CB  CG1  sing N N 366 
VAL CB  CG2  sing N N 367 
VAL CB  HB   sing N N 368 
VAL CG1 HG11 sing N N 369 
VAL CG1 HG12 sing N N 370 
VAL CG1 HG13 sing N N 371 
VAL CG2 HG21 sing N N 372 
VAL CG2 HG22 sing N N 373 
VAL CG2 HG23 sing N N 374 
VAL OXT HXT  sing N N 375 
# 
_atom_sites.entry_id                    3QD7 
_atom_sites.fract_transf_matrix[1][1]   0.00720616 
_atom_sites.fract_transf_matrix[1][2]   -0.00657764 
_atom_sites.fract_transf_matrix[1][3]   -0.00379551 
_atom_sites.fract_transf_matrix[2][1]   -0.01818278 
_atom_sites.fract_transf_matrix[2][2]   -0.00794997 
_atom_sites.fract_transf_matrix[2][3]   -0.02074449 
_atom_sites.fract_transf_matrix[3][1]   0.00868856 
_atom_sites.fract_transf_matrix[3][2]   0.01786357 
_atom_sites.fract_transf_matrix[3][3]   -0.01446152 
_atom_sites.fract_transf_vector[1]      0.139024 
_atom_sites.fract_transf_vector[2]      0.160261 
_atom_sites.fract_transf_vector[3]      0.253383 
# 
loop_
_atom_type.symbol 
C 
N 
O 
S 
# 
loop_
_atom_site.group_PDB 
_atom_site.id 
_atom_site.type_symbol 
_atom_site.label_atom_id 
_atom_site.label_alt_id 
_atom_site.label_comp_id 
_atom_site.label_asym_id 
_atom_site.label_entity_id 
_atom_site.label_seq_id 
_atom_site.pdbx_PDB_ins_code 
_atom_site.Cartn_x 
_atom_site.Cartn_y 
_atom_site.Cartn_z 
_atom_site.occupancy 
_atom_site.B_iso_or_equiv 
_atom_site.pdbx_formal_charge 
_atom_site.auth_seq_id 
_atom_site.auth_comp_id 
_atom_site.auth_asym_id 
_atom_site.auth_atom_id 
_atom_site.pdbx_PDB_model_num 
ATOM   1    N N   . ASP A 1 2   ? -4.730  -1.440  -19.181 1.00 50.00 ? 40  ASP X N   1 
ATOM   2    C CA  . ASP A 1 2   ? -5.745  -2.442  -18.790 1.00 50.00 ? 40  ASP X CA  1 
ATOM   3    C C   . ASP A 1 2   ? -5.798  -2.608  -17.272 1.00 50.00 ? 40  ASP X C   1 
ATOM   4    O O   . ASP A 1 2   ? -4.889  -3.188  -16.643 1.00 50.00 ? 40  ASP X O   1 
ATOM   5    C CB  . ASP A 1 2   ? -5.447  -3.765  -19.474 1.00 50.00 ? 40  ASP X CB  1 
ATOM   6    C CG  . ASP A 1 2   ? -4.877  -3.569  -20.858 1.00 50.00 ? 40  ASP X CG  1 
ATOM   7    O OD1 . ASP A 1 2   ? -5.541  -3.950  -21.855 1.00 50.00 ? 40  ASP X OD1 1 
ATOM   8    O OD2 . ASP A 1 2   ? -3.763  -3.007  -20.939 1.00 50.00 ? 40  ASP X OD2 1 
ATOM   9    N N   . THR A 1 3   ? -6.846  -2.029  -16.688 1.00 64.41 ? 41  THR X N   1 
ATOM   10   C CA  . THR A 1 3   ? -7.284  -2.404  -15.353 1.00 63.33 ? 41  THR X CA  1 
ATOM   11   C C   . THR A 1 3   ? -8.371  -3.485  -15.507 1.00 66.19 ? 41  THR X C   1 
ATOM   12   O O   . THR A 1 3   ? -9.354  -3.534  -14.749 1.00 69.82 ? 41  THR X O   1 
ATOM   13   C CB  . THR A 1 3   ? -7.734  -1.192  -14.485 1.00 57.84 ? 41  THR X CB  1 
ATOM   14   O OG1 . THR A 1 3   ? -8.369  -1.679  -13.295 1.00 65.03 ? 41  THR X OG1 1 
ATOM   15   C CG2 . THR A 1 3   ? -8.698  -0.263  -15.240 1.00 71.97 ? 41  THR X CG2 1 
ATOM   16   N N   . LEU A 1 4   ? -8.186  -4.329  -16.529 1.00 45.13 ? 42  LEU X N   1 
ATOM   17   C CA  . LEU A 1 4   ? -8.885  -5.603  -16.606 1.00 38.37 ? 42  LEU X CA  1 
ATOM   18   C C   . LEU A 1 4   ? -8.284  -6.528  -15.573 1.00 35.26 ? 42  LEU X C   1 
ATOM   19   O O   . LEU A 1 4   ? -7.066  -6.616  -15.412 1.00 32.53 ? 42  LEU X O   1 
ATOM   20   C CB  . LEU A 1 4   ? -8.792  -6.222  -17.997 1.00 34.68 ? 42  LEU X CB  1 
ATOM   21   C CG  . LEU A 1 4   ? -9.674  -5.630  -19.110 1.00 38.04 ? 42  LEU X CG  1 
ATOM   22   C CD1 . LEU A 1 4   ? -9.822  -6.647  -20.231 1.00 35.47 ? 42  LEU X CD1 1 
ATOM   23   C CD2 . LEU A 1 4   ? -11.060 -5.159  -18.610 1.00 36.74 ? 42  LEU X CD2 1 
ATOM   24   N N   . GLN A 1 5   ? -9.164  -7.220  -14.872 1.00 30.92 ? 43  GLN X N   1 
ATOM   25   C CA  . GLN A 1 5   ? -8.761  -8.094  -13.807 1.00 33.55 ? 43  GLN X CA  1 
ATOM   26   C C   . GLN A 1 5   ? -8.061  -9.359  -14.292 1.00 32.65 ? 43  GLN X C   1 
ATOM   27   O O   . GLN A 1 5   ? -7.353  -10.004 -13.516 1.00 30.30 ? 43  GLN X O   1 
ATOM   28   C CB  . GLN A 1 5   ? -9.950  -8.365  -12.879 1.00 37.00 ? 43  GLN X CB  1 
ATOM   29   C CG  . GLN A 1 5   ? -10.440 -7.054  -12.177 1.00 35.09 ? 43  GLN X CG  1 
ATOM   30   C CD  . GLN A 1 5   ? -9.394  -6.458  -11.223 1.00 38.99 ? 43  GLN X CD  1 
ATOM   31   O OE1 . GLN A 1 5   ? -8.566  -7.188  -10.652 1.00 35.83 ? 43  GLN X OE1 1 
ATOM   32   N NE2 . GLN A 1 5   ? -9.441  -5.132  -11.031 1.00 38.12 ? 43  GLN X NE2 1 
ATOM   33   N N   . LEU A 1 6   ? -8.196  -9.702  -15.573 1.00 29.97 ? 44  LEU X N   1 
ATOM   34   C CA  . LEU A 1 6   ? -7.357  -10.789 -16.092 1.00 32.02 ? 44  LEU X CA  1 
ATOM   35   C C   . LEU A 1 6   ? -5.859  -10.456 -16.072 1.00 29.23 ? 44  LEU X C   1 
ATOM   36   O O   . LEU A 1 6   ? -5.029  -11.365 -16.088 1.00 31.94 ? 44  LEU X O   1 
ATOM   37   C CB  . LEU A 1 6   ? -7.835  -11.335 -17.444 1.00 37.15 ? 44  LEU X CB  1 
ATOM   38   C CG  . LEU A 1 6   ? -8.219  -10.461 -18.627 1.00 36.57 ? 44  LEU X CG  1 
ATOM   39   C CD1 . LEU A 1 6   ? -7.025  -10.050 -19.441 1.00 39.92 ? 44  LEU X CD1 1 
ATOM   40   C CD2 . LEU A 1 6   ? -9.180  -11.262 -19.483 1.00 30.76 ? 44  LEU X CD2 1 
ATOM   41   N N   . ASP A 1 7   ? -5.525  -9.163  -15.988 1.00 27.83 ? 45  ASP X N   1 
ATOM   42   C CA  . ASP A 1 7   ? -4.125  -8.674  -15.863 1.00 31.10 ? 45  ASP X CA  1 
ATOM   43   C C   . ASP A 1 7   ? -3.616  -8.515  -14.419 1.00 30.85 ? 45  ASP X C   1 
ATOM   44   O O   . ASP A 1 7   ? -2.448  -8.172  -14.207 1.00 28.21 ? 45  ASP X O   1 
ATOM   45   C CB  . ASP A 1 7   ? -3.970  -7.326  -16.562 1.00 32.02 ? 45  ASP X CB  1 
ATOM   46   C CG  . ASP A 1 7   ? -4.248  -7.406  -18.045 1.00 36.50 ? 45  ASP X CG  1 
ATOM   47   O OD1 . ASP A 1 7   ? -3.721  -8.320  -18.714 1.00 38.37 ? 45  ASP X OD1 1 
ATOM   48   O OD2 . ASP A 1 7   ? -4.990  -6.546  -18.538 1.00 37.39 ? 45  ASP X OD2 1 
ATOM   49   N N   . ASN A 1 8   ? -4.496  -8.755  -13.449 1.00 26.06 ? 46  ASN X N   1 
ATOM   50   C CA  . ASN A 1 8   ? -4.194  -8.602  -12.028 1.00 24.16 ? 46  ASN X CA  1 
ATOM   51   C C   . ASN A 1 8   ? -3.217  -9.652  -11.544 1.00 21.34 ? 46  ASN X C   1 
ATOM   52   O O   . ASN A 1 8   ? -3.599  -10.766 -11.194 1.00 22.48 ? 46  ASN X O   1 
ATOM   53   C CB  . ASN A 1 8   ? -5.480  -8.618  -11.173 1.00 23.71 ? 46  ASN X CB  1 
ATOM   54   C CG  . ASN A 1 8   ? -5.250  -8.073  -9.755  1.00 26.91 ? 46  ASN X CG  1 
ATOM   55   O OD1 . ASN A 1 8   ? -4.165  -8.233  -9.192  1.00 22.93 ? 46  ASN X OD1 1 
ATOM   56   N ND2 . ASN A 1 8   ? -6.271  -7.425  -9.181  1.00 20.02 ? 46  ASN X ND2 1 
ATOM   57   N N   . PHE A 1 9   ? -1.949  -9.263  -11.498 1.00 21.74 ? 47  PHE X N   1 
ATOM   58   C CA  . PHE A 1 9   ? -0.858  -10.160 -11.115 1.00 24.28 ? 47  PHE X CA  1 
ATOM   59   C C   . PHE A 1 9   ? -0.632  -10.282 -9.610  1.00 23.84 ? 47  PHE X C   1 
ATOM   60   O O   . PHE A 1 9   ? 0.238   -11.042 -9.170  1.00 30.42 ? 47  PHE X O   1 
ATOM   61   C CB  . PHE A 1 9   ? 0.454   -9.736  -11.810 1.00 23.98 ? 47  PHE X CB  1 
ATOM   62   C CG  . PHE A 1 9   ? 0.771   -8.267  -11.686 1.00 22.99 ? 47  PHE X CG  1 
ATOM   63   C CD1 . PHE A 1 9   ? 0.687   -7.445  -12.806 1.00 19.84 ? 47  PHE X CD1 1 
ATOM   64   C CD2 . PHE A 1 9   ? 1.175   -7.708  -10.447 1.00 23.59 ? 47  PHE X CD2 1 
ATOM   65   C CE1 . PHE A 1 9   ? 0.979   -6.075  -12.712 1.00 23.36 ? 47  PHE X CE1 1 
ATOM   66   C CE2 . PHE A 1 9   ? 1.480   -6.339  -10.338 1.00 21.67 ? 47  PHE X CE2 1 
ATOM   67   C CZ  . PHE A 1 9   ? 1.365   -5.515  -11.480 1.00 21.91 ? 47  PHE X CZ  1 
ATOM   68   N N   . LEU A 1 10  ? -1.391  -9.544  -8.815  1.00 22.16 ? 48  LEU X N   1 
ATOM   69   C CA  . LEU A 1 10  ? -1.280  -9.641  -7.348  1.00 23.74 ? 48  LEU X CA  1 
ATOM   70   C C   . LEU A 1 10  ? -1.584  -11.070 -6.850  1.00 24.59 ? 48  LEU X C   1 
ATOM   71   O O   . LEU A 1 10  ? -2.582  -11.683 -7.251  1.00 23.90 ? 48  LEU X O   1 
ATOM   72   C CB  . LEU A 1 10  ? -2.195  -8.607  -6.676  1.00 16.21 ? 48  LEU X CB  1 
ATOM   73   C CG  . LEU A 1 10  ? -1.943  -7.145  -7.108  1.00 19.25 ? 48  LEU X CG  1 
ATOM   74   C CD1 . LEU A 1 10  ? -2.675  -6.182  -6.239  1.00 17.22 ? 48  LEU X CD1 1 
ATOM   75   C CD2 . LEU A 1 10  ? -0.451  -6.801  -7.068  1.00 19.18 ? 48  LEU X CD2 1 
ATOM   76   N N   . THR A 1 11  ? -0.730  -11.590 -5.973  1.00 24.77 ? 49  THR X N   1 
ATOM   77   C CA  . THR A 1 11  ? -0.795  -13.006 -5.605  1.00 31.50 ? 49  THR X CA  1 
ATOM   78   C C   . THR A 1 11  ? -1.360  -13.181 -4.201  1.00 32.88 ? 49  THR X C   1 
ATOM   79   O O   . THR A 1 11  ? -1.229  -12.299 -3.347  1.00 29.86 ? 49  THR X O   1 
ATOM   80   C CB  . THR A 1 11  ? 0.605   -13.725 -5.692  1.00 33.52 ? 49  THR X CB  1 
ATOM   81   O OG1 . THR A 1 11  ? 1.502   -13.152 -4.739  1.00 31.56 ? 49  THR X OG1 1 
ATOM   82   C CG2 . THR A 1 11  ? 1.215   -13.651 -7.120  1.00 30.53 ? 49  THR X CG2 1 
ATOM   83   N N   . THR A 1 12  ? -1.998  -14.318 -3.976  1.00 32.33 ? 50  THR X N   1 
ATOM   84   C CA  . THR A 1 12  ? -2.479  -14.671 -2.656  1.00 39.00 ? 50  THR X CA  1 
ATOM   85   C C   . THR A 1 12  ? -1.809  -15.980 -2.282  1.00 44.21 ? 50  THR X C   1 
ATOM   86   O O   . THR A 1 12  ? -1.050  -16.546 -3.070  1.00 46.76 ? 50  THR X O   1 
ATOM   87   C CB  . THR A 1 12  ? -4.011  -14.839 -2.618  1.00 39.58 ? 50  THR X CB  1 
ATOM   88   O OG1 . THR A 1 12  ? -4.390  -15.882 -3.513  1.00 34.94 ? 50  THR X OG1 1 
ATOM   89   C CG2 . THR A 1 12  ? -4.717  -13.570 -3.035  1.00 41.42 ? 50  THR X CG2 1 
ATOM   90   N N   . GLY A 1 13  ? -2.074  -16.463 -1.081  1.00 43.13 ? 51  GLY X N   1 
ATOM   91   C CA  . GLY A 1 13  ? -1.636  -17.804 -0.731  1.00 44.17 ? 51  GLY X CA  1 
ATOM   92   C C   . GLY A 1 13  ? -0.269  -17.759 -0.110  1.00 40.85 ? 51  GLY X C   1 
ATOM   93   O O   . GLY A 1 13  ? 0.612   -17.028 -0.569  1.00 39.02 ? 51  GLY X O   1 
ATOM   94   N N   . PHE A 1 14  ? -0.097  -18.554 0.939   1.00 35.03 ? 52  PHE X N   1 
ATOM   95   C CA  . PHE A 1 14  ? 1.127   -18.526 1.747   1.00 41.23 ? 52  PHE X CA  1 
ATOM   96   C C   . PHE A 1 14  ? 1.390   -17.089 2.210   1.00 41.01 ? 52  PHE X C   1 
ATOM   97   O O   . PHE A 1 14  ? 2.537   -16.607 2.223   1.00 37.63 ? 52  PHE X O   1 
ATOM   98   C CB  . PHE A 1 14  ? 2.316   -19.145 0.993   1.00 36.21 ? 52  PHE X CB  1 
ATOM   99   C CG  . PHE A 1 14  ? 2.097   -20.589 0.603   1.00 38.71 ? 52  PHE X CG  1 
ATOM   100  C CD1 . PHE A 1 14  ? 2.552   -21.619 1.423   1.00 37.58 ? 52  PHE X CD1 1 
ATOM   101  C CD2 . PHE A 1 14  ? 1.412   -20.917 -0.564  1.00 41.58 ? 52  PHE X CD2 1 
ATOM   102  C CE1 . PHE A 1 14  ? 2.335   -22.946 1.077   1.00 36.27 ? 52  PHE X CE1 1 
ATOM   103  C CE2 . PHE A 1 14  ? 1.192   -22.246 -0.916  1.00 39.04 ? 52  PHE X CE2 1 
ATOM   104  C CZ  . PHE A 1 14  ? 1.656   -23.259 -0.097  1.00 36.95 ? 52  PHE X CZ  1 
ATOM   105  N N   . LEU A 1 15  ? 0.293   -16.417 2.578   1.00 32.38 ? 53  LEU X N   1 
ATOM   106  C CA  . LEU A 1 15  ? 0.365   -15.109 3.194   1.00 33.62 ? 53  LEU X CA  1 
ATOM   107  C C   . LEU A 1 15  ? 1.350   -15.187 4.343   1.00 32.22 ? 53  LEU X C   1 
ATOM   108  O O   . LEU A 1 15  ? 1.258   -16.072 5.201   1.00 27.07 ? 53  LEU X O   1 
ATOM   109  C CB  . LEU A 1 15  ? -0.998  -14.615 3.700   1.00 31.90 ? 53  LEU X CB  1 
ATOM   110  C CG  . LEU A 1 15  ? -0.968  -13.201 4.320   1.00 28.87 ? 53  LEU X CG  1 
ATOM   111  C CD1 . LEU A 1 15  ? -0.323  -12.192 3.378   1.00 22.34 ? 53  LEU X CD1 1 
ATOM   112  C CD2 . LEU A 1 15  ? -2.357  -12.747 4.721   1.00 23.56 ? 53  LEU X CD2 1 
ATOM   113  N N   . ASP A 1 16  ? 2.322   -14.288 4.288   1.00 54.44 ? 54  ASP X N   1 
ATOM   114  C CA  . ASP A 1 16  ? 3.247   -14.030 5.361   1.00 51.83 ? 54  ASP X CA  1 
ATOM   115  C C   . ASP A 1 16  ? 2.627   -12.935 6.253   1.00 47.58 ? 54  ASP X C   1 
ATOM   116  O O   . ASP A 1 16  ? 2.735   -11.741 5.954   1.00 48.53 ? 54  ASP X O   1 
ATOM   117  C CB  . ASP A 1 16  ? 4.634   -13.630 4.794   1.00 56.59 ? 54  ASP X CB  1 
ATOM   118  C CG  . ASP A 1 16  ? 4.575   -13.068 3.337   1.00 68.05 ? 54  ASP X CG  1 
ATOM   119  O OD1 . ASP A 1 16  ? 3.685   -13.464 2.528   1.00 69.22 ? 54  ASP X OD1 1 
ATOM   120  O OD2 . ASP A 1 16  ? 5.456   -12.236 2.981   1.00 78.14 ? 54  ASP X OD2 1 
ATOM   121  N N   . ILE A 1 17  ? 1.960   -13.360 7.331   1.00 27.33 ? 55  ILE X N   1 
ATOM   122  C CA  . ILE A 1 17  ? 1.234   -12.451 8.224   1.00 27.78 ? 55  ILE X CA  1 
ATOM   123  C C   . ILE A 1 17  ? 2.218   -11.599 8.992   1.00 29.66 ? 55  ILE X C   1 
ATOM   124  O O   . ILE A 1 17  ? 3.174   -12.122 9.570   1.00 26.27 ? 55  ILE X O   1 
ATOM   125  C CB  . ILE A 1 17  ? 0.285   -13.209 9.170   1.00 23.34 ? 55  ILE X CB  1 
ATOM   126  C CG1 . ILE A 1 17  ? -0.816  -13.872 8.337   1.00 31.78 ? 55  ILE X CG1 1 
ATOM   127  C CG2 . ILE A 1 17  ? -0.352  -12.263 10.202  1.00 23.77 ? 55  ILE X CG2 1 
ATOM   128  C CD1 . ILE A 1 17  ? -1.581  -14.973 9.066   1.00 35.92 ? 55  ILE X CD1 1 
ATOM   129  N N   . ILE A 1 18  ? 1.995   -10.286 8.974   1.00 22.97 ? 56  ILE X N   1 
ATOM   130  C CA  . ILE A 1 18  ? 2.881   -9.370  9.685   1.00 20.77 ? 56  ILE X CA  1 
ATOM   131  C C   . ILE A 1 18  ? 2.387   -9.116  11.117  1.00 25.40 ? 56  ILE X C   1 
ATOM   132  O O   . ILE A 1 18  ? 1.230   -8.712  11.330  1.00 24.55 ? 56  ILE X O   1 
ATOM   133  C CB  . ILE A 1 18  ? 3.118   -8.045  8.911   1.00 25.44 ? 56  ILE X CB  1 
ATOM   134  C CG1 . ILE A 1 18  ? 3.613   -8.340  7.496   1.00 29.67 ? 56  ILE X CG1 1 
ATOM   135  C CG2 . ILE A 1 18  ? 4.147   -7.128  9.644   1.00 24.35 ? 56  ILE X CG2 1 
ATOM   136  C CD1 . ILE A 1 18  ? 3.388   -7.198  6.582   1.00 27.08 ? 56  ILE X CD1 1 
ATOM   137  N N   . PRO A 1 19  ? 3.253   -9.392  12.106  1.00 27.74 ? 57  PRO X N   1 
ATOM   138  C CA  . PRO A 1 19  ? 2.873   -9.162  13.503  1.00 26.40 ? 57  PRO X CA  1 
ATOM   139  C C   . PRO A 1 19  ? 2.503   -7.708  13.726  1.00 26.27 ? 57  PRO X C   1 
ATOM   140  O O   . PRO A 1 19  ? 3.034   -6.839  13.042  1.00 31.15 ? 57  PRO X O   1 
ATOM   141  C CB  . PRO A 1 19  ? 4.143   -9.528  14.271  1.00 27.67 ? 57  PRO X CB  1 
ATOM   142  C CG  . PRO A 1 19  ? 4.780   -10.586 13.399  1.00 36.13 ? 57  PRO X CG  1 
ATOM   143  C CD  . PRO A 1 19  ? 4.515   -10.142 11.987  1.00 24.52 ? 57  PRO X CD  1 
ATOM   144  N N   . LEU A 1 20  ? 1.592   -7.448  14.667  1.00 22.08 ? 58  LEU X N   1 
ATOM   145  C CA  . LEU A 1 20  ? 1.145   -6.076  14.936  1.00 27.56 ? 58  LEU X CA  1 
ATOM   146  C C   . LEU A 1 20  ? 2.299   -5.198  15.426  1.00 29.39 ? 58  LEU X C   1 
ATOM   147  O O   . LEU A 1 20  ? 2.291   -3.976  15.249  1.00 29.73 ? 58  LEU X O   1 
ATOM   148  C CB  . LEU A 1 20  ? 0.006   -6.062  15.963  1.00 28.97 ? 58  LEU X CB  1 
ATOM   149  C CG  . LEU A 1 20  ? -1.332  -6.740  15.647  1.00 30.62 ? 58  LEU X CG  1 
ATOM   150  C CD1 . LEU A 1 20  ? -2.269  -6.546  16.855  1.00 26.78 ? 58  LEU X CD1 1 
ATOM   151  C CD2 . LEU A 1 20  ? -1.977  -6.230  14.352  1.00 22.46 ? 58  LEU X CD2 1 
ATOM   152  N N   . SER A 1 21  ? 3.289   -5.851  16.028  1.00 35.79 ? 59  SER X N   1 
ATOM   153  C CA  . SER A 1 21  ? 4.484   -5.191  16.539  1.00 37.45 ? 59  SER X CA  1 
ATOM   154  C C   . SER A 1 21  ? 5.447   -4.778  15.426  1.00 41.21 ? 59  SER X C   1 
ATOM   155  O O   . SER A 1 21  ? 6.360   -3.987  15.684  1.00 40.48 ? 59  SER X O   1 
ATOM   156  C CB  . SER A 1 21  ? 5.215   -6.096  17.546  1.00 36.52 ? 59  SER X CB  1 
ATOM   157  O OG  . SER A 1 21  ? 5.904   -7.154  16.882  1.00 38.56 ? 59  SER X OG  1 
ATOM   158  N N   . GLN A 1 22  ? 5.258   -5.313  14.209  1.00 31.72 ? 60  GLN X N   1 
ATOM   159  C CA  . GLN A 1 22  ? 6.045   -4.864  13.058  1.00 33.04 ? 60  GLN X CA  1 
ATOM   160  C C   . GLN A 1 22  ? 5.319   -3.809  12.200  1.00 30.34 ? 60  GLN X C   1 
ATOM   161  O O   . GLN A 1 22  ? 4.192   -4.040  11.740  1.00 30.44 ? 60  GLN X O   1 
ATOM   162  C CB  . GLN A 1 22  ? 6.529   -6.035  12.197  1.00 29.46 ? 60  GLN X CB  1 
ATOM   163  C CG  . GLN A 1 22  ? 7.584   -6.894  12.904  1.00 33.50 ? 60  GLN X CG  1 
ATOM   164  C CD  . GLN A 1 22  ? 8.020   -8.123  12.117  1.00 36.62 ? 60  GLN X CD  1 
ATOM   165  O OE1 . GLN A 1 22  ? 7.733   -8.274  10.914  1.00 36.76 ? 60  GLN X OE1 1 
ATOM   166  N NE2 . GLN A 1 22  ? 8.746   -9.012  12.801  1.00 43.14 ? 60  GLN X NE2 1 
ATOM   167  N N   . PRO A 1 23  ? 5.981   -2.662  11.968  1.00 28.67 ? 61  PRO X N   1 
ATOM   168  C CA  . PRO A 1 23  ? 5.446   -1.658  11.056  1.00 30.69 ? 61  PRO X CA  1 
ATOM   169  C C   . PRO A 1 23  ? 5.601   -2.140  9.630   1.00 29.60 ? 61  PRO X C   1 
ATOM   170  O O   . PRO A 1 23  ? 6.262   -3.155  9.387   1.00 33.62 ? 61  PRO X O   1 
ATOM   171  C CB  . PRO A 1 23  ? 6.366   -0.463  11.278  1.00 28.36 ? 61  PRO X CB  1 
ATOM   172  C CG  . PRO A 1 23  ? 7.680   -1.079  11.628  1.00 34.97 ? 61  PRO X CG  1 
ATOM   173  C CD  . PRO A 1 23  ? 7.322   -2.283  12.464  1.00 36.37 ? 61  PRO X CD  1 
ATOM   174  N N   . LEU A 1 24  ? 4.959   -1.428  8.716   1.00 26.53 ? 62  LEU X N   1 
ATOM   175  C CA  . LEU A 1 24  ? 5.116   -1.642  7.292   1.00 23.36 ? 62  LEU X CA  1 
ATOM   176  C C   . LEU A 1 24  ? 6.288   -0.781  6.880   1.00 26.20 ? 62  LEU X C   1 
ATOM   177  O O   . LEU A 1 24  ? 6.248   0.420   7.076   1.00 26.05 ? 62  LEU X O   1 
ATOM   178  C CB  . LEU A 1 24  ? 3.831   -1.233  6.532   1.00 24.30 ? 62  LEU X CB  1 
ATOM   179  C CG  . LEU A 1 24  ? 3.037   -2.348  5.869   1.00 27.18 ? 62  LEU X CG  1 
ATOM   180  C CD1 . LEU A 1 24  ? 2.832   -3.564  6.778   1.00 23.08 ? 62  LEU X CD1 1 
ATOM   181  C CD2 . LEU A 1 24  ? 1.732   -1.839  5.299   1.00 21.30 ? 62  LEU X CD2 1 
ATOM   182  N N   . GLU A 1 25  ? 7.338   -1.401  6.357   1.00 22.25 ? 63  GLU X N   1 
ATOM   183  C CA  . GLU A 1 25  ? 8.455   -0.686  5.772   1.00 22.13 ? 63  GLU X CA  1 
ATOM   184  C C   . GLU A 1 25  ? 9.091   -1.501  4.646   1.00 24.30 ? 63  GLU X C   1 
ATOM   185  O O   . GLU A 1 25  ? 9.289   -2.731  4.764   1.00 20.97 ? 63  GLU X O   1 
ATOM   186  C CB  . GLU A 1 25  ? 9.489   -0.342  6.824   1.00 24.63 ? 63  GLU X CB  1 
ATOM   187  C CG  . GLU A 1 25  ? 9.125   0.832   7.731   1.00 31.98 ? 63  GLU X CG  1 
ATOM   188  C CD  . GLU A 1 25  ? 10.174  1.064   8.799   1.00 35.60 ? 63  GLU X CD  1 
ATOM   189  O OE1 . GLU A 1 25  ? 11.105  0.223   8.875   1.00 34.45 ? 63  GLU X OE1 1 
ATOM   190  O OE2 . GLU A 1 25  ? 10.076  2.068   9.555   1.00 34.10 ? 63  GLU X OE2 1 
ATOM   191  N N   . PHE A 1 26  ? 9.383   -0.826  3.543   1.00 20.90 ? 64  PHE X N   1 
ATOM   192  C CA  . PHE A 1 26  ? 9.942   -1.481  2.367   1.00 23.02 ? 64  PHE X CA  1 
ATOM   193  C C   . PHE A 1 26  ? 10.659  -0.417  1.582   1.00 20.45 ? 64  PHE X C   1 
ATOM   194  O O   . PHE A 1 26  ? 10.129  0.682   1.405   1.00 18.19 ? 64  PHE X O   1 
ATOM   195  C CB  . PHE A 1 26  ? 8.833   -2.137  1.499   1.00 21.03 ? 64  PHE X CB  1 
ATOM   196  C CG  . PHE A 1 26  ? 9.314   -2.640  0.166   1.00 19.33 ? 64  PHE X CG  1 
ATOM   197  C CD1 . PHE A 1 26  ? 10.043  -3.816  0.068   1.00 18.49 ? 64  PHE X CD1 1 
ATOM   198  C CD2 . PHE A 1 26  ? 9.024   -1.948  -0.989  1.00 18.56 ? 64  PHE X CD2 1 
ATOM   199  C CE1 . PHE A 1 26  ? 10.517  -4.286  -1.183  1.00 21.83 ? 64  PHE X CE1 1 
ATOM   200  C CE2 . PHE A 1 26  ? 9.463   -2.397  -2.227  1.00 21.10 ? 64  PHE X CE2 1 
ATOM   201  C CZ  . PHE A 1 26  ? 10.228  -3.580  -2.321  1.00 21.06 ? 64  PHE X CZ  1 
ATOM   202  N N   . ARG A 1 27  ? 11.854  -0.751  1.100   1.00 20.15 ? 65  ARG X N   1 
ATOM   203  C CA  . ARG A 1 27  ? 12.613  0.142   0.255   1.00 23.26 ? 65  ARG X CA  1 
ATOM   204  C C   . ARG A 1 27  ? 13.393  -0.695  -0.760  1.00 24.67 ? 65  ARG X C   1 
ATOM   205  O O   . ARG A 1 27  ? 14.100  -1.632  -0.382  1.00 24.21 ? 65  ARG X O   1 
ATOM   206  C CB  . ARG A 1 27  ? 13.546  1.001   1.118   1.00 26.29 ? 65  ARG X CB  1 
ATOM   207  C CG  . ARG A 1 27  ? 14.412  1.993   0.351   1.00 30.57 ? 65  ARG X CG  1 
ATOM   208  C CD  . ARG A 1 27  ? 15.439  2.668   1.287   1.00 33.86 ? 65  ARG X CD  1 
ATOM   209  N NE  . ARG A 1 27  ? 16.269  1.683   1.990   1.00 32.89 ? 65  ARG X NE  1 
ATOM   210  C CZ  . ARG A 1 27  ? 16.651  1.783   3.262   1.00 36.38 ? 65  ARG X CZ  1 
ATOM   211  N NH1 . ARG A 1 27  ? 16.277  2.827   3.988   1.00 32.31 ? 65  ARG X NH1 1 
ATOM   212  N NH2 . ARG A 1 27  ? 17.403  0.831   3.810   1.00 39.69 ? 65  ARG X NH2 1 
ATOM   213  N N   . ARG A 1 28  ? 13.240  -0.371  -2.048  1.00 20.47 ? 66  ARG X N   1 
ATOM   214  C CA  . ARG A 1 28  ? 14.022  -1.040  -3.083  1.00 29.88 ? 66  ARG X CA  1 
ATOM   215  C C   . ARG A 1 28  ? 15.461  -0.552  -3.045  1.00 26.56 ? 66  ARG X C   1 
ATOM   216  O O   . ARG A 1 28  ? 15.721  0.579   -2.643  1.00 20.70 ? 66  ARG X O   1 
ATOM   217  C CB  . ARG A 1 28  ? 13.441  -0.794  -4.474  1.00 23.44 ? 66  ARG X CB  1 
ATOM   218  C CG  . ARG A 1 28  ? 12.144  -1.551  -4.680  1.00 31.32 ? 66  ARG X CG  1 
ATOM   219  C CD  . ARG A 1 28  ? 11.947  -2.001  -6.104  1.00 31.25 ? 66  ARG X CD  1 
ATOM   220  N NE  . ARG A 1 28  ? 10.520  -2.053  -6.369  1.00 30.32 ? 66  ARG X NE  1 
ATOM   221  C CZ  . ARG A 1 28  ? 9.775   -3.142  -6.249  1.00 27.88 ? 66  ARG X CZ  1 
ATOM   222  N NH1 . ARG A 1 28  ? 10.323  -4.304  -5.890  1.00 26.54 ? 66  ARG X NH1 1 
ATOM   223  N NH2 . ARG A 1 28  ? 8.482   -3.065  -6.496  1.00 24.31 ? 66  ARG X NH2 1 
ATOM   224  N N   . GLU A 1 29  ? 16.378  -1.433  -3.439  1.00 28.40 ? 67  GLU X N   1 
ATOM   225  C CA  . GLU A 1 29  ? 17.796  -1.101  -3.643  1.00 30.78 ? 67  GLU X CA  1 
ATOM   226  C C   . GLU A 1 29  ? 17.928  -0.144  -4.813  1.00 28.12 ? 67  GLU X C   1 
ATOM   227  O O   . GLU A 1 29  ? 17.164  -0.216  -5.772  1.00 22.61 ? 67  GLU X O   1 
ATOM   228  C CB  . GLU A 1 29  ? 18.611  -2.362  -3.990  1.00 31.06 ? 67  GLU X CB  1 
ATOM   229  C CG  . GLU A 1 29  ? 18.538  -3.509  -2.976  1.00 41.05 ? 67  GLU X CG  1 
ATOM   230  C CD  . GLU A 1 29  ? 17.190  -4.276  -2.978  1.00 52.37 ? 67  GLU X CD  1 
ATOM   231  O OE1 . GLU A 1 29  ? 16.477  -4.289  -4.024  1.00 49.72 ? 67  GLU X OE1 1 
ATOM   232  O OE2 . GLU A 1 29  ? 16.847  -4.863  -1.915  1.00 44.88 ? 67  GLU X OE2 1 
ATOM   233  N N   . GLY A 1 30  ? 18.906  0.744   -4.725  1.00 23.17 ? 68  GLY X N   1 
ATOM   234  C CA  . GLY A 1 30  ? 19.338  1.550   -5.858  1.00 21.93 ? 68  GLY X CA  1 
ATOM   235  C C   . GLY A 1 30  ? 18.536  2.801   -6.164  1.00 21.59 ? 68  GLY X C   1 
ATOM   236  O O   . GLY A 1 30  ? 18.639  3.328   -7.267  1.00 20.18 ? 68  GLY X O   1 
ATOM   237  N N   . LEU A 1 31  ? 17.749  3.270   -5.198  1.00 19.31 ? 69  LEU X N   1 
ATOM   238  C CA  . LEU A 1 31  ? 16.966  4.497   -5.305  1.00 18.86 ? 69  LEU X CA  1 
ATOM   239  C C   . LEU A 1 31  ? 17.805  5.751   -5.183  1.00 20.10 ? 69  LEU X C   1 
ATOM   240  O O   . LEU A 1 31  ? 18.834  5.745   -4.540  1.00 19.15 ? 69  LEU X O   1 
ATOM   241  C CB  . LEU A 1 31  ? 15.939  4.529   -4.169  1.00 18.43 ? 69  LEU X CB  1 
ATOM   242  C CG  . LEU A 1 31  ? 14.827  3.484   -4.185  1.00 20.12 ? 69  LEU X CG  1 
ATOM   243  C CD1 . LEU A 1 31  ? 13.901  3.770   -2.981  1.00 23.55 ? 69  LEU X CD1 1 
ATOM   244  C CD2 . LEU A 1 31  ? 14.059  3.523   -5.502  1.00 22.03 ? 69  LEU X CD2 1 
ATOM   245  N N   . GLN A 1 32  ? 17.311  6.851   -5.739  1.00 23.12 ? 70  GLN X N   1 
ATOM   246  C CA  . GLN A 1 32  ? 17.948  8.159   -5.612  1.00 21.71 ? 70  GLN X CA  1 
ATOM   247  C C   . GLN A 1 32  ? 17.872  8.689   -4.184  1.00 26.11 ? 70  GLN X C   1 
ATOM   248  O O   . GLN A 1 32  ? 16.865  8.474   -3.482  1.00 25.88 ? 70  GLN X O   1 
ATOM   249  C CB  . GLN A 1 32  ? 17.296  9.166   -6.559  1.00 24.54 ? 70  GLN X CB  1 
ATOM   250  C CG  . GLN A 1 32  ? 17.955  10.577  -6.528  1.00 28.89 ? 70  GLN X CG  1 
ATOM   251  C CD  . GLN A 1 32  ? 17.441  11.515  -7.615  1.00 37.50 ? 70  GLN X CD  1 
ATOM   252  O OE1 . GLN A 1 32  ? 16.548  11.156  -8.383  1.00 38.03 ? 70  GLN X OE1 1 
ATOM   253  N NE2 . GLN A 1 32  ? 18.004  12.731  -7.675  1.00 39.15 ? 70  GLN X NE2 1 
ATOM   254  N N   . HIS A 1 33  ? 18.921  9.401   -3.768  1.00 29.22 ? 71  HIS X N   1 
ATOM   255  C CA  . HIS A 1 33  ? 18.985  9.984   -2.438  1.00 33.63 ? 71  HIS X CA  1 
ATOM   256  C C   . HIS A 1 33  ? 17.696  10.612  -1.861  1.00 41.25 ? 71  HIS X C   1 
ATOM   257  O O   . HIS A 1 33  ? 17.404  10.449  -0.670  1.00 46.31 ? 71  HIS X O   1 
ATOM   258  C CB  . HIS A 1 33  ? 20.154  10.969  -2.321  1.00 31.20 ? 71  HIS X CB  1 
ATOM   259  C CG  . HIS A 1 33  ? 20.265  11.603  -0.972  1.00 36.16 ? 71  HIS X CG  1 
ATOM   260  N ND1 . HIS A 1 33  ? 20.437  10.870  0.181   1.00 41.99 ? 71  HIS X ND1 1 
ATOM   261  C CD2 . HIS A 1 33  ? 20.199  12.899  -0.590  1.00 40.73 ? 71  HIS X CD2 1 
ATOM   262  C CE1 . HIS A 1 33  ? 20.497  11.689  1.216   1.00 43.34 ? 71  HIS X CE1 1 
ATOM   263  N NE2 . HIS A 1 33  ? 20.347  12.926  0.774   1.00 45.21 ? 71  HIS X NE2 1 
ATOM   264  N N   . GLY A 1 34  ? 16.930  11.328  -2.666  1.00 37.02 ? 72  GLY X N   1 
ATOM   265  C CA  . GLY A 1 34  ? 15.733  12.006  -2.112  1.00 41.88 ? 72  GLY X CA  1 
ATOM   266  C C   . GLY A 1 34  ? 14.417  11.243  -1.932  1.00 44.31 ? 72  GLY X C   1 
ATOM   267  O O   . GLY A 1 34  ? 13.478  11.763  -1.308  1.00 38.25 ? 72  GLY X O   1 
ATOM   268  N N   . VAL A 1 35  ? 14.347  10.014  -2.460  1.00 36.42 ? 73  VAL X N   1 
ATOM   269  C CA  . VAL A 1 35  ? 13.074  9.272   -2.616  1.00 37.87 ? 73  VAL X CA  1 
ATOM   270  C C   . VAL A 1 35  ? 12.256  9.108   -1.318  1.00 40.46 ? 73  VAL X C   1 
ATOM   271  O O   . VAL A 1 35  ? 11.035  9.240   -1.314  1.00 42.95 ? 73  VAL X O   1 
ATOM   272  C CB  . VAL A 1 35  ? 13.287  7.895   -3.357  1.00 38.93 ? 73  VAL X CB  1 
ATOM   273  C CG1 . VAL A 1 35  ? 11.980  7.076   -3.418  1.00 39.44 ? 73  VAL X CG1 1 
ATOM   274  C CG2 . VAL A 1 35  ? 13.840  8.123   -4.780  1.00 32.22 ? 73  VAL X CG2 1 
ATOM   275  N N   . LEU A 1 36  ? 12.956  8.882   -0.216  1.00 43.95 ? 74  LEU X N   1 
ATOM   276  C CA  . LEU A 1 36  ? 12.335  8.542   1.045   1.00 39.30 ? 74  LEU X CA  1 
ATOM   277  C C   . LEU A 1 36  ? 11.670  9.722   1.767   1.00 50.72 ? 74  LEU X C   1 
ATOM   278  O O   . LEU A 1 36  ? 10.688  9.543   2.506   1.00 46.51 ? 74  LEU X O   1 
ATOM   279  C CB  . LEU A 1 36  ? 13.354  7.802   1.908   1.00 49.15 ? 74  LEU X CB  1 
ATOM   280  C CG  . LEU A 1 36  ? 13.750  6.423   1.327   1.00 54.01 ? 74  LEU X CG  1 
ATOM   281  C CD1 . LEU A 1 36  ? 12.510  5.562   1.073   1.00 44.01 ? 74  LEU X CD1 1 
ATOM   282  C CD2 . LEU A 1 36  ? 14.628  6.484   0.043   1.00 58.46 ? 74  LEU X CD2 1 
ATOM   283  N N   . ASP A 1 37  ? 12.203  10.922  1.546   1.00 62.45 ? 75  ASP X N   1 
ATOM   284  C CA  . ASP A 1 37  ? 11.573  12.159  2.011   1.00 57.34 ? 75  ASP X CA  1 
ATOM   285  C C   . ASP A 1 37  ? 10.252  12.396  1.304   1.00 59.07 ? 75  ASP X C   1 
ATOM   286  O O   . ASP A 1 37  ? 9.357   13.052  1.834   1.00 58.53 ? 75  ASP X O   1 
ATOM   287  C CB  . ASP A 1 37  ? 12.500  13.360  1.798   1.00 67.23 ? 75  ASP X CB  1 
ATOM   288  C CG  . ASP A 1 37  ? 13.014  13.944  3.110   1.00 71.72 ? 75  ASP X CG  1 
ATOM   289  O OD1 . ASP A 1 37  ? 13.266  13.174  4.067   1.00 73.55 ? 75  ASP X OD1 1 
ATOM   290  O OD2 . ASP A 1 37  ? 13.150  15.184  3.189   1.00 70.59 ? 75  ASP X OD2 1 
ATOM   291  N N   . LYS A 1 38  ? 10.146  11.857  0.094   1.00 50.02 ? 76  LYS X N   1 
ATOM   292  C CA  . LYS A 1 38  ? 8.891   11.813  -0.652  1.00 42.69 ? 76  LYS X CA  1 
ATOM   293  C C   . LYS A 1 38  ? 7.790   11.146  0.162   1.00 39.91 ? 76  LYS X C   1 
ATOM   294  O O   . LYS A 1 38  ? 6.620   11.515  0.049   1.00 41.83 ? 76  LYS X O   1 
ATOM   295  C CB  . LYS A 1 38  ? 9.116   11.064  -1.978  1.00 46.65 ? 76  LYS X CB  1 
ATOM   296  C CG  . LYS A 1 38  ? 8.126   11.373  -3.069  1.00 37.02 ? 76  LYS X CG  1 
ATOM   297  C CD  . LYS A 1 38  ? 8.599   10.819  -4.402  1.00 34.27 ? 76  LYS X CD  1 
ATOM   298  C CE  . LYS A 1 38  ? 8.291   9.350   -4.528  1.00 27.34 ? 76  LYS X CE  1 
ATOM   299  N NZ  . LYS A 1 38  ? 8.159   8.899   -5.942  1.00 21.71 ? 76  LYS X NZ  1 
ATOM   300  N N   . LEU A 1 39  ? 8.164   10.169  0.988   1.00 43.85 ? 77  LEU X N   1 
ATOM   301  C CA  . LEU A 1 39  ? 7.209   9.443   1.816   1.00 38.98 ? 77  LEU X CA  1 
ATOM   302  C C   . LEU A 1 39  ? 6.718   10.293  2.963   1.00 46.89 ? 77  LEU X C   1 
ATOM   303  O O   . LEU A 1 39  ? 5.523   10.276  3.278   1.00 41.62 ? 77  LEU X O   1 
ATOM   304  C CB  . LEU A 1 39  ? 7.818   8.161   2.388   1.00 36.99 ? 77  LEU X CB  1 
ATOM   305  C CG  . LEU A 1 39  ? 8.090   6.949   1.493   1.00 37.83 ? 77  LEU X CG  1 
ATOM   306  C CD1 . LEU A 1 39  ? 8.749   5.809   2.273   1.00 36.34 ? 77  LEU X CD1 1 
ATOM   307  C CD2 . LEU A 1 39  ? 6.813   6.473   0.869   1.00 31.01 ? 77  LEU X CD2 1 
ATOM   308  N N   . ARG A 1 40  ? 7.647   11.026  3.584   1.00 64.23 ? 78  ARG X N   1 
ATOM   309  C CA  . ARG A 1 40  ? 7.398   11.790  4.809   1.00 64.30 ? 78  ARG X CA  1 
ATOM   310  C C   . ARG A 1 40  ? 6.678   13.105  4.515   1.00 67.48 ? 78  ARG X C   1 
ATOM   311  O O   . ARG A 1 40  ? 5.609   13.382  5.072   1.00 66.08 ? 78  ARG X O   1 
ATOM   312  C CB  . ARG A 1 40  ? 8.738   12.093  5.505   1.00 70.77 ? 78  ARG X CB  1 
ATOM   313  C CG  . ARG A 1 40  ? 8.692   12.016  7.025   1.00 73.38 ? 78  ARG X CG  1 
ATOM   314  C CD  . ARG A 1 40  ? 9.777   12.883  7.677   1.00 85.92 ? 78  ARG X CD  1 
ATOM   315  N NE  . ARG A 1 40  ? 9.477   13.088  9.099   1.00 87.20 ? 78  ARG X NE  1 
ATOM   316  C CZ  . ARG A 1 40  ? 8.813   14.132  9.598   1.00 82.87 ? 78  ARG X CZ  1 
ATOM   317  N NH1 . ARG A 1 40  ? 8.375   15.111  8.802   1.00 90.59 ? 78  ARG X NH1 1 
ATOM   318  N NH2 . ARG A 1 40  ? 8.591   14.201  10.908  1.00 75.28 ? 78  ARG X NH2 1 
ATOM   319  N N   . SER A 1 41  ? 7.286   13.885  3.620   1.00 41.83 ? 79  SER X N   1 
ATOM   320  C CA  . SER A 1 41  ? 6.904   15.256  3.292   1.00 40.79 ? 79  SER X CA  1 
ATOM   321  C C   . SER A 1 41  ? 6.101   15.327  1.980   1.00 45.16 ? 79  SER X C   1 
ATOM   322  O O   . SER A 1 41  ? 5.968   16.393  1.367   1.00 43.82 ? 79  SER X O   1 
ATOM   323  C CB  . SER A 1 41  ? 8.194   16.108  3.219   1.00 45.86 ? 79  SER X CB  1 
ATOM   324  O OG  . SER A 1 41  ? 8.041   17.281  2.422   1.00 56.64 ? 79  SER X OG  1 
ATOM   325  N N   . GLY A 1 42  ? 5.563   14.183  1.555   1.00 39.18 ? 80  GLY X N   1 
ATOM   326  C CA  . GLY A 1 42  ? 4.681   14.131  0.399   1.00 31.82 ? 80  GLY X CA  1 
ATOM   327  C C   . GLY A 1 42  ? 3.312   14.756  0.669   1.00 37.00 ? 80  GLY X C   1 
ATOM   328  O O   . GLY A 1 42  ? 2.910   14.968  1.816   1.00 33.75 ? 80  GLY X O   1 
ATOM   329  N N   . LYS A 1 43  ? 2.608   15.067  -0.408  1.00 44.91 ? 81  LYS X N   1 
ATOM   330  C CA  . LYS A 1 43  ? 1.283   15.635  -0.343  1.00 42.26 ? 81  LYS X CA  1 
ATOM   331  C C   . LYS A 1 43  ? 0.306   14.481  -0.535  1.00 41.99 ? 81  LYS X C   1 
ATOM   332  O O   . LYS A 1 43  ? 0.431   13.732  -1.503  1.00 45.74 ? 81  LYS X O   1 
ATOM   333  C CB  . LYS A 1 43  ? 1.139   16.646  -1.484  1.00 48.96 ? 81  LYS X CB  1 
ATOM   334  C CG  . LYS A 1 43  ? 0.225   17.815  -1.198  1.00 54.62 ? 81  LYS X CG  1 
ATOM   335  C CD  . LYS A 1 43  ? -0.074  18.584  -2.479  1.00 66.92 ? 81  LYS X CD  1 
ATOM   336  C CE  . LYS A 1 43  ? -1.402  19.336  -2.351  1.00 75.03 ? 81  LYS X CE  1 
ATOM   337  N NZ  . LYS A 1 43  ? -2.118  19.373  -3.672  1.00 66.72 ? 81  LYS X NZ  1 
ATOM   338  N N   . TYR A 1 44  ? -0.650  14.309  0.380   1.00 29.56 ? 82  TYR X N   1 
ATOM   339  C CA  . TYR A 1 44  ? -1.640  13.235  0.216   1.00 31.28 ? 82  TYR X CA  1 
ATOM   340  C C   . TYR A 1 44  ? -3.087  13.707  0.159   1.00 34.00 ? 82  TYR X C   1 
ATOM   341  O O   . TYR A 1 44  ? -3.837  13.494  1.106   1.00 31.08 ? 82  TYR X O   1 
ATOM   342  C CB  . TYR A 1 44  ? -1.487  12.161  1.288   1.00 25.28 ? 82  TYR X CB  1 
ATOM   343  C CG  . TYR A 1 44  ? -0.153  11.470  1.243   1.00 27.71 ? 82  TYR X CG  1 
ATOM   344  C CD1 . TYR A 1 44  ? 0.013   10.263  0.551   1.00 23.62 ? 82  TYR X CD1 1 
ATOM   345  C CD2 . TYR A 1 44  ? 0.953   12.028  1.891   1.00 26.71 ? 82  TYR X CD2 1 
ATOM   346  C CE1 . TYR A 1 44  ? 1.242   9.616   0.526   1.00 19.25 ? 82  TYR X CE1 1 
ATOM   347  C CE2 . TYR A 1 44  ? 2.181   11.402  1.864   1.00 26.08 ? 82  TYR X CE2 1 
ATOM   348  C CZ  . TYR A 1 44  ? 2.313   10.210  1.179   1.00 26.14 ? 82  TYR X CZ  1 
ATOM   349  O OH  . TYR A 1 44  ? 3.536   9.628   1.175   1.00 21.49 ? 82  TYR X OH  1 
ATOM   350  N N   . PRO A 1 45  ? -3.489  14.322  -0.970  1.00 34.98 ? 83  PRO X N   1 
ATOM   351  C CA  . PRO A 1 45  ? -4.875  14.736  -1.133  1.00 32.15 ? 83  PRO X CA  1 
ATOM   352  C C   . PRO A 1 45  ? -5.819  13.521  -1.191  1.00 32.71 ? 83  PRO X C   1 
ATOM   353  O O   . PRO A 1 45  ? -5.361  12.370  -1.278  1.00 29.52 ? 83  PRO X O   1 
ATOM   354  C CB  . PRO A 1 45  ? -4.858  15.484  -2.471  1.00 37.58 ? 83  PRO X CB  1 
ATOM   355  C CG  . PRO A 1 45  ? -3.727  14.898  -3.231  1.00 32.34 ? 83  PRO X CG  1 
ATOM   356  C CD  . PRO A 1 45  ? -2.699  14.517  -2.204  1.00 36.05 ? 83  PRO X CD  1 
ATOM   357  N N   . GLN A 1 46  ? -7.122  13.768  -1.146  1.00 29.31 ? 84  GLN X N   1 
ATOM   358  C CA  . GLN A 1 46  ? -8.078  12.666  -1.104  1.00 28.94 ? 84  GLN X CA  1 
ATOM   359  C C   . GLN A 1 46  ? -7.976  11.689  -2.282  1.00 28.34 ? 84  GLN X C   1 
ATOM   360  O O   . GLN A 1 46  ? -8.167  10.491  -2.105  1.00 32.01 ? 84  GLN X O   1 
ATOM   361  C CB  . GLN A 1 46  ? -9.497  13.199  -1.007  1.00 29.31 ? 84  GLN X CB  1 
ATOM   362  C CG  . GLN A 1 46  ? -10.542 12.113  -0.822  1.00 30.26 ? 84  GLN X CG  1 
ATOM   363  C CD  . GLN A 1 46  ? -11.932 12.665  -1.018  1.00 43.86 ? 84  GLN X CD  1 
ATOM   364  O OE1 . GLN A 1 46  ? -12.127 13.886  -1.035  1.00 48.98 ? 84  GLN X OE1 1 
ATOM   365  N NE2 . GLN A 1 46  ? -12.908 11.781  -1.174  1.00 41.99 ? 84  GLN X NE2 1 
ATOM   366  N N   . GLN A 1 47  ? -7.690  12.193  -3.476  1.00 29.62 ? 85  GLN X N   1 
ATOM   367  C CA  . GLN A 1 47  ? -7.699  11.343  -4.648  1.00 29.15 ? 85  GLN X CA  1 
ATOM   368  C C   . GLN A 1 47  ? -6.440  10.471  -4.738  1.00 32.82 ? 85  GLN X C   1 
ATOM   369  O O   . GLN A 1 47  ? -6.338  9.579   -5.587  1.00 29.14 ? 85  GLN X O   1 
ATOM   370  C CB  . GLN A 1 47  ? -7.950  12.164  -5.937  1.00 33.33 ? 85  GLN X CB  1 
ATOM   371  C CG  . GLN A 1 47  ? -6.818  13.071  -6.402  1.00 36.71 ? 85  GLN X CG  1 
ATOM   372  C CD  . GLN A 1 47  ? -6.776  14.439  -5.691  1.00 44.70 ? 85  GLN X CD  1 
ATOM   373  O OE1 . GLN A 1 47  ? -5.779  15.154  -5.799  1.00 43.21 ? 85  GLN X OE1 1 
ATOM   374  N NE2 . GLN A 1 47  ? -7.856  14.804  -4.966  1.00 40.64 ? 85  GLN X NE2 1 
ATOM   375  N N   . ALA A 1 48  ? -5.488  10.738  -3.852  1.00 18.01 ? 86  ALA X N   1 
ATOM   376  C CA  . ALA A 1 48  ? -4.233  9.973   -3.780  1.00 19.01 ? 86  ALA X CA  1 
ATOM   377  C C   . ALA A 1 48  ? -4.352  8.966   -2.693  1.00 16.71 ? 86  ALA X C   1 
ATOM   378  O O   . ALA A 1 48  ? -3.349  8.450   -2.245  1.00 15.91 ? 86  ALA X O   1 
ATOM   379  C CB  . ALA A 1 48  ? -3.069  10.887  -3.468  1.00 18.28 ? 86  ALA X CB  1 
ATOM   380  N N   . SER A 1 49  ? -5.568  8.699   -2.219  1.00 18.97 ? 87  SER X N   1 
ATOM   381  C CA  . SER A 1 49  ? -5.713  7.753   -1.132  1.00 18.97 ? 87  SER X CA  1 
ATOM   382  C C   . SER A 1 49  ? -6.743  6.668   -1.443  1.00 18.81 ? 87  SER X C   1 
ATOM   383  O O   . SER A 1 49  ? -7.660  6.887   -2.212  1.00 21.04 ? 87  SER X O   1 
ATOM   384  C CB  . SER A 1 49  ? -5.998  8.480   0.190   1.00 25.40 ? 87  SER X CB  1 
ATOM   385  O OG  . SER A 1 49  ? -7.344  8.888   0.277   1.00 27.92 ? 87  SER X OG  1 
ATOM   386  N N   . LEU A 1 50  ? -6.526  5.478   -0.897  1.00 19.47 ? 88  LEU X N   1 
ATOM   387  C CA  . LEU A 1 50  ? -7.354  4.333   -1.174  1.00 19.02 ? 88  LEU X CA  1 
ATOM   388  C C   . LEU A 1 50  ? -7.887  3.772   0.142   1.00 20.55 ? 88  LEU X C   1 
ATOM   389  O O   . LEU A 1 50  ? -7.120  3.326   0.984   1.00 23.22 ? 88  LEU X O   1 
ATOM   390  C CB  . LEU A 1 50  ? -6.535  3.271   -1.928  1.00 21.47 ? 88  LEU X CB  1 
ATOM   391  C CG  . LEU A 1 50  ? -7.226  1.936   -2.194  1.00 21.25 ? 88  LEU X CG  1 
ATOM   392  C CD1 . LEU A 1 50  ? -8.347  2.115   -3.246  1.00 22.33 ? 88  LEU X CD1 1 
ATOM   393  C CD2 . LEU A 1 50  ? -6.227  0.869   -2.631  1.00 21.00 ? 88  LEU X CD2 1 
ATOM   394  N N   . ASN A 1 51  ? -9.205  3.765   0.292   1.00 21.46 ? 89  ASN X N   1 
ATOM   395  C CA  . ASN A 1 51  ? -9.866  3.301   1.502   1.00 23.31 ? 89  ASN X CA  1 
ATOM   396  C C   . ASN A 1 51  ? -10.386 1.847   1.430   1.00 25.12 ? 89  ASN X C   1 
ATOM   397  O O   . ASN A 1 51  ? -11.383 1.552   0.751   1.00 23.18 ? 89  ASN X O   1 
ATOM   398  C CB  . ASN A 1 51  ? -10.969 4.322   1.871   1.00 25.21 ? 89  ASN X CB  1 
ATOM   399  C CG  . ASN A 1 51  ? -11.779 3.926   3.095   1.00 25.07 ? 89  ASN X CG  1 
ATOM   400  O OD1 . ASN A 1 51  ? -12.724 4.620   3.460   1.00 28.33 ? 89  ASN X OD1 1 
ATOM   401  N ND2 . ASN A 1 51  ? -11.425 2.842   3.726   1.00 26.37 ? 89  ASN X ND2 1 
ATOM   402  N N   . LEU A 1 52  ? -9.708  0.947   2.155   1.00 27.35 ? 90  LEU X N   1 
ATOM   403  C CA  . LEU A 1 52  ? -9.961  -0.504  2.116   1.00 22.93 ? 90  LEU X CA  1 
ATOM   404  C C   . LEU A 1 52  ? -10.716 -1.017  3.338   1.00 25.89 ? 90  LEU X C   1 
ATOM   405  O O   . LEU A 1 52  ? -10.869 -2.242  3.527   1.00 23.15 ? 90  LEU X O   1 
ATOM   406  C CB  . LEU A 1 52  ? -8.627  -1.235  2.096   1.00 19.94 ? 90  LEU X CB  1 
ATOM   407  C CG  . LEU A 1 52  ? -7.988  -1.706  0.794   1.00 22.98 ? 90  LEU X CG  1 
ATOM   408  C CD1 . LEU A 1 52  ? -8.444  -0.911  -0.381  1.00 20.95 ? 90  LEU X CD1 1 
ATOM   409  C CD2 . LEU A 1 52  ? -6.462  -1.758  0.919   1.00 15.23 ? 90  LEU X CD2 1 
ATOM   410  N N   . LEU A 1 53  ? -11.149 -0.090  4.190   1.00 21.49 ? 91  LEU X N   1 
ATOM   411  C CA  . LEU A 1 53  ? -11.841 -0.468  5.423   1.00 30.45 ? 91  LEU X CA  1 
ATOM   412  C C   . LEU A 1 53  ? -13.068 -1.303  5.107   1.00 30.22 ? 91  LEU X C   1 
ATOM   413  O O   . LEU A 1 53  ? -13.850 -0.964  4.198   1.00 29.22 ? 91  LEU X O   1 
ATOM   414  C CB  . LEU A 1 53  ? -12.218 0.755   6.259   1.00 22.17 ? 91  LEU X CB  1 
ATOM   415  C CG  . LEU A 1 53  ? -11.035 1.594   6.714   1.00 20.56 ? 91  LEU X CG  1 
ATOM   416  C CD1 . LEU A 1 53  ? -11.561 2.919   7.244   1.00 24.46 ? 91  LEU X CD1 1 
ATOM   417  C CD2 . LEU A 1 53  ? -10.201 0.892   7.794   1.00 18.74 ? 91  LEU X CD2 1 
ATOM   418  N N   . ARG A 1 54  ? -13.178 -2.406  5.846   1.00 37.92 ? 92  ARG X N   1 
ATOM   419  C CA  . ARG A 1 54  ? -14.270 -3.395  5.779   1.00 44.26 ? 92  ARG X CA  1 
ATOM   420  C C   . ARG A 1 54  ? -14.540 -3.984  4.388   1.00 42.21 ? 92  ARG X C   1 
ATOM   421  O O   . ARG A 1 54  ? -15.670 -4.377  4.048   1.00 45.73 ? 92  ARG X O   1 
ATOM   422  C CB  . ARG A 1 54  ? -15.531 -2.933  6.546   1.00 44.24 ? 92  ARG X CB  1 
ATOM   423  C CG  . ARG A 1 54  ? -16.316 -1.772  5.980   1.00 52.62 ? 92  ARG X CG  1 
ATOM   424  C CD  . ARG A 1 54  ? -17.224 -1.164  7.065   1.00 55.69 ? 92  ARG X CD  1 
ATOM   425  N NE  . ARG A 1 54  ? -16.446 -0.518  8.128   1.00 60.42 ? 92  ARG X NE  1 
ATOM   426  C CZ  . ARG A 1 54  ? -16.248 0.798   8.231   1.00 62.70 ? 92  ARG X CZ  1 
ATOM   427  N NH1 . ARG A 1 54  ? -16.784 1.635   7.341   1.00 60.21 ? 92  ARG X NH1 1 
ATOM   428  N NH2 . ARG A 1 54  ? -15.509 1.282   9.230   1.00 57.84 ? 92  ARG X NH2 1 
ATOM   429  N N   . GLN A 1 55  ? -13.467 -4.065  3.598   1.00 30.80 ? 93  GLN X N   1 
ATOM   430  C CA  . GLN A 1 55  ? -13.502 -4.748  2.303   1.00 29.26 ? 93  GLN X CA  1 
ATOM   431  C C   . GLN A 1 55  ? -12.942 -6.141  2.435   1.00 25.93 ? 93  GLN X C   1 
ATOM   432  O O   . GLN A 1 55  ? -11.844 -6.323  3.002   1.00 26.60 ? 93  GLN X O   1 
ATOM   433  C CB  . GLN A 1 55  ? -12.714 -3.986  1.237   1.00 26.21 ? 93  GLN X CB  1 
ATOM   434  C CG  . GLN A 1 55  ? -13.170 -2.544  1.015   1.00 27.45 ? 93  GLN X CG  1 
ATOM   435  C CD  . GLN A 1 55  ? -14.485 -2.430  0.253   1.00 32.98 ? 93  GLN X CD  1 
ATOM   436  O OE1 . GLN A 1 55  ? -15.030 -3.420  -0.245  1.00 30.39 ? 93  GLN X OE1 1 
ATOM   437  N NE2 . GLN A 1 55  ? -14.999 -1.204  0.157   1.00 28.64 ? 93  GLN X NE2 1 
ATOM   438  N N   . PRO A 1 56  ? -13.663 -7.135  1.882   1.00 25.71 ? 94  PRO X N   1 
ATOM   439  C CA  . PRO A 1 56  ? -13.142 -8.510  1.803   1.00 28.73 ? 94  PRO X CA  1 
ATOM   440  C C   . PRO A 1 56  ? -11.787 -8.563  1.069   1.00 27.37 ? 94  PRO X C   1 
ATOM   441  O O   . PRO A 1 56  ? -11.449 -7.631  0.327   1.00 28.39 ? 94  PRO X O   1 
ATOM   442  C CB  . PRO A 1 56  ? -14.234 -9.263  1.031   1.00 26.71 ? 94  PRO X CB  1 
ATOM   443  C CG  . PRO A 1 56  ? -15.064 -8.196  0.352   1.00 28.32 ? 94  PRO X CG  1 
ATOM   444  C CD  . PRO A 1 56  ? -14.964 -6.974  1.199   1.00 25.38 ? 94  PRO X CD  1 
ATOM   445  N N   . VAL A 1 57  ? -11.011 -9.623  1.281   1.00 24.90 ? 95  VAL X N   1 
ATOM   446  C CA  . VAL A 1 57  ? -9.641  -9.681  0.755   1.00 26.30 ? 95  VAL X CA  1 
ATOM   447  C C   . VAL A 1 57  ? -9.574  -9.631  -0.784  1.00 25.46 ? 95  VAL X C   1 
ATOM   448  O O   . VAL A 1 57  ? -8.748  -8.900  -1.336  1.00 24.81 ? 95  VAL X O   1 
ATOM   449  C CB  . VAL A 1 57  ? -8.834  -10.897 1.329   1.00 31.68 ? 95  VAL X CB  1 
ATOM   450  C CG1 . VAL A 1 57  ? -7.575  -11.157 0.519   1.00 30.28 ? 95  VAL X CG1 1 
ATOM   451  C CG2 . VAL A 1 57  ? -8.465  -10.667 2.785   1.00 22.04 ? 95  VAL X CG2 1 
ATOM   452  N N   . GLU A 1 58  ? -10.439 -10.379 -1.475  1.00 35.04 ? 96  GLU X N   1 
ATOM   453  C CA  . GLU A 1 58  ? -10.478 -10.374 -2.951  1.00 31.53 ? 96  GLU X CA  1 
ATOM   454  C C   . GLU A 1 58  ? -10.867 -9.010  -3.506  1.00 27.39 ? 96  GLU X C   1 
ATOM   455  O O   . GLU A 1 58  ? -10.376 -8.596  -4.552  1.00 27.81 ? 96  GLU X O   1 
ATOM   456  C CB  . GLU A 1 58  ? -11.469 -11.404 -3.483  1.00 32.25 ? 96  GLU X CB  1 
ATOM   457  C CG  . GLU A 1 58  ? -11.067 -12.226 -4.728  1.00 40.92 ? 96  GLU X CG  1 
ATOM   458  C CD  . GLU A 1 58  ? -9.795  -11.794 -5.455  1.00 47.06 ? 96  GLU X CD  1 
ATOM   459  O OE1 . GLU A 1 58  ? -9.888  -11.311 -6.602  1.00 40.61 ? 96  GLU X OE1 1 
ATOM   460  O OE2 . GLU A 1 58  ? -8.688  -11.989 -4.907  1.00 45.11 ? 96  GLU X OE2 1 
ATOM   461  N N   . GLU A 1 59  ? -11.761 -8.315  -2.818  1.00 25.85 ? 97  GLU X N   1 
ATOM   462  C CA  . GLU A 1 59  ? -12.126 -6.949  -3.234  1.00 26.93 ? 97  GLU X CA  1 
ATOM   463  C C   . GLU A 1 59  ? -10.950 -5.985  -3.046  1.00 23.71 ? 97  GLU X C   1 
ATOM   464  O O   . GLU A 1 59  ? -10.723 -5.134  -3.888  1.00 27.15 ? 97  GLU X O   1 
ATOM   465  C CB  . GLU A 1 59  ? -13.379 -6.462  -2.500  1.00 25.82 ? 97  GLU X CB  1 
ATOM   466  C CG  . GLU A 1 59  ? -13.983 -5.160  -3.051  1.00 35.93 ? 97  GLU X CG  1 
ATOM   467  C CD  . GLU A 1 59  ? -14.694 -5.318  -4.431  1.00 42.51 ? 97  GLU X CD  1 
ATOM   468  O OE1 . GLU A 1 59  ? -14.907 -4.293  -5.134  1.00 47.21 ? 97  GLU X OE1 1 
ATOM   469  O OE2 . GLU A 1 59  ? -15.048 -6.457  -4.811  1.00 41.12 ? 97  GLU X OE2 1 
ATOM   470  N N   . CYS A 1 60  ? -10.213 -6.126  -1.943  1.00 22.31 ? 98  CYS X N   1 
ATOM   471  C CA  . CYS A 1 60  ? -8.986  -5.358  -1.702  1.00 25.47 ? 98  CYS X CA  1 
ATOM   472  C C   . CYS A 1 60  ? -7.988  -5.576  -2.815  1.00 24.43 ? 98  CYS X C   1 
ATOM   473  O O   . CYS A 1 60  ? -7.372  -4.629  -3.271  1.00 25.57 ? 98  CYS X O   1 
ATOM   474  C CB  . CYS A 1 60  ? -8.318  -5.766  -0.373  1.00 23.58 ? 98  CYS X CB  1 
ATOM   475  S SG  . CYS A 1 60  ? -9.180  -5.197  1.091   1.00 27.89 ? 98  CYS X SG  1 
ATOM   476  N N   . ARG A 1 61  ? -7.826  -6.827  -3.246  1.00 23.04 ? 99  ARG X N   1 
ATOM   477  C CA  . ARG A 1 61  ? -6.879  -7.151  -4.318  1.00 22.35 ? 99  ARG X CA  1 
ATOM   478  C C   . ARG A 1 61  ? -7.223  -6.485  -5.670  1.00 23.00 ? 99  ARG X C   1 
ATOM   479  O O   . ARG A 1 61  ? -6.329  -6.042  -6.408  1.00 21.07 ? 99  ARG X O   1 
ATOM   480  C CB  . ARG A 1 61  ? -6.752  -8.663  -4.486  1.00 25.22 ? 99  ARG X CB  1 
ATOM   481  C CG  . ARG A 1 61  ? -5.562  -9.091  -5.342  1.00 23.83 ? 99  ARG X CG  1 
ATOM   482  C CD  . ARG A 1 61  ? -5.510  -10.610 -5.530  1.00 23.74 ? 99  ARG X CD  1 
ATOM   483  N NE  . ARG A 1 61  ? -6.541  -10.988 -6.472  1.00 28.94 ? 99  ARG X NE  1 
ATOM   484  C CZ  . ARG A 1 61  ? -6.322  -11.214 -7.761  1.00 33.06 ? 99  ARG X CZ  1 
ATOM   485  N NH1 . ARG A 1 61  ? -5.085  -11.168 -8.251  1.00 27.62 ? 99  ARG X NH1 1 
ATOM   486  N NH2 . ARG A 1 61  ? -7.342  -11.497 -8.556  1.00 27.54 ? 99  ARG X NH2 1 
ATOM   487  N N   . LYS A 1 62  ? -8.515  -6.412  -5.974  1.00 22.91 ? 100 LYS X N   1 
ATOM   488  C CA  . LYS A 1 62  ? -8.994  -5.718  -7.178  1.00 23.34 ? 100 LYS X CA  1 
ATOM   489  C C   . LYS A 1 62  ? -8.837  -4.188  -7.072  1.00 20.26 ? 100 LYS X C   1 
ATOM   490  O O   . LYS A 1 62  ? -8.422  -3.543  -8.024  1.00 21.26 ? 100 LYS X O   1 
ATOM   491  C CB  . LYS A 1 62  ? -10.456 -6.112  -7.477  1.00 22.91 ? 100 LYS X CB  1 
ATOM   492  C CG  . LYS A 1 62  ? -10.668 -7.628  -7.674  1.00 27.23 ? 100 LYS X CG  1 
ATOM   493  C CD  . LYS A 1 62  ? -12.010 -7.986  -8.373  1.00 33.81 ? 100 LYS X CD  1 
ATOM   494  C CE  . LYS A 1 62  ? -13.209 -7.674  -7.499  1.00 38.36 ? 100 LYS X CE  1 
ATOM   495  N NZ  . LYS A 1 62  ? -14.369 -8.550  -7.820  1.00 45.23 ? 100 LYS X NZ  1 
ATOM   496  N N   . MET A 1 63  ? -9.154  -3.624  -5.910  1.00 21.21 ? 101 MET X N   1 
ATOM   497  C CA  . MET A 1 63  ? -9.047  -2.175  -5.679  1.00 23.52 ? 101 MET X CA  1 
ATOM   498  C C   . MET A 1 63  ? -7.592  -1.671  -5.691  1.00 20.74 ? 101 MET X C   1 
ATOM   499  O O   . MET A 1 63  ? -7.279  -0.661  -6.293  1.00 20.50 ? 101 MET X O   1 
ATOM   500  C CB  . MET A 1 63  ? -9.711  -1.810  -4.338  1.00 23.30 ? 101 MET X CB  1 
ATOM   501  C CG  . MET A 1 63  ? -11.224 -2.027  -4.318  1.00 24.02 ? 101 MET X CG  1 
ATOM   502  S SD  . MET A 1 63  ? -11.905 -1.985  -2.644  1.00 30.45 ? 101 MET X SD  1 
ATOM   503  C CE  . MET A 1 63  ? -12.047 -0.217  -2.406  1.00 20.51 ? 101 MET X CE  1 
ATOM   504  N N   . VAL A 1 64  ? -6.703  -2.391  -5.028  1.00 19.23 ? 102 VAL X N   1 
ATOM   505  C CA  . VAL A 1 64  ? -5.291  -1.985  -4.965  1.00 22.82 ? 102 VAL X CA  1 
ATOM   506  C C   . VAL A 1 64  ? -4.686  -1.991  -6.378  1.00 20.74 ? 102 VAL X C   1 
ATOM   507  O O   . VAL A 1 64  ? -4.006  -1.053  -6.791  1.00 18.05 ? 102 VAL X O   1 
ATOM   508  C CB  . VAL A 1 64  ? -4.494  -2.926  -3.966  1.00 22.81 ? 102 VAL X CB  1 
ATOM   509  C CG1 . VAL A 1 64  ? -2.976  -2.746  -4.082  1.00 21.67 ? 102 VAL X CG1 1 
ATOM   510  C CG2 . VAL A 1 64  ? -4.985  -2.705  -2.514  1.00 14.87 ? 102 VAL X CG2 1 
ATOM   511  N N   . PHE A 1 65  ? -4.952  -3.061  -7.111  1.00 24.06 ? 103 PHE X N   1 
ATOM   512  C CA  . PHE A 1 65  ? -4.453  -3.192  -8.461  1.00 22.14 ? 103 PHE X CA  1 
ATOM   513  C C   . PHE A 1 65  ? -4.971  -2.054  -9.317  1.00 25.02 ? 103 PHE X C   1 
ATOM   514  O O   . PHE A 1 65  ? -4.195  -1.337  -9.949  1.00 22.92 ? 103 PHE X O   1 
ATOM   515  C CB  . PHE A 1 65  ? -4.868  -4.535  -9.041  1.00 24.45 ? 103 PHE X CB  1 
ATOM   516  C CG  . PHE A 1 65  ? -4.416  -4.749  -10.444 1.00 24.18 ? 103 PHE X CG  1 
ATOM   517  C CD1 . PHE A 1 65  ? -5.340  -4.752  -11.490 1.00 23.04 ? 103 PHE X CD1 1 
ATOM   518  C CD2 . PHE A 1 65  ? -3.072  -4.972  -10.724 1.00 22.06 ? 103 PHE X CD2 1 
ATOM   519  C CE1 . PHE A 1 65  ? -4.928  -4.977  -12.805 1.00 24.81 ? 103 PHE X CE1 1 
ATOM   520  C CE2 . PHE A 1 65  ? -2.651  -5.202  -12.045 1.00 25.25 ? 103 PHE X CE2 1 
ATOM   521  C CZ  . PHE A 1 65  ? -3.584  -5.191  -13.078 1.00 24.09 ? 103 PHE X CZ  1 
ATOM   522  N N   . SER A 1 66  ? -6.285  -1.870  -9.311  1.00 23.92 ? 104 SER X N   1 
ATOM   523  C CA  . SER A 1 66  ? -6.909  -0.817  -10.096 1.00 25.73 ? 104 SER X CA  1 
ATOM   524  C C   . SER A 1 66  ? -6.451  0.591   -9.659  1.00 24.34 ? 104 SER X C   1 
ATOM   525  O O   . SER A 1 66  ? -6.195  1.466   -10.489 1.00 25.82 ? 104 SER X O   1 
ATOM   526  C CB  . SER A 1 66  ? -8.432  -0.965  -9.972  1.00 28.28 ? 104 SER X CB  1 
ATOM   527  O OG  . SER A 1 66  ? -9.078  -0.034  -10.810 1.00 43.83 ? 104 SER X OG  1 
ATOM   528  N N   . PHE A 1 67  ? -6.346  0.804   -8.345  1.00 18.84 ? 105 PHE X N   1 
ATOM   529  C CA  . PHE A 1 67  ? -5.940  2.108   -7.797  1.00 19.28 ? 105 PHE X CA  1 
ATOM   530  C C   . PHE A 1 67  ? -4.496  2.435   -8.179  1.00 19.65 ? 105 PHE X C   1 
ATOM   531  O O   . PHE A 1 67  ? -4.189  3.541   -8.619  1.00 18.54 ? 105 PHE X O   1 
ATOM   532  C CB  . PHE A 1 67  ? -6.104  2.110   -6.265  1.00 18.95 ? 105 PHE X CB  1 
ATOM   533  C CG  . PHE A 1 67  ? -5.581  3.355   -5.591  1.00 19.47 ? 105 PHE X CG  1 
ATOM   534  C CD1 . PHE A 1 67  ? -6.298  4.566   -5.656  1.00 19.20 ? 105 PHE X CD1 1 
ATOM   535  C CD2 . PHE A 1 67  ? -4.378  3.312   -4.862  1.00 16.20 ? 105 PHE X CD2 1 
ATOM   536  C CE1 . PHE A 1 67  ? -5.820  5.726   -5.003  1.00 21.02 ? 105 PHE X CE1 1 
ATOM   537  C CE2 . PHE A 1 67  ? -3.903  4.464   -4.205  1.00 19.56 ? 105 PHE X CE2 1 
ATOM   538  C CZ  . PHE A 1 67  ? -4.623  5.673   -4.281  1.00 16.65 ? 105 PHE X CZ  1 
ATOM   539  N N   . ILE A 1 68  ? -3.598  1.477   -8.010  1.00 18.27 ? 106 ILE X N   1 
ATOM   540  C CA  . ILE A 1 68  ? -2.207  1.745   -8.374  1.00 17.57 ? 106 ILE X CA  1 
ATOM   541  C C   . ILE A 1 68  ? -2.035  2.000   -9.888  1.00 20.00 ? 106 ILE X C   1 
ATOM   542  O O   . ILE A 1 68  ? -1.329  2.939   -10.294 1.00 19.26 ? 106 ILE X O   1 
ATOM   543  C CB  . ILE A 1 68  ? -1.256  0.623   -7.881  1.00 19.34 ? 106 ILE X CB  1 
ATOM   544  C CG1 . ILE A 1 68  ? -1.316  0.529   -6.350  1.00 18.42 ? 106 ILE X CG1 1 
ATOM   545  C CG2 . ILE A 1 68  ? 0.213   0.902   -8.383  1.00 18.81 ? 106 ILE X CG2 1 
ATOM   546  C CD1 . ILE A 1 68  ? -0.734  1.737   -5.629  1.00 12.56 ? 106 ILE X CD1 1 
ATOM   547  N N   . GLN A 1 69  ? -2.701  1.199   -10.720 1.00 25.36 ? 107 GLN X N   1 
ATOM   548  C CA  . GLN A 1 69  ? -2.758  1.486   -12.166 1.00 25.14 ? 107 GLN X CA  1 
ATOM   549  C C   . GLN A 1 69  ? -3.258  2.908   -12.468 1.00 27.05 ? 107 GLN X C   1 
ATOM   550  O O   . GLN A 1 69  ? -2.679  3.597   -13.303 1.00 28.21 ? 107 GLN X O   1 
ATOM   551  C CB  . GLN A 1 69  ? -3.648  0.481   -12.912 1.00 22.71 ? 107 GLN X CB  1 
ATOM   552  C CG  . GLN A 1 69  ? -3.194  -1.004  -12.845 1.00 23.29 ? 107 GLN X CG  1 
ATOM   553  C CD  . GLN A 1 69  ? -1.811  -1.280  -13.460 1.00 27.98 ? 107 GLN X CD  1 
ATOM   554  O OE1 . GLN A 1 69  ? -1.158  -2.282  -13.128 1.00 28.81 ? 107 GLN X OE1 1 
ATOM   555  N NE2 . GLN A 1 69  ? -1.375  -0.421  -14.357 1.00 26.98 ? 107 GLN X NE2 1 
ATOM   556  N N   . GLN A 1 70  ? -4.328  3.334   -11.789 1.00 25.58 ? 108 GLN X N   1 
ATOM   557  C CA  . GLN A 1 70  ? -4.907  4.670   -11.977 1.00 27.83 ? 108 GLN X CA  1 
ATOM   558  C C   . GLN A 1 70  ? -3.913  5.739   -11.553 1.00 26.99 ? 108 GLN X C   1 
ATOM   559  O O   . GLN A 1 70  ? -3.702  6.715   -12.269 1.00 30.61 ? 108 GLN X O   1 
ATOM   560  C CB  . GLN A 1 70  ? -6.231  4.837   -11.191 1.00 32.46 ? 108 GLN X CB  1 
ATOM   561  C CG  . GLN A 1 70  ? -6.619  6.313   -10.851 1.00 36.00 ? 108 GLN X CG  1 
ATOM   562  C CD  . GLN A 1 70  ? -7.082  6.571   -9.370  1.00 51.23 ? 108 GLN X CD  1 
ATOM   563  O OE1 . GLN A 1 70  ? -6.533  7.453   -8.672  1.00 43.07 ? 108 GLN X OE1 1 
ATOM   564  N NE2 . GLN A 1 70  ? -8.116  5.829   -8.916  1.00 44.17 ? 108 GLN X NE2 1 
ATOM   565  N N   . ALA A 1 71  ? -3.322  5.557   -10.372 1.00 22.00 ? 109 ALA X N   1 
ATOM   566  C CA  . ALA A 1 71  ? -2.369  6.540   -9.800  1.00 19.25 ? 109 ALA X CA  1 
ATOM   567  C C   . ALA A 1 71  ? -1.165  6.721   -10.740 1.00 18.67 ? 109 ALA X C   1 
ATOM   568  O O   . ALA A 1 71  ? -0.730  7.826   -11.000 1.00 20.12 ? 109 ALA X O   1 
ATOM   569  C CB  . ALA A 1 71  ? -1.919  6.085   -8.425  1.00 14.83 ? 109 ALA X CB  1 
ATOM   570  N N   . LEU A 1 72  ? -0.662  5.623   -11.289 1.00 20.34 ? 110 LEU X N   1 
ATOM   571  C CA  . LEU A 1 72  ? 0.480   5.679   -12.203 1.00 23.26 ? 110 LEU X CA  1 
ATOM   572  C C   . LEU A 1 72  ? 0.069   6.409   -13.482 1.00 26.03 ? 110 LEU X C   1 
ATOM   573  O O   . LEU A 1 72  ? 0.750   7.343   -13.936 1.00 28.09 ? 110 LEU X O   1 
ATOM   574  C CB  . LEU A 1 72  ? 0.990   4.271   -12.506 1.00 20.06 ? 110 LEU X CB  1 
ATOM   575  C CG  . LEU A 1 72  ? 1.638   3.584   -11.305 1.00 20.22 ? 110 LEU X CG  1 
ATOM   576  C CD1 . LEU A 1 72  ? 1.825   2.053   -11.497 1.00 18.28 ? 110 LEU X CD1 1 
ATOM   577  C CD2 . LEU A 1 72  ? 2.989   4.278   -10.886 1.00 24.92 ? 110 LEU X CD2 1 
ATOM   578  N N   . ALA A 1 73  ? -1.085  6.039   -14.025 1.00 34.03 ? 111 ALA X N   1 
ATOM   579  C CA  . ALA A 1 73  ? -1.562  6.708   -15.221 1.00 32.36 ? 111 ALA X CA  1 
ATOM   580  C C   . ALA A 1 73  ? -1.709  8.216   -15.001 1.00 34.28 ? 111 ALA X C   1 
ATOM   581  O O   . ALA A 1 73  ? -1.497  8.982   -15.939 1.00 36.96 ? 111 ALA X O   1 
ATOM   582  C CB  . ALA A 1 73  ? -2.865  6.082   -15.730 1.00 31.90 ? 111 ALA X CB  1 
ATOM   583  N N   . ASP A 1 74  ? -2.038  8.647   -13.776 1.00 25.77 ? 112 ASP X N   1 
ATOM   584  C CA  . ASP A 1 74  ? -2.244  10.101  -13.511 1.00 24.15 ? 112 ASP X CA  1 
ATOM   585  C C   . ASP A 1 74  ? -0.982  10.841  -13.071 1.00 26.23 ? 112 ASP X C   1 
ATOM   586  O O   . ASP A 1 74  ? -1.049  12.022  -12.724 1.00 28.22 ? 112 ASP X O   1 
ATOM   587  C CB  . ASP A 1 74  ? -3.389  10.354  -12.501 1.00 27.82 ? 112 ASP X CB  1 
ATOM   588  C CG  . ASP A 1 74  ? -4.752  9.894   -13.030 1.00 26.75 ? 112 ASP X CG  1 
ATOM   589  O OD1 . ASP A 1 74  ? -4.954  9.956   -14.269 1.00 35.27 ? 112 ASP X OD1 1 
ATOM   590  O OD2 . ASP A 1 74  ? -5.613  9.461   -12.222 1.00 28.99 ? 112 ASP X OD2 1 
ATOM   591  N N   . GLY A 1 75  ? 0.155   10.150  -13.077 1.00 26.85 ? 113 GLY X N   1 
ATOM   592  C CA  . GLY A 1 75  ? 1.428   10.725  -12.617 1.00 30.16 ? 113 GLY X CA  1 
ATOM   593  C C   . GLY A 1 75  ? 1.547   11.000  -11.118 1.00 23.70 ? 113 GLY X C   1 
ATOM   594  O O   . GLY A 1 75  ? 2.275   11.905  -10.711 1.00 25.87 ? 113 GLY X O   1 
ATOM   595  N N   . LEU A 1 76  ? 0.851   10.219  -10.288 1.00 24.40 ? 114 LEU X N   1 
ATOM   596  C CA  . LEU A 1 76  ? 0.976   10.372  -8.819  1.00 25.58 ? 114 LEU X CA  1 
ATOM   597  C C   . LEU A 1 76  ? 2.292   9.785   -8.336  1.00 25.85 ? 114 LEU X C   1 
ATOM   598  O O   . LEU A 1 76  ? 2.653   8.679   -8.717  1.00 20.66 ? 114 LEU X O   1 
ATOM   599  C CB  . LEU A 1 76  ? -0.195  9.708   -8.084  1.00 23.84 ? 114 LEU X CB  1 
ATOM   600  C CG  . LEU A 1 76  ? -1.512  10.484  -7.922  1.00 32.14 ? 114 LEU X CG  1 
ATOM   601  C CD1 . LEU A 1 76  ? -2.075  10.938  -9.232  1.00 33.27 ? 114 LEU X CD1 1 
ATOM   602  C CD2 . LEU A 1 76  ? -2.547  9.660   -7.196  1.00 19.96 ? 114 LEU X CD2 1 
ATOM   603  N N   . ARG A 1 77  ? 2.995   10.525  -7.493  1.00 18.34 ? 115 ARG X N   1 
ATOM   604  C CA  . ARG A 1 77  ? 4.310   10.132  -7.018  1.00 26.81 ? 115 ARG X CA  1 
ATOM   605  C C   . ARG A 1 77  ? 4.238   9.484   -5.643  1.00 25.21 ? 115 ARG X C   1 
ATOM   606  O O   . ARG A 1 77  ? 5.160   8.806   -5.222  1.00 20.93 ? 115 ARG X O   1 
ATOM   607  C CB  . ARG A 1 77  ? 5.248   11.330  -7.022  1.00 27.06 ? 115 ARG X CB  1 
ATOM   608  C CG  . ARG A 1 77  ? 5.514   11.841  -8.435  1.00 31.19 ? 115 ARG X CG  1 
ATOM   609  C CD  . ARG A 1 77  ? 6.302   13.121  -8.408  1.00 28.42 ? 115 ARG X CD  1 
ATOM   610  N NE  . ARG A 1 77  ? 7.690   12.869  -8.048  1.00 25.21 ? 115 ARG X NE  1 
ATOM   611  C CZ  . ARG A 1 77  ? 8.500   13.788  -7.540  1.00 33.41 ? 115 ARG X CZ  1 
ATOM   612  N NH1 . ARG A 1 77  ? 9.758   13.478  -7.270  1.00 28.33 ? 115 ARG X NH1 1 
ATOM   613  N NH2 . ARG A 1 77  ? 8.052   15.022  -7.302  1.00 30.73 ? 115 ARG X NH2 1 
ATOM   614  N N   . ASN A 1 78  ? 3.128   9.700   -4.957  1.00 26.20 ? 116 ASN X N   1 
ATOM   615  C CA  . ASN A 1 78  ? 2.869   9.027   -3.693  1.00 24.30 ? 116 ASN X CA  1 
ATOM   616  C C   . ASN A 1 78  ? 1.398   8.878   -3.422  1.00 25.43 ? 116 ASN X C   1 
ATOM   617  O O   . ASN A 1 78  ? 0.595   9.713   -3.809  1.00 25.74 ? 116 ASN X O   1 
ATOM   618  C CB  . ASN A 1 78  ? 3.585   9.694   -2.524  1.00 29.60 ? 116 ASN X CB  1 
ATOM   619  C CG  . ASN A 1 78  ? 3.595   11.191  -2.636  1.00 35.82 ? 116 ASN X CG  1 
ATOM   620  O OD1 . ASN A 1 78  ? 4.590   11.784  -3.069  1.00 34.59 ? 116 ASN X OD1 1 
ATOM   621  N ND2 . ASN A 1 78  ? 2.482   11.821  -2.256  1.00 37.52 ? 116 ASN X ND2 1 
ATOM   622  N N   . VAL A 1 79  ? 1.055   7.768   -2.782  1.00 17.32 ? 117 VAL X N   1 
ATOM   623  C CA  . VAL A 1 79  ? -0.326  7.477   -2.465  1.00 17.13 ? 117 VAL X CA  1 
ATOM   624  C C   . VAL A 1 79  ? -0.406  6.941   -1.062  1.00 21.16 ? 117 VAL X C   1 
ATOM   625  O O   . VAL A 1 79  ? 0.608   6.502   -0.491  1.00 20.84 ? 117 VAL X O   1 
ATOM   626  C CB  . VAL A 1 79  ? -0.981  6.516   -3.482  1.00 15.44 ? 117 VAL X CB  1 
ATOM   627  C CG1 . VAL A 1 79  ? -1.009  7.170   -4.835  1.00 16.17 ? 117 VAL X CG1 1 
ATOM   628  C CG2 . VAL A 1 79  ? -0.223  5.154   -3.559  1.00 12.89 ? 117 VAL X CG2 1 
ATOM   629  N N   . LEU A 1 80  ? -1.607  7.035   -0.507  1.00 18.86 ? 118 LEU X N   1 
ATOM   630  C CA  . LEU A 1 80  ? -1.923  6.549   0.818   1.00 17.81 ? 118 LEU X CA  1 
ATOM   631  C C   . LEU A 1 80  ? -2.855  5.354   0.728   1.00 19.36 ? 118 LEU X C   1 
ATOM   632  O O   . LEU A 1 80  ? -3.908  5.421   0.087   1.00 23.26 ? 118 LEU X O   1 
ATOM   633  C CB  . LEU A 1 80  ? -2.626  7.666   1.624   1.00 19.74 ? 118 LEU X CB  1 
ATOM   634  C CG  . LEU A 1 80  ? -3.068  7.327   3.054   1.00 24.18 ? 118 LEU X CG  1 
ATOM   635  C CD1 . LEU A 1 80  ? -1.834  7.067   3.918   1.00 19.28 ? 118 LEU X CD1 1 
ATOM   636  C CD2 . LEU A 1 80  ? -3.841  8.505   3.596   1.00 23.08 ? 118 LEU X CD2 1 
ATOM   637  N N   . ILE A 1 81  ? -2.505  4.256   1.389   1.00 20.71 ? 119 ILE X N   1 
ATOM   638  C CA  . ILE A 1 81  ? -3.451  3.153   1.471   1.00 17.50 ? 119 ILE X CA  1 
ATOM   639  C C   . ILE A 1 81  ? -3.913  2.924   2.904   1.00 21.71 ? 119 ILE X C   1 
ATOM   640  O O   . ILE A 1 81  ? -3.099  2.727   3.798   1.00 20.16 ? 119 ILE X O   1 
ATOM   641  C CB  . ILE A 1 81  ? -2.885  1.844   0.863   1.00 22.36 ? 119 ILE X CB  1 
ATOM   642  C CG1 . ILE A 1 81  ? -2.374  2.062   -0.578  1.00 20.07 ? 119 ILE X CG1 1 
ATOM   643  C CG2 . ILE A 1 81  ? -3.954  0.732   0.916   1.00 19.04 ? 119 ILE X CG2 1 
ATOM   644  C CD1 . ILE A 1 81  ? -1.681  0.827   -1.117  1.00 28.04 ? 119 ILE X CD1 1 
ATOM   645  N N   . ILE A 1 82  ? -5.233  2.901   3.088   1.00 18.68 ? 120 ILE X N   1 
ATOM   646  C CA  . ILE A 1 82  ? -5.860  2.764   4.392   1.00 18.65 ? 120 ILE X CA  1 
ATOM   647  C C   . ILE A 1 82  ? -6.402  1.358   4.578   1.00 20.84 ? 120 ILE X C   1 
ATOM   648  O O   . ILE A 1 82  ? -7.425  0.975   3.980   1.00 20.29 ? 120 ILE X O   1 
ATOM   649  C CB  . ILE A 1 82  ? -7.034  3.779   4.567   1.00 19.79 ? 120 ILE X CB  1 
ATOM   650  C CG1 . ILE A 1 82  ? -6.598  5.179   4.077   1.00 21.10 ? 120 ILE X CG1 1 
ATOM   651  C CG2 . ILE A 1 82  ? -7.527  3.800   6.039   1.00 17.63 ? 120 ILE X CG2 1 
ATOM   652  C CD1 . ILE A 1 82  ? -7.735  6.140   3.704   1.00 22.49 ? 120 ILE X CD1 1 
ATOM   653  N N   . HIS A 1 83  ? -5.715  0.579   5.403   1.00 20.64 ? 121 HIS X N   1 
ATOM   654  C CA  . HIS A 1 83  ? -6.141  -0.805  5.678   1.00 23.44 ? 121 HIS X CA  1 
ATOM   655  C C   . HIS A 1 83  ? -6.852  -0.974  7.025   1.00 23.14 ? 121 HIS X C   1 
ATOM   656  O O   . HIS A 1 83  ? -7.647  -1.895  7.184   1.00 23.08 ? 121 HIS X O   1 
ATOM   657  C CB  . HIS A 1 83  ? -4.949  -1.746  5.597   1.00 18.18 ? 121 HIS X CB  1 
ATOM   658  C CG  . HIS A 1 83  ? -3.776  -1.275  6.387   1.00 21.41 ? 121 HIS X CG  1 
ATOM   659  N ND1 . HIS A 1 83  ? -2.630  -0.797  5.795   1.00 24.12 ? 121 HIS X ND1 1 
ATOM   660  C CD2 . HIS A 1 83  ? -3.583  -1.187  7.723   1.00 16.25 ? 121 HIS X CD2 1 
ATOM   661  C CE1 . HIS A 1 83  ? -1.776  -0.441  6.734   1.00 19.97 ? 121 HIS X CE1 1 
ATOM   662  N NE2 . HIS A 1 83  ? -2.338  -0.654  7.912   1.00 21.32 ? 121 HIS X NE2 1 
ATOM   663  N N   . GLY A 1 84  ? -6.565  -0.089  7.983   1.00 21.58 ? 122 GLY X N   1 
ATOM   664  C CA  . GLY A 1 84  ? -7.177  -0.174  9.303   1.00 23.86 ? 122 GLY X CA  1 
ATOM   665  C C   . GLY A 1 84  ? -6.246  -0.774  10.343  1.00 24.70 ? 122 GLY X C   1 
ATOM   666  O O   . GLY A 1 84  ? -5.204  -1.326  10.005  1.00 22.83 ? 122 GLY X O   1 
ATOM   667  N N   . LYS A 1 85  ? -6.631  -0.653  11.616  1.00 32.72 ? 123 LYS X N   1 
ATOM   668  C CA  . LYS A 1 85  ? -5.853  -1.200  12.731  1.00 35.33 ? 123 LYS X CA  1 
ATOM   669  C C   . LYS A 1 85  ? -6.566  -2.433  13.272  1.00 38.53 ? 123 LYS X C   1 
ATOM   670  O O   . LYS A 1 85  ? -7.780  -2.443  13.428  1.00 37.91 ? 123 LYS X O   1 
ATOM   671  C CB  . LYS A 1 85  ? -5.662  -0.157  13.851  1.00 37.61 ? 123 LYS X CB  1 
ATOM   672  C CG  . LYS A 1 85  ? -5.199  1.233   13.399  1.00 50.42 ? 123 LYS X CG  1 
ATOM   673  C CD  . LYS A 1 85  ? -5.079  2.205   14.576  1.00 49.15 ? 123 LYS X CD  1 
ATOM   674  C CE  . LYS A 1 85  ? -4.639  3.615   14.131  1.00 37.38 ? 123 LYS X CE  1 
ATOM   675  N NZ  . LYS A 1 85  ? -4.255  4.468   15.339  1.00 21.75 ? 123 LYS X NZ  1 
ATOM   676  N N   . GLY A 1 86  ? -5.808  -3.484  13.532  1.00 31.61 ? 124 GLY X N   1 
ATOM   677  C CA  . GLY A 1 86  ? -6.370  -4.733  14.039  1.00 39.42 ? 124 GLY X CA  1 
ATOM   678  C C   . GLY A 1 86  ? -6.102  -4.903  15.519  1.00 40.38 ? 124 GLY X C   1 
ATOM   679  O O   . GLY A 1 86  ? -5.178  -4.312  16.063  1.00 35.07 ? 124 GLY X O   1 
ATOM   680  N N   . ARG A 1 87  ? -6.906  -5.718  16.176  1.00 48.95 ? 125 ARG X N   1 
ATOM   681  C CA  . ARG A 1 87  ? -6.668  -6.004  17.581  1.00 51.12 ? 125 ARG X CA  1 
ATOM   682  C C   . ARG A 1 87  ? -5.695  -7.179  17.797  1.00 46.32 ? 125 ARG X C   1 
ATOM   683  O O   . ARG A 1 87  ? -4.993  -7.216  18.793  1.00 55.53 ? 125 ARG X O   1 
ATOM   684  C CB  . ARG A 1 87  ? -7.991  -6.174  18.347  1.00 57.17 ? 125 ARG X CB  1 
ATOM   685  C CG  . ARG A 1 87  ? -8.940  -4.945  18.277  1.00 64.75 ? 125 ARG X CG  1 
ATOM   686  C CD  . ARG A 1 87  ? -8.212  -3.604  18.527  1.00 64.76 ? 125 ARG X CD  1 
ATOM   687  N NE  . ARG A 1 87  ? -8.888  -2.471  17.888  1.00 70.55 ? 125 ARG X NE  1 
ATOM   688  C CZ  . ARG A 1 87  ? -8.286  -1.355  17.467  1.00 65.35 ? 125 ARG X CZ  1 
ATOM   689  N NH1 . ARG A 1 87  ? -6.972  -1.183  17.595  1.00 59.27 ? 125 ARG X NH1 1 
ATOM   690  N NH2 . ARG A 1 87  ? -9.001  -0.399  16.901  1.00 64.93 ? 125 ARG X NH2 1 
ATOM   691  N N   . ASP A 1 88  ? -5.648  -8.124  16.863  1.00 42.20 ? 126 ASP X N   1 
ATOM   692  C CA  . ASP A 1 88  ? -4.619  -9.178  16.884  1.00 50.73 ? 126 ASP X CA  1 
ATOM   693  C C   . ASP A 1 88  ? -4.038  -9.482  15.490  1.00 41.25 ? 126 ASP X C   1 
ATOM   694  O O   . ASP A 1 88  ? -4.529  -8.940  14.483  1.00 40.75 ? 126 ASP X O   1 
ATOM   695  C CB  . ASP A 1 88  ? -5.112  -10.446 17.596  1.00 46.82 ? 126 ASP X CB  1 
ATOM   696  C CG  . ASP A 1 88  ? -6.349  -11.040 16.958  1.00 51.03 ? 126 ASP X CG  1 
ATOM   697  O OD1 . ASP A 1 88  ? -7.468  -10.635 17.355  1.00 59.74 ? 126 ASP X OD1 1 
ATOM   698  O OD2 . ASP A 1 88  ? -6.210  -11.936 16.085  1.00 57.94 ? 126 ASP X OD2 1 
ATOM   699  N N   . ASP A 1 89  ? -2.999  -10.332 15.441  1.00 32.13 ? 127 ASP X N   1 
ATOM   700  C CA  . ASP A 1 89  ? -2.297  -10.695 14.181  1.00 30.00 ? 127 ASP X CA  1 
ATOM   701  C C   . ASP A 1 89  ? -3.248  -11.271 13.133  1.00 25.06 ? 127 ASP X C   1 
ATOM   702  O O   . ASP A 1 89  ? -3.004  -11.154 11.934  1.00 28.65 ? 127 ASP X O   1 
ATOM   703  C CB  . ASP A 1 89  ? -1.155  -11.721 14.412  1.00 30.51 ? 127 ASP X CB  1 
ATOM   704  C CG  . ASP A 1 89  ? 0.018   -11.178 15.259  1.00 38.87 ? 127 ASP X CG  1 
ATOM   705  O OD1 . ASP A 1 89  ? -0.009  -10.028 15.756  1.00 34.03 ? 127 ASP X OD1 1 
ATOM   706  O OD2 . ASP A 1 89  ? 1.003   -11.939 15.435  1.00 42.43 ? 127 ASP X OD2 1 
ATOM   707  N N   . LYS A 1 90  ? -4.320  -11.911 13.567  1.00 22.75 ? 128 LYS X N   1 
ATOM   708  C CA  . LYS A 1 90  ? -5.220  -12.563 12.614  1.00 25.51 ? 128 LYS X CA  1 
ATOM   709  C C   . LYS A 1 90  ? -6.526  -11.821 12.389  1.00 29.59 ? 128 LYS X C   1 
ATOM   710  O O   . LYS A 1 90  ? -7.449  -12.366 11.775  1.00 25.21 ? 128 LYS X O   1 
ATOM   711  C CB  . LYS A 1 90  ? -5.486  -14.021 12.988  1.00 28.17 ? 128 LYS X CB  1 
ATOM   712  C CG  . LYS A 1 90  ? -4.227  -14.870 13.021  1.00 27.35 ? 128 LYS X CG  1 
ATOM   713  C CD  . LYS A 1 90  ? -4.142  -15.815 11.864  1.00 25.06 ? 128 LYS X CD  1 
ATOM   714  C CE  . LYS A 1 90  ? -2.797  -16.519 11.886  1.00 29.25 ? 128 LYS X CE  1 
ATOM   715  N NZ  . LYS A 1 90  ? -2.944  -17.877 12.453  1.00 22.24 ? 128 LYS X NZ  1 
ATOM   716  N N   . SER A 1 91  ? -6.604  -10.577 12.860  1.00 30.87 ? 129 SER X N   1 
ATOM   717  C CA  . SER A 1 91  ? -7.782  -9.755  12.591  1.00 32.17 ? 129 SER X CA  1 
ATOM   718  C C   . SER A 1 91  ? -7.799  -9.351  11.117  1.00 29.07 ? 129 SER X C   1 
ATOM   719  O O   . SER A 1 91  ? -6.764  -9.405  10.435  1.00 27.18 ? 129 SER X O   1 
ATOM   720  C CB  . SER A 1 91  ? -7.793  -8.532  13.490  1.00 29.96 ? 129 SER X CB  1 
ATOM   721  O OG  . SER A 1 91  ? -6.714  -7.697  13.151  1.00 38.05 ? 129 SER X OG  1 
ATOM   722  N N   . HIS A 1 92  ? -8.968  -8.957  10.616  1.00 26.92 ? 130 HIS X N   1 
ATOM   723  C CA  . HIS A 1 92  ? -9.147  -8.726  9.192   1.00 29.25 ? 130 HIS X CA  1 
ATOM   724  C C   . HIS A 1 92  ? -8.246  -7.606  8.700   1.00 26.82 ? 130 HIS X C   1 
ATOM   725  O O   . HIS A 1 92  ? -7.627  -7.722  7.637   1.00 23.42 ? 130 HIS X O   1 
ATOM   726  C CB  . HIS A 1 92  ? -10.613 -8.406  8.881   1.00 31.30 ? 130 HIS X CB  1 
ATOM   727  C CG  . HIS A 1 92  ? -10.864 -8.106  7.436   1.00 27.36 ? 130 HIS X CG  1 
ATOM   728  N ND1 . HIS A 1 92  ? -10.899 -9.085  6.469   1.00 31.72 ? 130 HIS X ND1 1 
ATOM   729  C CD2 . HIS A 1 92  ? -11.077 -6.936  6.794   1.00 26.15 ? 130 HIS X CD2 1 
ATOM   730  C CE1 . HIS A 1 92  ? -11.134 -8.533  5.292   1.00 30.03 ? 130 HIS X CE1 1 
ATOM   731  N NE2 . HIS A 1 92  ? -11.246 -7.228  5.462   1.00 30.68 ? 130 HIS X NE2 1 
ATOM   732  N N   . ALA A 1 93  ? -8.170  -6.533  9.487   1.00 20.25 ? 131 ALA X N   1 
ATOM   733  C CA  . ALA A 1 93  ? -7.319  -5.376  9.193   1.00 21.36 ? 131 ALA X CA  1 
ATOM   734  C C   . ALA A 1 93  ? -5.840  -5.755  9.027   1.00 23.00 ? 131 ALA X C   1 
ATOM   735  O O   . ALA A 1 93  ? -5.172  -5.272  8.109   1.00 21.29 ? 131 ALA X O   1 
ATOM   736  C CB  . ALA A 1 93  ? -7.476  -4.317  10.285  1.00 22.16 ? 131 ALA X CB  1 
ATOM   737  N N   . ASN A 1 94  ? -5.333  -6.606  9.917   1.00 19.90 ? 132 ASN X N   1 
ATOM   738  C CA  . ASN A 1 94  ? -3.953  -7.075  9.791   1.00 20.78 ? 132 ASN X CA  1 
ATOM   739  C C   . ASN A 1 94  ? -3.724  -8.037  8.611   1.00 17.88 ? 132 ASN X C   1 
ATOM   740  O O   . ASN A 1 94  ? -2.639  -8.070  8.031   1.00 20.64 ? 132 ASN X O   1 
ATOM   741  C CB  . ASN A 1 94  ? -3.451  -7.733  11.093  1.00 19.82 ? 132 ASN X CB  1 
ATOM   742  C CG  . ASN A 1 94  ? -1.936  -7.844  11.108  1.00 24.95 ? 132 ASN X CG  1 
ATOM   743  O OD1 . ASN A 1 94  ? -1.354  -8.942  11.191  1.00 23.75 ? 132 ASN X OD1 1 
ATOM   744  N ND2 . ASN A 1 94  ? -1.286  -6.702  10.979  1.00 21.33 ? 132 ASN X ND2 1 
ATOM   745  N N   . ILE A 1 95  ? -4.735  -8.840  8.291   1.00 25.41 ? 133 ILE X N   1 
ATOM   746  C CA  . ILE A 1 95  ? -4.669  -9.703  7.111   1.00 21.21 ? 133 ILE X CA  1 
ATOM   747  C C   . ILE A 1 95  ? -4.613  -8.834  5.847   1.00 25.31 ? 133 ILE X C   1 
ATOM   748  O O   . ILE A 1 95  ? -3.763  -9.044  4.972   1.00 23.40 ? 133 ILE X O   1 
ATOM   749  C CB  . ILE A 1 95  ? -5.862  -10.693 7.030   1.00 20.68 ? 133 ILE X CB  1 
ATOM   750  C CG1 . ILE A 1 95  ? -5.861  -11.696 8.200   1.00 24.61 ? 133 ILE X CG1 1 
ATOM   751  C CG2 . ILE A 1 95  ? -5.848  -11.435 5.714   1.00 30.14 ? 133 ILE X CG2 1 
ATOM   752  C CD1 . ILE A 1 95  ? -4.537  -12.393 8.449   1.00 30.09 ? 133 ILE X CD1 1 
ATOM   753  N N   . VAL A 1 96  ? -5.526  -7.869  5.760   1.00 21.66 ? 134 VAL X N   1 
ATOM   754  C CA  . VAL A 1 96  ? -5.494  -6.870  4.705   1.00 19.06 ? 134 VAL X CA  1 
ATOM   755  C C   . VAL A 1 96  ? -4.133  -6.143  4.631   1.00 20.23 ? 134 VAL X C   1 
ATOM   756  O O   . VAL A 1 96  ? -3.562  -6.034  3.546   1.00 18.07 ? 134 VAL X O   1 
ATOM   757  C CB  . VAL A 1 96  ? -6.647  -5.842  4.816   1.00 19.69 ? 134 VAL X CB  1 
ATOM   758  C CG1 . VAL A 1 96  ? -6.514  -4.725  3.734   1.00 19.92 ? 134 VAL X CG1 1 
ATOM   759  C CG2 . VAL A 1 96  ? -7.991  -6.541  4.647   1.00 21.54 ? 134 VAL X CG2 1 
ATOM   760  N N   . ARG A 1 97  ? -3.646  -5.655  5.776   1.00 20.29 ? 135 ARG X N   1 
ATOM   761  C CA  . ARG A 1 97  ? -2.360  -4.983  5.878   1.00 16.87 ? 135 ARG X CA  1 
ATOM   762  C C   . ARG A 1 97  ? -1.246  -5.886  5.327   1.00 18.48 ? 135 ARG X C   1 
ATOM   763  O O   . ARG A 1 97  ? -0.350  -5.424  4.615   1.00 18.21 ? 135 ARG X O   1 
ATOM   764  C CB  . ARG A 1 97  ? -2.066  -4.614  7.346   1.00 19.90 ? 135 ARG X CB  1 
ATOM   765  C CG  . ARG A 1 97  ? -0.854  -3.660  7.514   1.00 26.54 ? 135 ARG X CG  1 
ATOM   766  C CD  . ARG A 1 97  ? -0.601  -3.277  8.966   1.00 21.93 ? 135 ARG X CD  1 
ATOM   767  N NE  . ARG A 1 97  ? -0.124  -4.412  9.756   1.00 18.26 ? 135 ARG X NE  1 
ATOM   768  C CZ  . ARG A 1 97  ? 1.040   -4.464  10.394  1.00 25.45 ? 135 ARG X CZ  1 
ATOM   769  N NH1 . ARG A 1 97  ? 1.894   -3.430  10.370  1.00 21.41 ? 135 ARG X NH1 1 
ATOM   770  N NH2 . ARG A 1 97  ? 1.350   -5.570  11.063  1.00 19.97 ? 135 ARG X NH2 1 
ATOM   771  N N   . SER A 1 98  ? -1.304  -7.177  5.674   1.00 21.62 ? 136 SER X N   1 
ATOM   772  C CA  . SER A 1 98  ? -0.249  -8.131  5.258   1.00 21.96 ? 136 SER X CA  1 
ATOM   773  C C   . SER A 1 98  ? -0.262  -8.387  3.756   1.00 21.19 ? 136 SER X C   1 
ATOM   774  O O   . SER A 1 98  ? 0.802   -8.455  3.135   1.00 23.35 ? 136 SER X O   1 
ATOM   775  C CB  . SER A 1 98  ? -0.315  -9.447  6.033   1.00 22.29 ? 136 SER X CB  1 
ATOM   776  O OG  . SER A 1 98  ? -0.004  -9.236  7.381   1.00 26.57 ? 136 SER X OG  1 
ATOM   777  N N   . TYR A 1 99  ? -1.461  -8.480  3.179   1.00 18.97 ? 137 TYR X N   1 
ATOM   778  C CA  . TYR A 1 99  ? -1.599  -8.607  1.731   1.00 17.50 ? 137 TYR X CA  1 
ATOM   779  C C   . TYR A 1 99  ? -1.125  -7.357  1.037   1.00 22.11 ? 137 TYR X C   1 
ATOM   780  O O   . TYR A 1 99  ? -0.452  -7.448  -0.006  1.00 23.04 ? 137 TYR X O   1 
ATOM   781  C CB  . TYR A 1 99  ? -3.045  -8.915  1.335   1.00 20.88 ? 137 TYR X CB  1 
ATOM   782  C CG  . TYR A 1 99  ? -3.342  -10.397 1.274   1.00 25.73 ? 137 TYR X CG  1 
ATOM   783  C CD1 . TYR A 1 99  ? -2.594  -11.249 0.436   1.00 24.88 ? 137 TYR X CD1 1 
ATOM   784  C CD2 . TYR A 1 99  ? -4.362  -10.960 2.050   1.00 27.14 ? 137 TYR X CD2 1 
ATOM   785  C CE1 . TYR A 1 99  ? -2.866  -12.612 0.368   1.00 24.97 ? 137 TYR X CE1 1 
ATOM   786  C CE2 . TYR A 1 99  ? -4.640  -12.342 1.997   1.00 28.09 ? 137 TYR X CE2 1 
ATOM   787  C CZ  . TYR A 1 99  ? -3.883  -13.149 1.149   1.00 27.98 ? 137 TYR X CZ  1 
ATOM   788  O OH  . TYR A 1 99  ? -4.135  -14.489 1.089   1.00 26.66 ? 137 TYR X OH  1 
ATOM   789  N N   . VAL A 1 100 ? -1.467  -6.184  1.598   1.00 19.66 ? 138 VAL X N   1 
ATOM   790  C CA  . VAL A 1 100 ? -1.055  -4.916  0.966   1.00 15.92 ? 138 VAL X CA  1 
ATOM   791  C C   . VAL A 1 100 ? 0.485   -4.832  0.963   1.00 21.24 ? 138 VAL X C   1 
ATOM   792  O O   . VAL A 1 100 ? 1.101   -4.422  -0.024  1.00 18.70 ? 138 VAL X O   1 
ATOM   793  C CB  . VAL A 1 100 ? -1.700  -3.661  1.651   1.00 21.92 ? 138 VAL X CB  1 
ATOM   794  C CG1 . VAL A 1 100 ? -1.011  -2.368  1.178   1.00 21.51 ? 138 VAL X CG1 1 
ATOM   795  C CG2 . VAL A 1 100 ? -3.242  -3.584  1.400   1.00 14.67 ? 138 VAL X CG2 1 
ATOM   796  N N   . ALA A 1 101 ? 1.108   -5.262  2.058   1.00 23.56 ? 139 ALA X N   1 
ATOM   797  C CA  . ALA A 1 101 ? 2.573   -5.310  2.125   1.00 25.59 ? 139 ALA X CA  1 
ATOM   798  C C   . ALA A 1 101 ? 3.201   -6.107  0.971   1.00 25.06 ? 139 ALA X C   1 
ATOM   799  O O   . ALA A 1 101 ? 4.189   -5.685  0.392   1.00 23.50 ? 139 ALA X O   1 
ATOM   800  C CB  . ALA A 1 101 ? 3.029   -5.880  3.460   1.00 23.29 ? 139 ALA X CB  1 
ATOM   801  N N   . ARG A 1 102 ? 2.634   -7.270  0.661   1.00 20.41 ? 140 ARG X N   1 
ATOM   802  C CA  . ARG A 1 102 ? 3.136   -8.087  -0.428  1.00 17.86 ? 140 ARG X CA  1 
ATOM   803  C C   . ARG A 1 102 ? 2.791   -7.472  -1.777  1.00 20.44 ? 140 ARG X C   1 
ATOM   804  O O   . ARG A 1 102 ? 3.650   -7.377  -2.649  1.00 21.34 ? 140 ARG X O   1 
ATOM   805  C CB  . ARG A 1 102 ? 2.514   -9.482  -0.352  1.00 22.08 ? 140 ARG X CB  1 
ATOM   806  C CG  . ARG A 1 102 ? 2.667   -10.277 -1.632  1.00 24.61 ? 140 ARG X CG  1 
ATOM   807  C CD  . ARG A 1 102 ? 1.761   -11.463 -1.624  1.00 35.19 ? 140 ARG X CD  1 
ATOM   808  N NE  . ARG A 1 102 ? 2.307   -12.517 -0.775  1.00 39.52 ? 140 ARG X NE  1 
ATOM   809  C CZ  . ARG A 1 102 ? 1.878   -13.770 -0.779  1.00 38.13 ? 140 ARG X CZ  1 
ATOM   810  N NH1 . ARG A 1 102 ? 0.886   -14.125 -1.594  1.00 35.41 ? 140 ARG X NH1 1 
ATOM   811  N NH2 . ARG A 1 102 ? 2.444   -14.660 0.025   1.00 34.60 ? 140 ARG X NH2 1 
ATOM   812  N N   . TRP A 1 103 ? 1.529   -7.083  -1.963  1.00 18.13 ? 141 TRP X N   1 
ATOM   813  C CA  . TRP A 1 103 ? 1.072   -6.587  -3.276  1.00 19.89 ? 141 TRP X CA  1 
ATOM   814  C C   . TRP A 1 103 ? 1.865   -5.396  -3.787  1.00 21.91 ? 141 TRP X C   1 
ATOM   815  O O   . TRP A 1 103 ? 2.145   -5.303  -4.986  1.00 15.10 ? 141 TRP X O   1 
ATOM   816  C CB  . TRP A 1 103 ? -0.416  -6.245  -3.239  1.00 16.77 ? 141 TRP X CB  1 
ATOM   817  C CG  . TRP A 1 103 ? -1.295  -7.430  -2.966  1.00 17.53 ? 141 TRP X CG  1 
ATOM   818  C CD1 . TRP A 1 103 ? -1.003  -8.749  -3.181  1.00 18.60 ? 141 TRP X CD1 1 
ATOM   819  C CD2 . TRP A 1 103 ? -2.624  -7.395  -2.439  1.00 19.67 ? 141 TRP X CD2 1 
ATOM   820  N NE1 . TRP A 1 103 ? -2.074  -9.540  -2.811  1.00 23.80 ? 141 TRP X NE1 1 
ATOM   821  C CE2 . TRP A 1 103 ? -3.083  -8.728  -2.359  1.00 22.78 ? 141 TRP X CE2 1 
ATOM   822  C CE3 . TRP A 1 103 ? -3.478  -6.370  -2.062  1.00 15.88 ? 141 TRP X CE3 1 
ATOM   823  C CZ2 . TRP A 1 103 ? -4.359  -9.054  -1.895  1.00 23.16 ? 141 TRP X CZ2 1 
ATOM   824  C CZ3 . TRP A 1 103 ? -4.740  -6.687  -1.608  1.00 20.17 ? 141 TRP X CZ3 1 
ATOM   825  C CH2 . TRP A 1 103 ? -5.167  -8.022  -1.511  1.00 19.60 ? 141 TRP X CH2 1 
ATOM   826  N N   . LEU A 1 104 ? 2.250   -4.492  -2.874  1.00 17.80 ? 142 LEU X N   1 
ATOM   827  C CA  . LEU A 1 104 ? 2.965   -3.302  -3.291  1.00 16.31 ? 142 LEU X CA  1 
ATOM   828  C C   . LEU A 1 104 ? 4.335   -3.646  -3.833  1.00 22.24 ? 142 LEU X C   1 
ATOM   829  O O   . LEU A 1 104 ? 4.788   -2.996  -4.765  1.00 22.88 ? 142 LEU X O   1 
ATOM   830  C CB  . LEU A 1 104 ? 3.061   -2.253  -2.179  1.00 14.12 ? 142 LEU X CB  1 
ATOM   831  C CG  . LEU A 1 104 ? 1.747   -1.631  -1.727  1.00 20.16 ? 142 LEU X CG  1 
ATOM   832  C CD1 . LEU A 1 104 ? 1.934   -0.741  -0.479  1.00 19.92 ? 142 LEU X CD1 1 
ATOM   833  C CD2 . LEU A 1 104 ? 1.067   -0.874  -2.865  1.00 20.09 ? 142 LEU X CD2 1 
ATOM   834  N N   . THR A 1 105 ? 4.992   -4.675  -3.273  1.00 21.69 ? 143 THR X N   1 
ATOM   835  C CA  . THR A 1 105 ? 6.321   -5.073  -3.771  1.00 22.58 ? 143 THR X CA  1 
ATOM   836  C C   . THR A 1 105 ? 6.244   -5.700  -5.177  1.00 25.36 ? 143 THR X C   1 
ATOM   837  O O   . THR A 1 105 ? 7.260   -5.789  -5.878  1.00 27.86 ? 143 THR X O   1 
ATOM   838  C CB  . THR A 1 105 ? 7.055   -6.052  -2.840  1.00 21.79 ? 143 THR X CB  1 
ATOM   839  O OG1 . THR A 1 105 ? 6.390   -7.317  -2.873  1.00 22.13 ? 143 THR X OG1 1 
ATOM   840  C CG2 . THR A 1 105 ? 7.112   -5.536  -1.381  1.00 21.52 ? 143 THR X CG2 1 
ATOM   841  N N   . GLU A 1 106 ? 5.048   -6.121  -5.586  1.00 22.21 ? 144 GLU X N   1 
ATOM   842  C CA  . GLU A 1 106 ? 4.858   -6.777  -6.901  1.00 25.59 ? 144 GLU X CA  1 
ATOM   843  C C   . GLU A 1 106 ? 4.728   -5.817  -8.101  1.00 28.03 ? 144 GLU X C   1 
ATOM   844  O O   . GLU A 1 106 ? 4.818   -6.239  -9.275  1.00 26.52 ? 144 GLU X O   1 
ATOM   845  C CB  . GLU A 1 106 ? 3.670   -7.735  -6.828  1.00 24.73 ? 144 GLU X CB  1 
ATOM   846  C CG  . GLU A 1 106 ? 4.017   -8.931  -5.997  1.00 24.33 ? 144 GLU X CG  1 
ATOM   847  C CD  . GLU A 1 106 ? 2.860   -9.858  -5.743  1.00 29.42 ? 144 GLU X CD  1 
ATOM   848  O OE1 . GLU A 1 106 ? 1.711   -9.425  -5.759  1.00 33.30 ? 144 GLU X OE1 1 
ATOM   849  O OE2 . GLU A 1 106 ? 3.106   -11.039 -5.472  1.00 40.07 ? 144 GLU X OE2 1 
ATOM   850  N N   . PHE A 1 107 ? 4.505   -4.537  -7.806  1.00 24.32 ? 145 PHE X N   1 
ATOM   851  C CA  . PHE A 1 107 ? 4.547   -3.503  -8.809  1.00 22.52 ? 145 PHE X CA  1 
ATOM   852  C C   . PHE A 1 107 ? 5.989   -3.056  -9.049  1.00 23.17 ? 145 PHE X C   1 
ATOM   853  O O   . PHE A 1 107 ? 6.695   -2.609  -8.130  1.00 18.14 ? 145 PHE X O   1 
ATOM   854  C CB  . PHE A 1 107 ? 3.698   -2.299  -8.374  1.00 22.46 ? 145 PHE X CB  1 
ATOM   855  C CG  . PHE A 1 107 ? 2.210   -2.572  -8.353  1.00 21.01 ? 145 PHE X CG  1 
ATOM   856  C CD1 . PHE A 1 107 ? 1.460   -2.536  -9.530  1.00 19.75 ? 145 PHE X CD1 1 
ATOM   857  C CD2 . PHE A 1 107 ? 1.553   -2.841  -7.151  1.00 19.18 ? 145 PHE X CD2 1 
ATOM   858  C CE1 . PHE A 1 107 ? 0.097   -2.784  -9.525  1.00 14.91 ? 145 PHE X CE1 1 
ATOM   859  C CE2 . PHE A 1 107 ? 0.173   -3.083  -7.134  1.00 17.71 ? 145 PHE X CE2 1 
ATOM   860  C CZ  . PHE A 1 107 ? -0.558  -3.049  -8.320  1.00 16.39 ? 145 PHE X CZ  1 
ATOM   861  N N   . ASP A 1 108 ? 6.412   -3.157  -10.295 1.00 20.66 ? 146 ASP X N   1 
ATOM   862  C CA  . ASP A 1 108 ? 7.669   -2.565  -10.730 1.00 24.54 ? 146 ASP X CA  1 
ATOM   863  C C   . ASP A 1 108 ? 7.852   -1.075  -10.333 1.00 23.56 ? 146 ASP X C   1 
ATOM   864  O O   . ASP A 1 108 ? 8.965   -0.659  -10.017 1.00 21.03 ? 146 ASP X O   1 
ATOM   865  C CB  . ASP A 1 108 ? 7.813   -2.726  -12.257 1.00 22.75 ? 146 ASP X CB  1 
ATOM   866  C CG  . ASP A 1 108 ? 9.246   -2.741  -12.693 1.00 32.93 ? 146 ASP X CG  1 
ATOM   867  O OD1 . ASP A 1 108 ? 10.033  -3.540  -12.131 1.00 33.44 ? 146 ASP X OD1 1 
ATOM   868  O OD2 . ASP A 1 108 ? 9.586   -1.947  -13.587 1.00 33.59 ? 146 ASP X OD2 1 
ATOM   869  N N   . ASP A 1 109 ? 6.769   -0.289  -10.325 1.00 21.74 ? 147 ASP X N   1 
ATOM   870  C CA  . ASP A 1 109 ? 6.855   1.174   -10.110 1.00 21.77 ? 147 ASP X CA  1 
ATOM   871  C C   . ASP A 1 109 ? 6.751   1.638   -8.630  1.00 22.18 ? 147 ASP X C   1 
ATOM   872  O O   . ASP A 1 109 ? 6.835   2.845   -8.334  1.00 19.20 ? 147 ASP X O   1 
ATOM   873  C CB  . ASP A 1 109 ? 5.811   1.904   -10.947 1.00 21.65 ? 147 ASP X CB  1 
ATOM   874  C CG  . ASP A 1 109 ? 6.038   1.751   -12.449 1.00 26.67 ? 147 ASP X CG  1 
ATOM   875  O OD1 . ASP A 1 109 ? 7.092   2.179   -12.961 1.00 30.38 ? 147 ASP X OD1 1 
ATOM   876  O OD2 . ASP A 1 109 ? 5.153   1.212   -13.129 1.00 28.04 ? 147 ASP X OD2 1 
ATOM   877  N N   . VAL A 1 110 ? 6.585   0.692   -7.716  1.00 21.72 ? 148 VAL X N   1 
ATOM   878  C CA  . VAL A 1 110 ? 6.590   0.987   -6.293  1.00 26.73 ? 148 VAL X CA  1 
ATOM   879  C C   . VAL A 1 110 ? 8.054   1.027   -5.814  1.00 25.49 ? 148 VAL X C   1 
ATOM   880  O O   . VAL A 1 110 ? 8.777   0.034   -5.903  1.00 25.13 ? 148 VAL X O   1 
ATOM   881  C CB  . VAL A 1 110 ? 5.750   -0.061  -5.498  1.00 23.12 ? 148 VAL X CB  1 
ATOM   882  C CG1 . VAL A 1 110 ? 6.110   -0.085  -3.992  1.00 23.68 ? 148 VAL X CG1 1 
ATOM   883  C CG2 . VAL A 1 110 ? 4.278   0.200   -5.683  1.00 21.94 ? 148 VAL X CG2 1 
ATOM   884  N N   . GLN A 1 111 ? 8.478   2.183   -5.320  1.00 17.20 ? 149 GLN X N   1 
ATOM   885  C CA  . GLN A 1 111 ? 9.871   2.367   -4.848  1.00 17.91 ? 149 GLN X CA  1 
ATOM   886  C C   . GLN A 1 111 ? 10.040  2.021   -3.370  1.00 16.30 ? 149 GLN X C   1 
ATOM   887  O O   . GLN A 1 111 ? 11.072  1.503   -2.958  1.00 18.95 ? 149 GLN X O   1 
ATOM   888  C CB  . GLN A 1 111 ? 10.344  3.808   -5.070  1.00 23.65 ? 149 GLN X CB  1 
ATOM   889  C CG  . GLN A 1 111 ? 10.272  4.315   -6.512  1.00 21.57 ? 149 GLN X CG  1 
ATOM   890  C CD  . GLN A 1 111 ? 10.248  5.836   -6.593  1.00 25.97 ? 149 GLN X CD  1 
ATOM   891  O OE1 . GLN A 1 111 ? 11.045  6.453   -7.317  1.00 31.44 ? 149 GLN X OE1 1 
ATOM   892  N NE2 . GLN A 1 111 ? 9.346   6.448   -5.849  1.00 15.86 ? 149 GLN X NE2 1 
ATOM   893  N N   . ALA A 1 112 ? 9.034   2.364   -2.565  1.00 23.17 ? 150 ALA X N   1 
ATOM   894  C CA  . ALA A 1 112 ? 9.111   2.217   -1.135  1.00 20.36 ? 150 ALA X CA  1 
ATOM   895  C C   . ALA A 1 112 ? 7.723   2.358   -0.533  1.00 19.85 ? 150 ALA X C   1 
ATOM   896  O O   . ALA A 1 112 ? 6.822   2.905   -1.157  1.00 21.52 ? 150 ALA X O   1 
ATOM   897  C CB  . ALA A 1 112 ? 10.058  3.311   -0.544  1.00 22.15 ? 150 ALA X CB  1 
ATOM   898  N N   . TYR A 1 113 ? 7.564   1.893   0.698   1.00 17.25 ? 151 TYR X N   1 
ATOM   899  C CA  . TYR A 1 113 ? 6.423   2.240   1.512   1.00 18.42 ? 151 TYR X CA  1 
ATOM   900  C C   . TYR A 1 113 ? 6.826   2.234   2.986   1.00 23.52 ? 151 TYR X C   1 
ATOM   901  O O   . TYR A 1 113 ? 7.897   1.707   3.356   1.00 19.86 ? 151 TYR X O   1 
ATOM   902  C CB  . TYR A 1 113 ? 5.189   1.349   1.240   1.00 15.58 ? 151 TYR X CB  1 
ATOM   903  C CG  . TYR A 1 113 ? 5.371   -0.150  1.445   1.00 15.16 ? 151 TYR X CG  1 
ATOM   904  C CD1 . TYR A 1 113 ? 5.421   -0.697  2.700   1.00 14.90 ? 151 TYR X CD1 1 
ATOM   905  C CD2 . TYR A 1 113 ? 5.445   -1.017  0.350   1.00 16.79 ? 151 TYR X CD2 1 
ATOM   906  C CE1 . TYR A 1 113 ? 5.579   -2.050  2.886   1.00 18.44 ? 151 TYR X CE1 1 
ATOM   907  C CE2 . TYR A 1 113 ? 5.591   -2.400  0.537   1.00 14.00 ? 151 TYR X CE2 1 
ATOM   908  C CZ  . TYR A 1 113 ? 5.660   -2.897  1.802   1.00 16.67 ? 151 TYR X CZ  1 
ATOM   909  O OH  . TYR A 1 113 ? 5.806   -4.237  2.006   1.00 17.63 ? 151 TYR X OH  1 
ATOM   910  N N   . CYS A 1 114 ? 5.973   2.838   3.814   1.00 21.73 ? 152 CYS X N   1 
ATOM   911  C CA  . CYS A 1 114 ? 6.161   2.829   5.274   1.00 23.27 ? 152 CYS X CA  1 
ATOM   912  C C   . CYS A 1 114 ? 4.864   3.212   5.989   1.00 22.07 ? 152 CYS X C   1 
ATOM   913  O O   . CYS A 1 114 ? 3.961   3.781   5.387   1.00 20.62 ? 152 CYS X O   1 
ATOM   914  C CB  . CYS A 1 114 ? 7.287   3.765   5.690   1.00 22.15 ? 152 CYS X CB  1 
ATOM   915  S SG  . CYS A 1 114 ? 6.836   5.501   5.505   1.00 30.06 ? 152 CYS X SG  1 
ATOM   916  N N   . THR A 1 115 ? 4.788   2.906   7.278   1.00 20.33 ? 153 THR X N   1 
ATOM   917  C CA  . THR A 1 115 ? 3.596   3.212   8.070   1.00 20.58 ? 153 THR X CA  1 
ATOM   918  C C   . THR A 1 115 ? 3.375   4.743   8.034   1.00 20.83 ? 153 THR X C   1 
ATOM   919  O O   . THR A 1 115 ? 4.334   5.498   8.036   1.00 19.59 ? 153 THR X O   1 
ATOM   920  C CB  . THR A 1 115 ? 3.736   2.604   9.500   1.00 21.68 ? 153 THR X CB  1 
ATOM   921  O OG1 . THR A 1 115 ? 3.886   1.181   9.399   1.00 23.56 ? 153 THR X OG1 1 
ATOM   922  C CG2 . THR A 1 115 ? 2.518   2.855   10.322  1.00 20.89 ? 153 THR X CG2 1 
ATOM   923  N N   . ALA A 1 116 ? 2.122   5.179   7.919   1.00 20.31 ? 154 ALA X N   1 
ATOM   924  C CA  . ALA A 1 116 ? 1.774   6.602   7.885   1.00 20.60 ? 154 ALA X CA  1 
ATOM   925  C C   . ALA A 1 116 ? 1.963   7.294   9.238   1.00 21.49 ? 154 ALA X C   1 
ATOM   926  O O   . ALA A 1 116 ? 1.975   6.650   10.267  1.00 22.74 ? 154 ALA X O   1 
ATOM   927  C CB  . ALA A 1 116 ? 0.339   6.760   7.435   1.00 21.46 ? 154 ALA X CB  1 
ATOM   928  N N   . LEU A 1 117 ? 2.107   8.613   9.222   1.00 27.90 ? 155 LEU X N   1 
ATOM   929  C CA  . LEU A 1 117 ? 2.020   9.432   10.431  1.00 23.35 ? 155 LEU X CA  1 
ATOM   930  C C   . LEU A 1 117 ? 0.567   9.404   10.931  1.00 24.91 ? 155 LEU X C   1 
ATOM   931  O O   . LEU A 1 117 ? -0.345  9.135   10.138  1.00 22.48 ? 155 LEU X O   1 
ATOM   932  C CB  . LEU A 1 117 ? 2.465   10.863  10.099  1.00 28.04 ? 155 LEU X CB  1 
ATOM   933  C CG  . LEU A 1 117 ? 3.961   11.223  10.203  1.00 34.42 ? 155 LEU X CG  1 
ATOM   934  C CD1 . LEU A 1 117 ? 4.888   10.053  9.982   1.00 33.53 ? 155 LEU X CD1 1 
ATOM   935  C CD2 . LEU A 1 117 ? 4.300   12.324  9.229   1.00 33.53 ? 155 LEU X CD2 1 
ATOM   936  N N   . PRO A 1 118 ? 0.342   9.694   12.231  1.00 25.77 ? 156 PRO X N   1 
ATOM   937  C CA  . PRO A 1 118 ? -1.014  9.642   12.788  1.00 22.90 ? 156 PRO X CA  1 
ATOM   938  C C   . PRO A 1 118 ? -2.031  10.535  12.085  1.00 25.59 ? 156 PRO X C   1 
ATOM   939  O O   . PRO A 1 118 ? -3.199  10.166  11.974  1.00 24.10 ? 156 PRO X O   1 
ATOM   940  C CB  . PRO A 1 118 ? -0.813  10.096  14.233  1.00 26.84 ? 156 PRO X CB  1 
ATOM   941  C CG  . PRO A 1 118 ? 0.696   9.746   14.530  1.00 19.57 ? 156 PRO X CG  1 
ATOM   942  C CD  . PRO A 1 118 ? 1.336   10.116  13.253  1.00 25.62 ? 156 PRO X CD  1 
ATOM   943  N N   . HIS A 1 119 ? -1.602  11.671  11.559  1.00 20.50 ? 157 HIS X N   1 
ATOM   944  C CA  . HIS A 1 119 ? -2.565  12.562  10.913  1.00 23.99 ? 157 HIS X CA  1 
ATOM   945  C C   . HIS A 1 119 ? -3.021  12.013  9.556   1.00 27.13 ? 157 HIS X C   1 
ATOM   946  O O   . HIS A 1 119 ? -3.910  12.578  8.934   1.00 24.79 ? 157 HIS X O   1 
ATOM   947  C CB  . HIS A 1 119 ? -2.034  14.002  10.816  1.00 24.64 ? 157 HIS X CB  1 
ATOM   948  C CG  . HIS A 1 119 ? -0.968  14.199  9.786   1.00 28.14 ? 157 HIS X CG  1 
ATOM   949  N ND1 . HIS A 1 119 ? 0.304   13.686  9.921   1.00 28.49 ? 157 HIS X ND1 1 
ATOM   950  C CD2 . HIS A 1 119 ? -0.974  14.883  8.617   1.00 23.41 ? 157 HIS X CD2 1 
ATOM   951  C CE1 . HIS A 1 119 ? 1.032   14.035  8.878   1.00 26.51 ? 157 HIS X CE1 1 
ATOM   952  N NE2 . HIS A 1 119 ? 0.279   14.759  8.069   1.00 31.70 ? 157 HIS X NE2 1 
ATOM   953  N N   . HIS A 1 120 ? -2.413  10.909  9.114   1.00 19.40 ? 158 HIS X N   1 
ATOM   954  C CA  . HIS A 1 120 ? -2.851  10.226  7.899   1.00 17.86 ? 158 HIS X CA  1 
ATOM   955  C C   . HIS A 1 120 ? -3.316  8.808   8.216   1.00 19.98 ? 158 HIS X C   1 
ATOM   956  O O   . HIS A 1 120 ? -3.329  7.950   7.348   1.00 23.72 ? 158 HIS X O   1 
ATOM   957  C CB  . HIS A 1 120 ? -1.778  10.242  6.802   1.00 21.18 ? 158 HIS X CB  1 
ATOM   958  C CG  . HIS A 1 120 ? -1.720  11.522  6.026   1.00 22.29 ? 158 HIS X CG  1 
ATOM   959  N ND1 . HIS A 1 120 ? -0.565  12.269  5.904   1.00 24.97 ? 158 HIS X ND1 1 
ATOM   960  C CD2 . HIS A 1 120 ? -2.681  12.196  5.341   1.00 22.88 ? 158 HIS X CD2 1 
ATOM   961  C CE1 . HIS A 1 120 ? -0.821  13.354  5.192   1.00 26.77 ? 158 HIS X CE1 1 
ATOM   962  N NE2 . HIS A 1 120 ? -2.093  13.328  4.827   1.00 20.05 ? 158 HIS X NE2 1 
ATOM   963  N N   . GLY A 1 121 ? -3.748  8.593   9.457   1.00 22.71 ? 159 GLY X N   1 
ATOM   964  C CA  . GLY A 1 121 ? -4.303  7.313   9.878   1.00 23.88 ? 159 GLY X CA  1 
ATOM   965  C C   . GLY A 1 121 ? -3.341  6.438   10.676  1.00 24.19 ? 159 GLY X C   1 
ATOM   966  O O   . GLY A 1 121 ? -3.726  5.382   11.165  1.00 24.28 ? 159 GLY X O   1 
ATOM   967  N N   . GLY A 1 122 ? -2.089  6.882   10.803  1.00 20.42 ? 160 GLY X N   1 
ATOM   968  C CA  . GLY A 1 122 ? -1.085  6.174   11.620  1.00 24.54 ? 160 GLY X CA  1 
ATOM   969  C C   . GLY A 1 122 ? -0.889  4.726   11.234  1.00 25.05 ? 160 GLY X C   1 
ATOM   970  O O   . GLY A 1 122 ? -0.823  4.374   10.047  1.00 24.59 ? 160 GLY X O   1 
ATOM   971  N N   . SER A 1 123 ? -0.838  3.880   12.248  1.00 26.26 ? 161 SER X N   1 
ATOM   972  C CA  . SER A 1 123 ? -0.647  2.440   12.054  1.00 30.08 ? 161 SER X CA  1 
ATOM   973  C C   . SER A 1 123 ? -1.785  1.758   11.250  1.00 26.27 ? 161 SER X C   1 
ATOM   974  O O   . SER A 1 123 ? -1.678  0.586   10.879  1.00 25.72 ? 161 SER X O   1 
ATOM   975  C CB  . SER A 1 123 ? -0.400  1.744   13.408  1.00 28.16 ? 161 SER X CB  1 
ATOM   976  O OG  . SER A 1 123 ? -1.626  1.426   14.038  1.00 37.73 ? 161 SER X OG  1 
ATOM   977  N N   . GLY A 1 124 ? -2.857  2.497   10.951  1.00 22.13 ? 162 GLY X N   1 
ATOM   978  C CA  . GLY A 1 124 ? -3.905  1.956   10.068  1.00 17.59 ? 162 GLY X CA  1 
ATOM   979  C C   . GLY A 1 124 ? -3.718  2.244   8.585   1.00 17.71 ? 162 GLY X C   1 
ATOM   980  O O   . GLY A 1 124 ? -4.596  1.918   7.779   1.00 19.79 ? 162 GLY X O   1 
ATOM   981  N N   . ALA A 1 125 ? -2.605  2.867   8.200   1.00 16.46 ? 163 ALA X N   1 
ATOM   982  C CA  . ALA A 1 125 ? -2.416  3.260   6.786   1.00 18.71 ? 163 ALA X CA  1 
ATOM   983  C C   . ALA A 1 125 ? -0.982  3.241   6.408   1.00 17.14 ? 163 ALA X C   1 
ATOM   984  O O   . ALA A 1 125 ? -0.106  3.310   7.286   1.00 20.70 ? 163 ALA X O   1 
ATOM   985  C CB  . ALA A 1 125 ? -2.996  4.674   6.552   1.00 13.34 ? 163 ALA X CB  1 
ATOM   986  N N   . CYS A 1 126 ? -0.685  3.184   5.118   1.00 20.96 ? 164 CYS X N   1 
ATOM   987  C CA  . CYS A 1 126 ? 0.702   3.365   4.715   1.00 17.90 ? 164 CYS X CA  1 
ATOM   988  C C   . CYS A 1 126 ? 0.873   4.290   3.510   1.00 23.13 ? 164 CYS X C   1 
ATOM   989  O O   . CYS A 1 126 ? 0.008   4.362   2.619   1.00 20.93 ? 164 CYS X O   1 
ATOM   990  C CB  . CYS A 1 126 ? 1.417   2.021   4.516   1.00 28.23 ? 164 CYS X CB  1 
ATOM   991  S SG  . CYS A 1 126 ? 0.844   1.122   3.097   1.00 37.56 ? 164 CYS X SG  1 
ATOM   992  N N   . TYR A 1 127 ? 1.985   5.015   3.538   1.00 16.72 ? 165 TYR X N   1 
ATOM   993  C CA  . TYR A 1 127 ? 2.461   5.878   2.467   1.00 18.41 ? 165 TYR X CA  1 
ATOM   994  C C   . TYR A 1 127 ? 3.136   4.987   1.479   1.00 18.27 ? 165 TYR X C   1 
ATOM   995  O O   . TYR A 1 127 ? 3.856   4.072   1.883   1.00 19.69 ? 165 TYR X O   1 
ATOM   996  C CB  . TYR A 1 127 ? 3.563   6.810   2.988   1.00 18.47 ? 165 TYR X CB  1 
ATOM   997  C CG  . TYR A 1 127 ? 3.098   7.837   3.968   1.00 18.63 ? 165 TYR X CG  1 
ATOM   998  C CD1 . TYR A 1 127 ? 1.817   8.364   3.874   1.00 19.51 ? 165 TYR X CD1 1 
ATOM   999  C CD2 . TYR A 1 127 ? 3.942   8.312   4.977   1.00 18.61 ? 165 TYR X CD2 1 
ATOM   1000 C CE1 . TYR A 1 127 ? 1.371   9.317   4.740   1.00 22.23 ? 165 TYR X CE1 1 
ATOM   1001 C CE2 . TYR A 1 127 ? 3.497   9.278   5.862   1.00 24.04 ? 165 TYR X CE2 1 
ATOM   1002 C CZ  . TYR A 1 127 ? 2.204   9.772   5.725   1.00 23.57 ? 165 TYR X CZ  1 
ATOM   1003 O OH  . TYR A 1 127 ? 1.713   10.725  6.562   1.00 28.06 ? 165 TYR X OH  1 
ATOM   1004 N N   . VAL A 1 128 ? 2.982   5.286   0.199   1.00 22.61 ? 166 VAL X N   1 
ATOM   1005 C CA  . VAL A 1 128 ? 3.632   4.517   -0.834  1.00 20.09 ? 166 VAL X CA  1 
ATOM   1006 C C   . VAL A 1 128 ? 4.329   5.493   -1.800  1.00 26.73 ? 166 VAL X C   1 
ATOM   1007 O O   . VAL A 1 128 ? 3.714   6.464   -2.266  1.00 23.03 ? 166 VAL X O   1 
ATOM   1008 C CB  . VAL A 1 128 ? 2.596   3.619   -1.608  1.00 22.55 ? 166 VAL X CB  1 
ATOM   1009 C CG1 . VAL A 1 128 ? 3.284   2.719   -2.645  1.00 18.86 ? 166 VAL X CG1 1 
ATOM   1010 C CG2 . VAL A 1 128 ? 1.723   2.814   -0.654  1.00 22.13 ? 166 VAL X CG2 1 
ATOM   1011 N N   . ALA A 1 129 ? 5.607   5.235   -2.096  1.00 21.22 ? 167 ALA X N   1 
ATOM   1012 C CA  . ALA A 1 129 ? 6.329   6.027   -3.094  1.00 23.05 ? 167 ALA X CA  1 
ATOM   1013 C C   . ALA A 1 129 ? 6.215   5.357   -4.462  1.00 22.10 ? 167 ALA X C   1 
ATOM   1014 O O   . ALA A 1 129 ? 6.487   4.166   -4.601  1.00 22.56 ? 167 ALA X O   1 
ATOM   1015 C CB  . ALA A 1 129 ? 7.795   6.231   -2.702  1.00 20.39 ? 167 ALA X CB  1 
ATOM   1016 N N   . LEU A 1 130 ? 5.821   6.145   -5.454  1.00 16.14 ? 168 LEU X N   1 
ATOM   1017 C CA  . LEU A 1 130 ? 5.607   5.652   -6.806  1.00 19.63 ? 168 LEU X CA  1 
ATOM   1018 C C   . LEU A 1 130 ? 6.607   6.320   -7.759  1.00 20.14 ? 168 LEU X C   1 
ATOM   1019 O O   . LEU A 1 130 ? 6.815   7.533   -7.688  1.00 23.06 ? 168 LEU X O   1 
ATOM   1020 C CB  . LEU A 1 130 ? 4.166   5.965   -7.246  1.00 16.97 ? 168 LEU X CB  1 
ATOM   1021 C CG  . LEU A 1 130 ? 3.003   4.968   -7.114  1.00 20.76 ? 168 LEU X CG  1 
ATOM   1022 C CD1 . LEU A 1 130 ? 3.113   3.937   -6.048  1.00 18.77 ? 168 LEU X CD1 1 
ATOM   1023 C CD2 . LEU A 1 130 ? 1.713   5.683   -6.952  1.00 18.35 ? 168 LEU X CD2 1 
ATOM   1024 N N   . ARG A 1 131 ? 7.227   5.531   -8.628  1.00 23.26 ? 169 ARG X N   1 
ATOM   1025 C CA  . ARG A 1 131 ? 8.135   6.040   -9.686  1.00 29.29 ? 169 ARG X CA  1 
ATOM   1026 C C   . ARG A 1 131 ? 7.320   6.868   -10.693 1.00 32.72 ? 169 ARG X C   1 
ATOM   1027 O O   . ARG A 1 131 ? 6.238   6.459   -11.109 1.00 28.11 ? 169 ARG X O   1 
ATOM   1028 C CB  . ARG A 1 131 ? 8.808   4.860   -10.381 1.00 24.70 ? 169 ARG X CB  1 
ATOM   1029 C CG  . ARG A 1 131 ? 9.881   5.182   -11.389 1.00 35.58 ? 169 ARG X CG  1 
ATOM   1030 C CD  . ARG A 1 131 ? 9.897   4.058   -12.441 1.00 39.42 ? 169 ARG X CD  1 
ATOM   1031 N NE  . ARG A 1 131 ? 10.830  3.005   -12.076 1.00 34.80 ? 169 ARG X NE  1 
ATOM   1032 C CZ  . ARG A 1 131 ? 10.726  1.718   -12.397 1.00 35.29 ? 169 ARG X CZ  1 
ATOM   1033 N NH1 . ARG A 1 131 ? 9.692   1.240   -13.086 1.00 29.67 ? 169 ARG X NH1 1 
ATOM   1034 N NH2 . ARG A 1 131 ? 11.675  0.889   -11.989 1.00 38.44 ? 169 ARG X NH2 1 
ATOM   1035 N N   . LYS A 1 132 ? 7.816   8.051   -11.046 1.00 28.05 ? 170 LYS X N   1 
ATOM   1036 C CA  . LYS A 1 132 ? 7.104   8.933   -11.966 1.00 30.67 ? 170 LYS X CA  1 
ATOM   1037 C C   . LYS A 1 132 ? 7.326   8.517   -13.437 1.00 37.99 ? 170 LYS X C   1 
ATOM   1038 O O   . LYS A 1 132 ? 8.414   8.708   -14.000 1.00 42.18 ? 170 LYS X O   1 
ATOM   1039 C CB  . LYS A 1 132 ? 7.537   10.382  -11.729 1.00 38.99 ? 170 LYS X CB  1 
ATOM   1040 C CG  . LYS A 1 132 ? 6.904   11.391  -12.671 1.00 38.10 ? 170 LYS X CG  1 
ATOM   1041 C CD  . LYS A 1 132 ? 5.543   11.822  -12.184 1.00 31.37 ? 170 LYS X CD  1 
ATOM   1042 C CE  . LYS A 1 132 ? 5.027   12.952  -13.036 1.00 39.83 ? 170 LYS X CE  1 
ATOM   1043 N NZ  . LYS A 1 132 ? 4.182   13.873  -12.208 1.00 40.51 ? 170 LYS X NZ  1 
HETATM 1044 O O   . HOH B 2 .   ? -0.797  -17.820 -5.282  1.00 31.80 ? 1   HOH X O   1 
HETATM 1045 O O   . HOH B 2 .   ? 4.445   -0.915  -11.629 1.00 24.15 ? 2   HOH X O   1 
HETATM 1046 O O   . HOH B 2 .   ? 0.634   0.762   7.727   1.00 24.42 ? 3   HOH X O   1 
HETATM 1047 O O   . HOH B 2 .   ? 6.209   -0.178  -15.205 1.00 20.90 ? 4   HOH X O   1 
HETATM 1048 O O   . HOH B 2 .   ? -12.250 -12.390 -0.076  1.00 28.04 ? 5   HOH X O   1 
HETATM 1049 O O   . HOH B 2 .   ? 2.778   -10.207 3.675   1.00 26.05 ? 6   HOH X O   1 
HETATM 1050 O O   . HOH B 2 .   ? -0.617  -2.013  12.639  1.00 37.61 ? 12  HOH X O   1 
HETATM 1051 O O   . HOH B 2 .   ? 12.900  4.797   -8.949  1.00 32.90 ? 13  HOH X O   1 
HETATM 1052 O O   . HOH B 2 .   ? 13.324  -3.499  2.083   1.00 30.00 ? 176 HOH X O   1 
HETATM 1053 O O   . HOH B 2 .   ? -11.289 4.264   -1.859  1.00 30.00 ? 177 HOH X O   1 
HETATM 1054 O O   . HOH B 2 .   ? 15.935  0.597   -8.560  1.00 30.00 ? 178 HOH X O   1 
HETATM 1055 O O   . HOH B 2 .   ? -10.284 9.296   1.541   1.00 30.00 ? 179 HOH X O   1 
HETATM 1056 O O   . HOH B 2 .   ? 7.115   3.751   -15.463 1.00 30.00 ? 180 HOH X O   1 
HETATM 1057 O O   . HOH B 2 .   ? 3.972   14.944  -3.450  1.00 30.00 ? 181 HOH X O   1 
HETATM 1058 O O   . HOH B 2 .   ? -4.554  -18.829 -2.322  1.00 30.00 ? 182 HOH X O   1 
HETATM 1059 O O   . HOH B 2 .   ? -10.236 -5.954  11.870  1.00 30.00 ? 183 HOH X O   1 
HETATM 1060 O O   . HOH B 2 .   ? -14.372 1.228   1.419   1.00 30.00 ? 184 HOH X O   1 
HETATM 1061 O O   . HOH B 2 .   ? -1.967  -16.082 -6.374  1.00 30.00 ? 185 HOH X O   1 
HETATM 1062 O O   . HOH B 2 .   ? 7.887   3.679   9.696   1.00 30.00 ? 186 HOH X O   1 
HETATM 1063 O O   . HOH B 2 .   ? -10.223 -6.032  15.003  1.00 30.00 ? 187 HOH X O   1 
HETATM 1064 O O   . HOH B 2 .   ? 7.848   3.001   12.096  1.00 30.00 ? 188 HOH X O   1 
# 
